data_3C19
# 
_entry.id   3C19 
# 
_audit_conform.dict_name       mmcif_pdbx.dic 
_audit_conform.dict_version    5.387 
_audit_conform.dict_location   http://mmcif.pdb.org/dictionaries/ascii/mmcif_pdbx.dic 
# 
loop_
_database_2.database_id 
_database_2.database_code 
_database_2.pdbx_database_accession 
_database_2.pdbx_DOI 
PDB   3C19         pdb_00003c19 10.2210/pdb3c19/pdb 
RCSB  RCSB046214   ?            ?                   
WWPDB D_1000046214 ?            ?                   
# 
loop_
_pdbx_audit_revision_history.ordinal 
_pdbx_audit_revision_history.data_content_type 
_pdbx_audit_revision_history.major_revision 
_pdbx_audit_revision_history.minor_revision 
_pdbx_audit_revision_history.revision_date 
1 'Structure model' 1 0 2008-02-05 
2 'Structure model' 1 1 2011-07-13 
3 'Structure model' 1 2 2017-10-25 
4 'Structure model' 1 3 2018-11-14 
5 'Structure model' 1 4 2021-02-03 
6 'Structure model' 1 5 2024-02-21 
# 
_pdbx_audit_revision_details.ordinal             1 
_pdbx_audit_revision_details.revision_ordinal    1 
_pdbx_audit_revision_details.data_content_type   'Structure model' 
_pdbx_audit_revision_details.provider            repository 
_pdbx_audit_revision_details.type                'Initial release' 
_pdbx_audit_revision_details.description         ? 
_pdbx_audit_revision_details.details             ? 
# 
loop_
_pdbx_audit_revision_group.ordinal 
_pdbx_audit_revision_group.revision_ordinal 
_pdbx_audit_revision_group.data_content_type 
_pdbx_audit_revision_group.group 
1  2 'Structure model' 'Non-polymer description'   
2  2 'Structure model' 'Version format compliance' 
3  3 'Structure model' 'Refinement description'    
4  4 'Structure model' 'Data collection'           
5  4 'Structure model' 'Structure summary'         
6  5 'Structure model' 'Database references'       
7  5 'Structure model' 'Derived calculations'      
8  5 'Structure model' 'Structure summary'         
9  6 'Structure model' 'Data collection'           
10 6 'Structure model' 'Database references'       
# 
loop_
_pdbx_audit_revision_category.ordinal 
_pdbx_audit_revision_category.revision_ordinal 
_pdbx_audit_revision_category.data_content_type 
_pdbx_audit_revision_category.category 
1 3 'Structure model' software           
2 4 'Structure model' audit_author       
3 5 'Structure model' audit_author       
4 5 'Structure model' citation_author    
5 5 'Structure model' struct_ref_seq_dif 
6 5 'Structure model' struct_site        
7 6 'Structure model' chem_comp_atom     
8 6 'Structure model' chem_comp_bond     
9 6 'Structure model' database_2         
# 
loop_
_pdbx_audit_revision_item.ordinal 
_pdbx_audit_revision_item.revision_ordinal 
_pdbx_audit_revision_item.data_content_type 
_pdbx_audit_revision_item.item 
1  3 'Structure model' '_software.name'                      
2  4 'Structure model' '_audit_author.identifier_ORCID'      
3  5 'Structure model' '_audit_author.identifier_ORCID'      
4  5 'Structure model' '_citation_author.identifier_ORCID'   
5  5 'Structure model' '_struct_ref_seq_dif.details'         
6  5 'Structure model' '_struct_site.pdbx_auth_asym_id'      
7  5 'Structure model' '_struct_site.pdbx_auth_comp_id'      
8  5 'Structure model' '_struct_site.pdbx_auth_seq_id'       
9  6 'Structure model' '_database_2.pdbx_DOI'                
10 6 'Structure model' '_database_2.pdbx_database_accession' 
# 
_pdbx_database_status.status_code                     REL 
_pdbx_database_status.entry_id                        3C19 
_pdbx_database_status.recvd_initial_deposition_date   2008-01-22 
_pdbx_database_status.deposit_site                    RCSB 
_pdbx_database_status.process_site                    RCSB 
_pdbx_database_status.status_code_sf                  REL 
_pdbx_database_status.status_code_mr                  ? 
_pdbx_database_status.SG_entry                        Y 
_pdbx_database_status.pdb_format_compatible           Y 
_pdbx_database_status.status_code_cs                  ? 
_pdbx_database_status.methods_development_category    ? 
_pdbx_database_status.status_code_nmr_data            ? 
# 
_pdbx_database_related.db_name        TargetDB 
_pdbx_database_related.db_id          NYSGXRC-10070i 
_pdbx_database_related.details        . 
_pdbx_database_related.content_type   unspecified 
# 
loop_
_audit_author.name 
_audit_author.pdbx_ordinal 
_audit_author.identifier_ORCID 
'Patskovsky, Y.'                                                 1  ?                   
'Romero, R.'                                                     2  ?                   
'Bonanno, J.B.'                                                  3  ?                   
'Malashkevich, V.'                                               4  ?                   
'Dickey, M.'                                                     5  ?                   
'Chang, S.'                                                      6  ?                   
'Koss, J.'                                                       7  ?                   
'Bain, K.'                                                       8  ?                   
'Wasserman, S.R.'                                                9  ?                   
'Sauder, J.M.'                                                   10 0000-0002-0254-4955 
'Burley, S.K.'                                                   11 0000-0002-2487-9713 
'Almo, S.C.'                                                     12 ?                   
'New York SGX Research Center for Structural Genomics (NYSGXRC)' 13 ?                   
# 
_citation.id                        primary 
_citation.title                     'Crystal structure of protein MK0293 from Methanopyrus kandleri AV19.' 
_citation.journal_abbrev            'To be Published' 
_citation.journal_volume            ? 
_citation.page_first                ? 
_citation.page_last                 ? 
_citation.year                      ? 
_citation.journal_id_ASTM           ? 
_citation.country                   ? 
_citation.journal_id_ISSN           ? 
_citation.journal_id_CSD            0353 
_citation.book_publisher            ? 
_citation.pdbx_database_id_PubMed   ? 
_citation.pdbx_database_id_DOI      ? 
# 
loop_
_citation_author.citation_id 
_citation_author.name 
_citation_author.ordinal 
_citation_author.identifier_ORCID 
primary 'Patskovsky, Y.'   1  ?                   
primary 'Romero, R.'       2  ?                   
primary 'Bonanno, J.B.'    3  ?                   
primary 'Malashkevich, V.' 4  ?                   
primary 'Dickey, M.'       5  ?                   
primary 'Chang, S.'        6  ?                   
primary 'Koss, J.'         7  ?                   
primary 'Bain, K.'         8  ?                   
primary 'Wasserman, S.R.'  9  ?                   
primary 'Sauder, J.M.'     10 ?                   
primary 'Burley, S.K.'     11 0000-0002-2487-9713 
primary 'Almo, S.C.'       12 ?                   
# 
loop_
_entity.id 
_entity.type 
_entity.src_method 
_entity.pdbx_description 
_entity.formula_weight 
_entity.pdbx_number_of_molecules 
_entity.pdbx_ec 
_entity.pdbx_mutation 
_entity.pdbx_fragment 
_entity.details 
1 polymer     man 'Uncharacterized protein MK0293' 20791.396 1  ? ? ? ? 
2 non-polymer syn 'PHOSPHATE ION'                  94.971    1  ? ? ? ? 
3 non-polymer syn GLYCEROL                         92.094    1  ? ? ? ? 
4 water       nat water                            18.015    12 ? ? ? ? 
# 
_entity_poly.entity_id                      1 
_entity_poly.type                           'polypeptide(L)' 
_entity_poly.nstd_linkage                   no 
_entity_poly.nstd_monomer                   no 
_entity_poly.pdbx_seq_one_letter_code       
;MSLGLDYEPSHLMFLVTVLDDRDGEVLGDAIQKLIEREEVLACHAVPCVTKKNRPGHVLVVLVDGGEDPDRVAEDVARDI
MVLTGSTGVDRFDADGVYSVPSRFEDVRVVYGEREWRVSVKIAETEEGEVVTVKAEFDECREIGEETGIPPREVKAMVEA
AARVGGWVDLKEREIKVQEGHHHHHH
;
_entity_poly.pdbx_seq_one_letter_code_can   
;MSLGLDYEPSHLMFLVTVLDDRDGEVLGDAIQKLIEREEVLACHAVPCVTKKNRPGHVLVVLVDGGEDPDRVAEDVARDI
MVLTGSTGVDRFDADGVYSVPSRFEDVRVVYGEREWRVSVKIAETEEGEVVTVKAEFDECREIGEETGIPPREVKAMVEA
AARVGGWVDLKEREIKVQEGHHHHHH
;
_entity_poly.pdbx_strand_id                 A 
_entity_poly.pdbx_target_identifier         NYSGXRC-10070i 
# 
loop_
_pdbx_entity_nonpoly.entity_id 
_pdbx_entity_nonpoly.name 
_pdbx_entity_nonpoly.comp_id 
2 'PHOSPHATE ION' PO4 
3 GLYCEROL        GOL 
4 water           HOH 
# 
loop_
_entity_poly_seq.entity_id 
_entity_poly_seq.num 
_entity_poly_seq.mon_id 
_entity_poly_seq.hetero 
1 1   MET n 
1 2   SER n 
1 3   LEU n 
1 4   GLY n 
1 5   LEU n 
1 6   ASP n 
1 7   TYR n 
1 8   GLU n 
1 9   PRO n 
1 10  SER n 
1 11  HIS n 
1 12  LEU n 
1 13  MET n 
1 14  PHE n 
1 15  LEU n 
1 16  VAL n 
1 17  THR n 
1 18  VAL n 
1 19  LEU n 
1 20  ASP n 
1 21  ASP n 
1 22  ARG n 
1 23  ASP n 
1 24  GLY n 
1 25  GLU n 
1 26  VAL n 
1 27  LEU n 
1 28  GLY n 
1 29  ASP n 
1 30  ALA n 
1 31  ILE n 
1 32  GLN n 
1 33  LYS n 
1 34  LEU n 
1 35  ILE n 
1 36  GLU n 
1 37  ARG n 
1 38  GLU n 
1 39  GLU n 
1 40  VAL n 
1 41  LEU n 
1 42  ALA n 
1 43  CYS n 
1 44  HIS n 
1 45  ALA n 
1 46  VAL n 
1 47  PRO n 
1 48  CYS n 
1 49  VAL n 
1 50  THR n 
1 51  LYS n 
1 52  LYS n 
1 53  ASN n 
1 54  ARG n 
1 55  PRO n 
1 56  GLY n 
1 57  HIS n 
1 58  VAL n 
1 59  LEU n 
1 60  VAL n 
1 61  VAL n 
1 62  LEU n 
1 63  VAL n 
1 64  ASP n 
1 65  GLY n 
1 66  GLY n 
1 67  GLU n 
1 68  ASP n 
1 69  PRO n 
1 70  ASP n 
1 71  ARG n 
1 72  VAL n 
1 73  ALA n 
1 74  GLU n 
1 75  ASP n 
1 76  VAL n 
1 77  ALA n 
1 78  ARG n 
1 79  ASP n 
1 80  ILE n 
1 81  MET n 
1 82  VAL n 
1 83  LEU n 
1 84  THR n 
1 85  GLY n 
1 86  SER n 
1 87  THR n 
1 88  GLY n 
1 89  VAL n 
1 90  ASP n 
1 91  ARG n 
1 92  PHE n 
1 93  ASP n 
1 94  ALA n 
1 95  ASP n 
1 96  GLY n 
1 97  VAL n 
1 98  TYR n 
1 99  SER n 
1 100 VAL n 
1 101 PRO n 
1 102 SER n 
1 103 ARG n 
1 104 PHE n 
1 105 GLU n 
1 106 ASP n 
1 107 VAL n 
1 108 ARG n 
1 109 VAL n 
1 110 VAL n 
1 111 TYR n 
1 112 GLY n 
1 113 GLU n 
1 114 ARG n 
1 115 GLU n 
1 116 TRP n 
1 117 ARG n 
1 118 VAL n 
1 119 SER n 
1 120 VAL n 
1 121 LYS n 
1 122 ILE n 
1 123 ALA n 
1 124 GLU n 
1 125 THR n 
1 126 GLU n 
1 127 GLU n 
1 128 GLY n 
1 129 GLU n 
1 130 VAL n 
1 131 VAL n 
1 132 THR n 
1 133 VAL n 
1 134 LYS n 
1 135 ALA n 
1 136 GLU n 
1 137 PHE n 
1 138 ASP n 
1 139 GLU n 
1 140 CYS n 
1 141 ARG n 
1 142 GLU n 
1 143 ILE n 
1 144 GLY n 
1 145 GLU n 
1 146 GLU n 
1 147 THR n 
1 148 GLY n 
1 149 ILE n 
1 150 PRO n 
1 151 PRO n 
1 152 ARG n 
1 153 GLU n 
1 154 VAL n 
1 155 LYS n 
1 156 ALA n 
1 157 MET n 
1 158 VAL n 
1 159 GLU n 
1 160 ALA n 
1 161 ALA n 
1 162 ALA n 
1 163 ARG n 
1 164 VAL n 
1 165 GLY n 
1 166 GLY n 
1 167 TRP n 
1 168 VAL n 
1 169 ASP n 
1 170 LEU n 
1 171 LYS n 
1 172 GLU n 
1 173 ARG n 
1 174 GLU n 
1 175 ILE n 
1 176 LYS n 
1 177 VAL n 
1 178 GLN n 
1 179 GLU n 
1 180 GLY n 
1 181 HIS n 
1 182 HIS n 
1 183 HIS n 
1 184 HIS n 
1 185 HIS n 
1 186 HIS n 
# 
_entity_src_gen.entity_id                          1 
_entity_src_gen.pdbx_src_id                        1 
_entity_src_gen.pdbx_alt_source_flag               sample 
_entity_src_gen.pdbx_seq_type                      ? 
_entity_src_gen.pdbx_beg_seq_num                   ? 
_entity_src_gen.pdbx_end_seq_num                   ? 
_entity_src_gen.gene_src_common_name               ? 
_entity_src_gen.gene_src_genus                     Methanopyrus 
_entity_src_gen.pdbx_gene_src_gene                 MK0293 
_entity_src_gen.gene_src_species                   'Methanopyrus kandleri' 
_entity_src_gen.gene_src_strain                    'AV19 / DSM 6324 / JCM 9639 / NBRC 100938' 
_entity_src_gen.gene_src_tissue                    ? 
_entity_src_gen.gene_src_tissue_fraction           ? 
_entity_src_gen.gene_src_details                   ? 
_entity_src_gen.pdbx_gene_src_fragment             ? 
_entity_src_gen.pdbx_gene_src_scientific_name      'Methanopyrus kandleri AV19' 
_entity_src_gen.pdbx_gene_src_ncbi_taxonomy_id     190192 
_entity_src_gen.pdbx_gene_src_variant              ? 
_entity_src_gen.pdbx_gene_src_cell_line            ? 
_entity_src_gen.pdbx_gene_src_atcc                 ? 
_entity_src_gen.pdbx_gene_src_organ                ? 
_entity_src_gen.pdbx_gene_src_organelle            ? 
_entity_src_gen.pdbx_gene_src_cell                 ? 
_entity_src_gen.pdbx_gene_src_cellular_location    ? 
_entity_src_gen.host_org_common_name               ? 
_entity_src_gen.pdbx_host_org_scientific_name      'Escherichia coli' 
_entity_src_gen.pdbx_host_org_ncbi_taxonomy_id     562 
_entity_src_gen.host_org_genus                     Escherichia 
_entity_src_gen.pdbx_host_org_gene                 ? 
_entity_src_gen.pdbx_host_org_organ                ? 
_entity_src_gen.host_org_species                   ? 
_entity_src_gen.pdbx_host_org_tissue               ? 
_entity_src_gen.pdbx_host_org_tissue_fraction      ? 
_entity_src_gen.pdbx_host_org_strain               ? 
_entity_src_gen.pdbx_host_org_variant              ? 
_entity_src_gen.pdbx_host_org_cell_line            ? 
_entity_src_gen.pdbx_host_org_atcc                 ? 
_entity_src_gen.pdbx_host_org_culture_collection   ? 
_entity_src_gen.pdbx_host_org_cell                 ? 
_entity_src_gen.pdbx_host_org_organelle            ? 
_entity_src_gen.pdbx_host_org_cellular_location    ? 
_entity_src_gen.pdbx_host_org_vector_type          Plasmid 
_entity_src_gen.pdbx_host_org_vector               pET 
_entity_src_gen.host_org_details                   ? 
_entity_src_gen.expression_system_id               ? 
_entity_src_gen.plasmid_name                       'BC-pSGX3(BC)' 
_entity_src_gen.plasmid_details                    ? 
_entity_src_gen.pdbx_description                   ? 
# 
loop_
_chem_comp.id 
_chem_comp.type 
_chem_comp.mon_nstd_flag 
_chem_comp.name 
_chem_comp.pdbx_synonyms 
_chem_comp.formula 
_chem_comp.formula_weight 
ALA 'L-peptide linking' y ALANINE         ?                               'C3 H7 N O2'     89.093  
ARG 'L-peptide linking' y ARGININE        ?                               'C6 H15 N4 O2 1' 175.209 
ASN 'L-peptide linking' y ASPARAGINE      ?                               'C4 H8 N2 O3'    132.118 
ASP 'L-peptide linking' y 'ASPARTIC ACID' ?                               'C4 H7 N O4'     133.103 
CYS 'L-peptide linking' y CYSTEINE        ?                               'C3 H7 N O2 S'   121.158 
GLN 'L-peptide linking' y GLUTAMINE       ?                               'C5 H10 N2 O3'   146.144 
GLU 'L-peptide linking' y 'GLUTAMIC ACID' ?                               'C5 H9 N O4'     147.129 
GLY 'peptide linking'   y GLYCINE         ?                               'C2 H5 N O2'     75.067  
GOL non-polymer         . GLYCEROL        'GLYCERIN; PROPANE-1,2,3-TRIOL' 'C3 H8 O3'       92.094  
HIS 'L-peptide linking' y HISTIDINE       ?                               'C6 H10 N3 O2 1' 156.162 
HOH non-polymer         . WATER           ?                               'H2 O'           18.015  
ILE 'L-peptide linking' y ISOLEUCINE      ?                               'C6 H13 N O2'    131.173 
LEU 'L-peptide linking' y LEUCINE         ?                               'C6 H13 N O2'    131.173 
LYS 'L-peptide linking' y LYSINE          ?                               'C6 H15 N2 O2 1' 147.195 
MET 'L-peptide linking' y METHIONINE      ?                               'C5 H11 N O2 S'  149.211 
PHE 'L-peptide linking' y PHENYLALANINE   ?                               'C9 H11 N O2'    165.189 
PO4 non-polymer         . 'PHOSPHATE ION' ?                               'O4 P -3'        94.971  
PRO 'L-peptide linking' y PROLINE         ?                               'C5 H9 N O2'     115.130 
SER 'L-peptide linking' y SERINE          ?                               'C3 H7 N O3'     105.093 
THR 'L-peptide linking' y THREONINE       ?                               'C4 H9 N O3'     119.119 
TRP 'L-peptide linking' y TRYPTOPHAN      ?                               'C11 H12 N2 O2'  204.225 
TYR 'L-peptide linking' y TYROSINE        ?                               'C9 H11 N O3'    181.189 
VAL 'L-peptide linking' y VALINE          ?                               'C5 H11 N O2'    117.146 
# 
loop_
_pdbx_poly_seq_scheme.asym_id 
_pdbx_poly_seq_scheme.entity_id 
_pdbx_poly_seq_scheme.seq_id 
_pdbx_poly_seq_scheme.mon_id 
_pdbx_poly_seq_scheme.ndb_seq_num 
_pdbx_poly_seq_scheme.pdb_seq_num 
_pdbx_poly_seq_scheme.auth_seq_num 
_pdbx_poly_seq_scheme.pdb_mon_id 
_pdbx_poly_seq_scheme.auth_mon_id 
_pdbx_poly_seq_scheme.pdb_strand_id 
_pdbx_poly_seq_scheme.pdb_ins_code 
_pdbx_poly_seq_scheme.hetero 
A 1 1   MET 1   -1  ?   ?   ?   A . n 
A 1 2   SER 2   0   0   SER SER A . n 
A 1 3   LEU 3   1   1   LEU LEU A . n 
A 1 4   GLY 4   2   2   GLY GLY A . n 
A 1 5   LEU 5   3   3   LEU LEU A . n 
A 1 6   ASP 6   4   4   ASP ASP A . n 
A 1 7   TYR 7   5   5   TYR TYR A . n 
A 1 8   GLU 8   6   6   GLU GLU A . n 
A 1 9   PRO 9   7   7   PRO PRO A . n 
A 1 10  SER 10  8   8   SER SER A . n 
A 1 11  HIS 11  9   9   HIS HIS A . n 
A 1 12  LEU 12  10  10  LEU LEU A . n 
A 1 13  MET 13  11  11  MET MET A . n 
A 1 14  PHE 14  12  12  PHE PHE A . n 
A 1 15  LEU 15  13  13  LEU LEU A . n 
A 1 16  VAL 16  14  14  VAL VAL A . n 
A 1 17  THR 17  15  15  THR THR A . n 
A 1 18  VAL 18  16  16  VAL VAL A . n 
A 1 19  LEU 19  17  17  LEU LEU A . n 
A 1 20  ASP 20  18  18  ASP ASP A . n 
A 1 21  ASP 21  19  19  ASP ASP A . n 
A 1 22  ARG 22  20  20  ARG ARG A . n 
A 1 23  ASP 23  21  21  ASP ASP A . n 
A 1 24  GLY 24  22  22  GLY GLY A . n 
A 1 25  GLU 25  23  23  GLU GLU A . n 
A 1 26  VAL 26  24  24  VAL VAL A . n 
A 1 27  LEU 27  25  25  LEU LEU A . n 
A 1 28  GLY 28  26  26  GLY GLY A . n 
A 1 29  ASP 29  27  27  ASP ASP A . n 
A 1 30  ALA 30  28  28  ALA ALA A . n 
A 1 31  ILE 31  29  29  ILE ILE A . n 
A 1 32  GLN 32  30  30  GLN GLN A . n 
A 1 33  LYS 33  31  31  LYS LYS A . n 
A 1 34  LEU 34  32  32  LEU LEU A . n 
A 1 35  ILE 35  33  33  ILE ILE A . n 
A 1 36  GLU 36  34  34  GLU GLU A . n 
A 1 37  ARG 37  35  35  ARG ARG A . n 
A 1 38  GLU 38  36  36  GLU GLU A . n 
A 1 39  GLU 39  37  37  GLU GLU A . n 
A 1 40  VAL 40  38  38  VAL VAL A . n 
A 1 41  LEU 41  39  39  LEU LEU A . n 
A 1 42  ALA 42  40  40  ALA ALA A . n 
A 1 43  CYS 43  41  41  CYS CYS A . n 
A 1 44  HIS 44  42  42  HIS HIS A . n 
A 1 45  ALA 45  43  43  ALA ALA A . n 
A 1 46  VAL 46  44  44  VAL VAL A . n 
A 1 47  PRO 47  45  45  PRO PRO A . n 
A 1 48  CYS 48  46  46  CYS CYS A . n 
A 1 49  VAL 49  47  47  VAL VAL A . n 
A 1 50  THR 50  48  48  THR THR A . n 
A 1 51  LYS 51  49  49  LYS LYS A . n 
A 1 52  LYS 52  50  50  LYS LYS A . n 
A 1 53  ASN 53  51  51  ASN ASN A . n 
A 1 54  ARG 54  52  52  ARG ARG A . n 
A 1 55  PRO 55  53  53  PRO PRO A . n 
A 1 56  GLY 56  54  54  GLY GLY A . n 
A 1 57  HIS 57  55  55  HIS HIS A . n 
A 1 58  VAL 58  56  56  VAL VAL A . n 
A 1 59  LEU 59  57  57  LEU LEU A . n 
A 1 60  VAL 60  58  58  VAL VAL A . n 
A 1 61  VAL 61  59  59  VAL VAL A . n 
A 1 62  LEU 62  60  60  LEU LEU A . n 
A 1 63  VAL 63  61  61  VAL VAL A . n 
A 1 64  ASP 64  62  62  ASP ASP A . n 
A 1 65  GLY 65  63  63  GLY GLY A . n 
A 1 66  GLY 66  64  64  GLY GLY A . n 
A 1 67  GLU 67  65  65  GLU GLU A . n 
A 1 68  ASP 68  66  66  ASP ASP A . n 
A 1 69  PRO 69  67  67  PRO PRO A . n 
A 1 70  ASP 70  68  68  ASP ASP A . n 
A 1 71  ARG 71  69  69  ARG ARG A . n 
A 1 72  VAL 72  70  70  VAL VAL A . n 
A 1 73  ALA 73  71  71  ALA ALA A . n 
A 1 74  GLU 74  72  72  GLU GLU A . n 
A 1 75  ASP 75  73  73  ASP ASP A . n 
A 1 76  VAL 76  74  74  VAL VAL A . n 
A 1 77  ALA 77  75  75  ALA ALA A . n 
A 1 78  ARG 78  76  76  ARG ARG A . n 
A 1 79  ASP 79  77  77  ASP ASP A . n 
A 1 80  ILE 80  78  78  ILE ILE A . n 
A 1 81  MET 81  79  79  MET MET A . n 
A 1 82  VAL 82  80  80  VAL VAL A . n 
A 1 83  LEU 83  81  81  LEU LEU A . n 
A 1 84  THR 84  82  82  THR THR A . n 
A 1 85  GLY 85  83  83  GLY GLY A . n 
A 1 86  SER 86  84  84  SER SER A . n 
A 1 87  THR 87  85  85  THR THR A . n 
A 1 88  GLY 88  86  86  GLY GLY A . n 
A 1 89  VAL 89  87  87  VAL VAL A . n 
A 1 90  ASP 90  88  88  ASP ASP A . n 
A 1 91  ARG 91  89  89  ARG ARG A . n 
A 1 92  PHE 92  90  90  PHE PHE A . n 
A 1 93  ASP 93  91  91  ASP ASP A . n 
A 1 94  ALA 94  92  92  ALA ALA A . n 
A 1 95  ASP 95  93  93  ASP ASP A . n 
A 1 96  GLY 96  94  94  GLY GLY A . n 
A 1 97  VAL 97  95  95  VAL VAL A . n 
A 1 98  TYR 98  96  96  TYR TYR A . n 
A 1 99  SER 99  97  97  SER SER A . n 
A 1 100 VAL 100 98  98  VAL VAL A . n 
A 1 101 PRO 101 99  99  PRO PRO A . n 
A 1 102 SER 102 100 100 SER SER A . n 
A 1 103 ARG 103 101 101 ARG ARG A . n 
A 1 104 PHE 104 102 102 PHE PHE A . n 
A 1 105 GLU 105 103 103 GLU GLU A . n 
A 1 106 ASP 106 104 104 ASP ASP A . n 
A 1 107 VAL 107 105 105 VAL VAL A . n 
A 1 108 ARG 108 106 106 ARG ARG A . n 
A 1 109 VAL 109 107 107 VAL VAL A . n 
A 1 110 VAL 110 108 108 VAL VAL A . n 
A 1 111 TYR 111 109 109 TYR TYR A . n 
A 1 112 GLY 112 110 110 GLY GLY A . n 
A 1 113 GLU 113 111 111 GLU GLU A . n 
A 1 114 ARG 114 112 112 ARG ARG A . n 
A 1 115 GLU 115 113 113 GLU GLU A . n 
A 1 116 TRP 116 114 114 TRP TRP A . n 
A 1 117 ARG 117 115 115 ARG ARG A . n 
A 1 118 VAL 118 116 116 VAL VAL A . n 
A 1 119 SER 119 117 117 SER SER A . n 
A 1 120 VAL 120 118 118 VAL VAL A . n 
A 1 121 LYS 121 119 119 LYS LYS A . n 
A 1 122 ILE 122 120 120 ILE ILE A . n 
A 1 123 ALA 123 121 121 ALA ALA A . n 
A 1 124 GLU 124 122 122 GLU GLU A . n 
A 1 125 THR 125 123 123 THR THR A . n 
A 1 126 GLU 126 124 124 GLU GLU A . n 
A 1 127 GLU 127 125 125 GLU GLU A . n 
A 1 128 GLY 128 126 126 GLY GLY A . n 
A 1 129 GLU 129 127 127 GLU GLU A . n 
A 1 130 VAL 130 128 128 VAL VAL A . n 
A 1 131 VAL 131 129 129 VAL VAL A . n 
A 1 132 THR 132 130 130 THR THR A . n 
A 1 133 VAL 133 131 131 VAL VAL A . n 
A 1 134 LYS 134 132 132 LYS LYS A . n 
A 1 135 ALA 135 133 133 ALA ALA A . n 
A 1 136 GLU 136 134 134 GLU GLU A . n 
A 1 137 PHE 137 135 135 PHE PHE A . n 
A 1 138 ASP 138 136 136 ASP ASP A . n 
A 1 139 GLU 139 137 137 GLU GLU A . n 
A 1 140 CYS 140 138 138 CYS CYS A . n 
A 1 141 ARG 141 139 139 ARG ARG A . n 
A 1 142 GLU 142 140 140 GLU GLU A . n 
A 1 143 ILE 143 141 141 ILE ILE A . n 
A 1 144 GLY 144 142 142 GLY GLY A . n 
A 1 145 GLU 145 143 143 GLU GLU A . n 
A 1 146 GLU 146 144 144 GLU GLU A . n 
A 1 147 THR 147 145 145 THR THR A . n 
A 1 148 GLY 148 146 146 GLY GLY A . n 
A 1 149 ILE 149 147 147 ILE ILE A . n 
A 1 150 PRO 150 148 148 PRO PRO A . n 
A 1 151 PRO 151 149 149 PRO PRO A . n 
A 1 152 ARG 152 150 150 ARG ARG A . n 
A 1 153 GLU 153 151 151 GLU GLU A . n 
A 1 154 VAL 154 152 152 VAL VAL A . n 
A 1 155 LYS 155 153 153 LYS LYS A . n 
A 1 156 ALA 156 154 154 ALA ALA A . n 
A 1 157 MET 157 155 155 MET MET A . n 
A 1 158 VAL 158 156 156 VAL VAL A . n 
A 1 159 GLU 159 157 157 GLU GLU A . n 
A 1 160 ALA 160 158 158 ALA ALA A . n 
A 1 161 ALA 161 159 159 ALA ALA A . n 
A 1 162 ALA 162 160 160 ALA ALA A . n 
A 1 163 ARG 163 161 161 ARG ARG A . n 
A 1 164 VAL 164 162 162 VAL VAL A . n 
A 1 165 GLY 165 163 163 GLY GLY A . n 
A 1 166 GLY 166 164 164 GLY GLY A . n 
A 1 167 TRP 167 165 165 TRP TRP A . n 
A 1 168 VAL 168 166 166 VAL VAL A . n 
A 1 169 ASP 169 167 167 ASP ASP A . n 
A 1 170 LEU 170 168 168 LEU LEU A . n 
A 1 171 LYS 171 169 169 LYS LYS A . n 
A 1 172 GLU 172 170 170 GLU GLU A . n 
A 1 173 ARG 173 171 171 ARG ARG A . n 
A 1 174 GLU 174 172 172 GLU GLU A . n 
A 1 175 ILE 175 173 173 ILE ILE A . n 
A 1 176 LYS 176 174 174 LYS LYS A . n 
A 1 177 VAL 177 175 175 VAL VAL A . n 
A 1 178 GLN 178 176 176 GLN GLN A . n 
A 1 179 GLU 179 177 ?   ?   ?   A . n 
A 1 180 GLY 180 178 ?   ?   ?   A . n 
A 1 181 HIS 181 179 ?   ?   ?   A . n 
A 1 182 HIS 182 180 ?   ?   ?   A . n 
A 1 183 HIS 183 181 ?   ?   ?   A . n 
A 1 184 HIS 184 182 ?   ?   ?   A . n 
A 1 185 HIS 185 183 ?   ?   ?   A . n 
A 1 186 HIS 186 184 ?   ?   ?   A . n 
# 
loop_
_pdbx_nonpoly_scheme.asym_id 
_pdbx_nonpoly_scheme.entity_id 
_pdbx_nonpoly_scheme.mon_id 
_pdbx_nonpoly_scheme.ndb_seq_num 
_pdbx_nonpoly_scheme.pdb_seq_num 
_pdbx_nonpoly_scheme.auth_seq_num 
_pdbx_nonpoly_scheme.pdb_mon_id 
_pdbx_nonpoly_scheme.auth_mon_id 
_pdbx_nonpoly_scheme.pdb_strand_id 
_pdbx_nonpoly_scheme.pdb_ins_code 
B 2 PO4 1  185 1  PO4 PO4 A . 
C 3 GOL 1  186 1  GOL GOL A . 
D 4 HOH 1  187 1  HOH HOH A . 
D 4 HOH 2  188 2  HOH HOH A . 
D 4 HOH 3  189 3  HOH HOH A . 
D 4 HOH 4  190 4  HOH HOH A . 
D 4 HOH 5  191 5  HOH HOH A . 
D 4 HOH 6  192 7  HOH HOH A . 
D 4 HOH 7  193 9  HOH HOH A . 
D 4 HOH 8  194 10 HOH HOH A . 
D 4 HOH 9  195 11 HOH HOH A . 
D 4 HOH 10 196 13 HOH HOH A . 
D 4 HOH 11 197 14 HOH HOH A . 
D 4 HOH 12 198 15 HOH HOH A . 
# 
loop_
_software.name 
_software.classification 
_software.version 
_software.citation_id 
_software.pdbx_ordinal 
SHELX    'model building'  .        ? 1 
REFMAC   refinement        5.3.0034 ? 2 
MAR345   'data collection' CCD      ? 3 
HKL-2000 'data reduction'  .        ? 4 
HKL-2000 'data scaling'    .        ? 5 
SHELXD   phasing           .        ? 6 
# 
_cell.entry_id           3C19 
_cell.length_a           108.456 
_cell.length_b           108.456 
_cell.length_c           108.456 
_cell.angle_alpha        90.00 
_cell.angle_beta         90.00 
_cell.angle_gamma        90.00 
_cell.Z_PDB              24 
_cell.pdbx_unique_axis   ? 
_cell.length_a_esd       ? 
_cell.length_b_esd       ? 
_cell.length_c_esd       ? 
_cell.angle_alpha_esd    ? 
_cell.angle_beta_esd     ? 
_cell.angle_gamma_esd    ? 
# 
_symmetry.entry_id                         3C19 
_symmetry.space_group_name_H-M             'I 21 3' 
_symmetry.pdbx_full_space_group_name_H-M   ? 
_symmetry.cell_setting                     ? 
_symmetry.Int_Tables_number                199 
_symmetry.space_group_name_Hall            ? 
# 
_exptl.entry_id          3C19 
_exptl.method            'X-RAY DIFFRACTION' 
_exptl.crystals_number   1 
# 
_exptl_crystal.id                    1 
_exptl_crystal.density_meas          ? 
_exptl_crystal.density_Matthews      2.56 
_exptl_crystal.density_percent_sol   51.89 
_exptl_crystal.description           ? 
_exptl_crystal.F_000                 ? 
_exptl_crystal.preparation           ? 
# 
_exptl_crystal_grow.crystal_id      1 
_exptl_crystal_grow.method          'VAPOR DIFFUSION, SITTING DROP' 
_exptl_crystal_grow.temp            294 
_exptl_crystal_grow.temp_details    ? 
_exptl_crystal_grow.pH              8.5 
_exptl_crystal_grow.pdbx_details    
'100mM Tris-HCl pH 8.5, 1.45M Ammonium dihydrogen phosphate, 10% Glycerol, VAPOR DIFFUSION, SITTING DROP, temperature 294K' 
_exptl_crystal_grow.pdbx_pH_range   . 
# 
_diffrn.id                     1 
_diffrn.ambient_temp           77.0 
_diffrn.ambient_temp_details   ? 
_diffrn.crystal_id             1 
# 
_diffrn_detector.diffrn_id              1 
_diffrn_detector.detector               CCD 
_diffrn_detector.type                   'MAR CCD 165 mm' 
_diffrn_detector.pdbx_collection_date   2007-10-17 
_diffrn_detector.details                ? 
# 
_diffrn_radiation.diffrn_id                        1 
_diffrn_radiation.wavelength_id                    1 
_diffrn_radiation.pdbx_monochromatic_or_laue_m_l   M 
_diffrn_radiation.monochromator                    Diamond 
_diffrn_radiation.pdbx_diffrn_protocol             'SINGLE WAVELENGTH' 
_diffrn_radiation.pdbx_scattering_type             x-ray 
# 
_diffrn_radiation_wavelength.id           1 
_diffrn_radiation_wavelength.wavelength   0.9796 
_diffrn_radiation_wavelength.wt           1.0 
# 
_diffrn_source.diffrn_id                   1 
_diffrn_source.source                      SYNCHROTRON 
_diffrn_source.type                        'APS BEAMLINE 31-ID' 
_diffrn_source.pdbx_synchrotron_site       APS 
_diffrn_source.pdbx_synchrotron_beamline   31-ID 
_diffrn_source.pdbx_wavelength             ? 
_diffrn_source.pdbx_wavelength_list        0.9796 
# 
_reflns.entry_id                     3C19 
_reflns.observed_criterion_sigma_I   -0.500 
_reflns.observed_criterion_sigma_F   ? 
_reflns.d_resolution_low             50.000 
_reflns.d_resolution_high            2.500 
_reflns.number_obs                   7516 
_reflns.number_all                   ? 
_reflns.percent_possible_obs         99.8 
_reflns.pdbx_Rmerge_I_obs            0.072 
_reflns.pdbx_Rsym_value              ? 
_reflns.pdbx_netI_over_sigmaI        6.8000 
_reflns.B_iso_Wilson_estimate        52.95 
_reflns.pdbx_redundancy              15.200 
_reflns.R_free_details               ? 
_reflns.limit_h_max                  ? 
_reflns.limit_h_min                  ? 
_reflns.limit_k_max                  ? 
_reflns.limit_k_min                  ? 
_reflns.limit_l_max                  ? 
_reflns.limit_l_min                  ? 
_reflns.observed_criterion_F_max     ? 
_reflns.observed_criterion_F_min     ? 
_reflns.pdbx_chi_squared             ? 
_reflns.pdbx_scaling_rejects         ? 
_reflns.pdbx_ordinal                 1 
_reflns.pdbx_diffrn_id               1 
# 
_reflns_shell.d_res_high             2.50 
_reflns_shell.d_res_low              2.59 
_reflns_shell.percent_possible_all   99.7 
_reflns_shell.Rmerge_I_obs           0.49 
_reflns_shell.pdbx_Rsym_value        ? 
_reflns_shell.meanI_over_sigI_obs    1.800 
_reflns_shell.pdbx_redundancy        8.90 
_reflns_shell.percent_possible_obs   ? 
_reflns_shell.number_unique_all      ? 
_reflns_shell.number_measured_all    ? 
_reflns_shell.number_measured_obs    ? 
_reflns_shell.number_unique_obs      ? 
_reflns_shell.pdbx_chi_squared       ? 
_reflns_shell.pdbx_ordinal           1 
_reflns_shell.pdbx_diffrn_id         1 
# 
_refine.entry_id                                 3C19 
_refine.ls_number_reflns_obs                     7268 
_refine.ls_number_reflns_all                     ? 
_refine.pdbx_ls_sigma_I                          ? 
_refine.pdbx_ls_sigma_F                          ? 
_refine.pdbx_data_cutoff_high_absF               ? 
_refine.pdbx_data_cutoff_low_absF                ? 
_refine.pdbx_data_cutoff_high_rms_absF           ? 
_refine.ls_d_res_low                             20.00 
_refine.ls_d_res_high                            2.50 
_refine.ls_percent_reflns_obs                    99.89 
_refine.ls_R_factor_obs                          0.24925 
_refine.ls_R_factor_all                          ? 
_refine.ls_R_factor_R_work                       0.24868 
_refine.ls_R_factor_R_free                       0.26905 
_refine.ls_R_factor_R_free_error                 ? 
_refine.ls_R_factor_R_free_error_details         ? 
_refine.ls_percent_reflns_R_free                 2.8 
_refine.ls_number_reflns_R_free                  210 
_refine.ls_number_parameters                     ? 
_refine.ls_number_restraints                     ? 
_refine.occupancy_min                            ? 
_refine.occupancy_max                            ? 
_refine.correlation_coeff_Fo_to_Fc               0.941 
_refine.correlation_coeff_Fo_to_Fc_free          0.939 
_refine.B_iso_mean                               77.593 
_refine.aniso_B[1][1]                            ? 
_refine.aniso_B[2][2]                            ? 
_refine.aniso_B[3][3]                            ? 
_refine.aniso_B[1][2]                            ? 
_refine.aniso_B[1][3]                            ? 
_refine.aniso_B[2][3]                            ? 
_refine.solvent_model_details                    MASK 
_refine.solvent_model_param_ksol                 ? 
_refine.solvent_model_param_bsol                 ? 
_refine.pdbx_solvent_vdw_probe_radii             1.20 
_refine.pdbx_solvent_ion_probe_radii             0.80 
_refine.pdbx_solvent_shrinkage_radii             0.80 
_refine.pdbx_ls_cross_valid_method               THROUGHOUT 
_refine.details                                  'HYDROGENS HAVE BEEN ADDED IN THE RIDING POSITIONS' 
_refine.pdbx_starting_model                      ? 
_refine.pdbx_method_to_determine_struct          SAD 
_refine.pdbx_isotropic_thermal_model             ? 
_refine.pdbx_stereochemistry_target_values       'MAXIMUM LIKELIHOOD' 
_refine.pdbx_stereochem_target_val_spec_case     ? 
_refine.pdbx_R_Free_selection_details            RANDOM 
_refine.pdbx_overall_ESU_R                       0.607 
_refine.pdbx_overall_ESU_R_Free                  0.302 
_refine.overall_SU_ML                            0.239 
_refine.overall_SU_B                             11.689 
_refine.ls_redundancy_reflns_obs                 ? 
_refine.B_iso_min                                ? 
_refine.B_iso_max                                ? 
_refine.overall_SU_R_Cruickshank_DPI             ? 
_refine.overall_SU_R_free                        ? 
_refine.ls_wR_factor_R_free                      ? 
_refine.ls_wR_factor_R_work                      ? 
_refine.overall_FOM_free_R_set                   ? 
_refine.overall_FOM_work_R_set                   ? 
_refine.pdbx_overall_phase_error                 ? 
_refine.pdbx_refine_id                           'X-RAY DIFFRACTION' 
_refine.pdbx_diffrn_id                           1 
_refine.pdbx_TLS_residual_ADP_flag               ? 
_refine.pdbx_overall_SU_R_free_Cruickshank_DPI   ? 
_refine.pdbx_overall_SU_R_Blow_DPI               ? 
_refine.pdbx_overall_SU_R_free_Blow_DPI          ? 
# 
_refine_hist.pdbx_refine_id                   'X-RAY DIFFRACTION' 
_refine_hist.cycle_id                         LAST 
_refine_hist.pdbx_number_atoms_protein        1376 
_refine_hist.pdbx_number_atoms_nucleic_acid   0 
_refine_hist.pdbx_number_atoms_ligand         11 
_refine_hist.number_atoms_solvent             12 
_refine_hist.number_atoms_total               1399 
_refine_hist.d_res_high                       2.50 
_refine_hist.d_res_low                        20.00 
# 
loop_
_refine_ls_restr.type 
_refine_ls_restr.dev_ideal 
_refine_ls_restr.dev_ideal_target 
_refine_ls_restr.weight 
_refine_ls_restr.number 
_refine_ls_restr.pdbx_refine_id 
_refine_ls_restr.pdbx_restraint_function 
r_bond_refined_d             0.007  0.022  ? 1441 'X-RAY DIFFRACTION' ? 
r_bond_other_d               ?      ?      ? ?    'X-RAY DIFFRACTION' ? 
r_angle_refined_deg          1.252  1.979  ? 1954 'X-RAY DIFFRACTION' ? 
r_angle_other_deg            ?      ?      ? ?    'X-RAY DIFFRACTION' ? 
r_dihedral_angle_1_deg       7.159  5.000  ? 184  'X-RAY DIFFRACTION' ? 
r_dihedral_angle_2_deg       34.627 23.333 ? 72   'X-RAY DIFFRACTION' ? 
r_dihedral_angle_3_deg       21.642 15.000 ? 257  'X-RAY DIFFRACTION' ? 
r_dihedral_angle_4_deg       17.727 15.000 ? 18   'X-RAY DIFFRACTION' ? 
r_chiral_restr               0.084  0.200  ? 221  'X-RAY DIFFRACTION' ? 
r_gen_planes_refined         0.003  0.020  ? 1096 'X-RAY DIFFRACTION' ? 
r_gen_planes_other           ?      ?      ? ?    'X-RAY DIFFRACTION' ? 
r_nbd_refined                0.146  0.300  ? 577  'X-RAY DIFFRACTION' ? 
r_nbd_other                  ?      ?      ? ?    'X-RAY DIFFRACTION' ? 
r_nbtor_refined              0.300  0.500  ? 952  'X-RAY DIFFRACTION' ? 
r_nbtor_other                ?      ?      ? ?    'X-RAY DIFFRACTION' ? 
r_xyhbond_nbd_refined        0.174  0.500  ? 81   'X-RAY DIFFRACTION' ? 
r_xyhbond_nbd_other          ?      ?      ? ?    'X-RAY DIFFRACTION' ? 
r_metal_ion_refined          ?      ?      ? ?    'X-RAY DIFFRACTION' ? 
r_metal_ion_other            ?      ?      ? ?    'X-RAY DIFFRACTION' ? 
r_symmetry_vdw_refined       0.119  0.300  ? 75   'X-RAY DIFFRACTION' ? 
r_symmetry_vdw_other         ?      ?      ? ?    'X-RAY DIFFRACTION' ? 
r_symmetry_hbond_refined     0.244  0.500  ? 16   'X-RAY DIFFRACTION' ? 
r_symmetry_hbond_other       ?      ?      ? ?    'X-RAY DIFFRACTION' ? 
r_symmetry_metal_ion_refined ?      ?      ? ?    'X-RAY DIFFRACTION' ? 
r_symmetry_metal_ion_other   ?      ?      ? ?    'X-RAY DIFFRACTION' ? 
r_mcbond_it                  2.124  2.000  ? 903  'X-RAY DIFFRACTION' ? 
r_mcbond_other               ?      ?      ? ?    'X-RAY DIFFRACTION' ? 
r_mcangle_it                 3.832  3.000  ? 1444 'X-RAY DIFFRACTION' ? 
r_scbond_it                  3.366  3.000  ? 581  'X-RAY DIFFRACTION' ? 
r_scangle_it                 5.888  5.000  ? 506  'X-RAY DIFFRACTION' ? 
r_rigid_bond_restr           ?      ?      ? ?    'X-RAY DIFFRACTION' ? 
r_sphericity_free            ?      ?      ? ?    'X-RAY DIFFRACTION' ? 
r_sphericity_bonded          ?      ?      ? ?    'X-RAY DIFFRACTION' ? 
# 
_refine_ls_shell.pdbx_total_number_of_bins_used   20 
_refine_ls_shell.d_res_high                       2.500 
_refine_ls_shell.d_res_low                        2.564 
_refine_ls_shell.number_reflns_R_work             535 
_refine_ls_shell.R_factor_R_work                  0.412 
_refine_ls_shell.percent_reflns_obs               99.63 
_refine_ls_shell.R_factor_R_free                  0.389 
_refine_ls_shell.R_factor_R_free_error            ? 
_refine_ls_shell.percent_reflns_R_free            ? 
_refine_ls_shell.number_reflns_R_free             9 
_refine_ls_shell.number_reflns_all                ? 
_refine_ls_shell.R_factor_all                     ? 
_refine_ls_shell.number_reflns_obs                ? 
_refine_ls_shell.redundancy_reflns_obs            ? 
_refine_ls_shell.pdbx_refine_id                   'X-RAY DIFFRACTION' 
# 
_struct.entry_id                  3C19 
_struct.title                     'Crystal structure of protein MK0293 from Methanopyrus kandleri AV19' 
_struct.pdbx_model_details        ? 
_struct.pdbx_CASP_flag            ? 
_struct.pdbx_model_type_details   ? 
# 
_struct_keywords.entry_id        3C19 
_struct_keywords.pdbx_keywords   'STRUCTURAL GENOMICS, UNKNOWN FUNCTION' 
_struct_keywords.text            
;UNCHARACTERIZED PROTEIN, PROTEIN MK0293, PROTEIN STRUCTURE INITIATIVE, PSI-2, New York SGX Research Center for Structural Genomics, NYSGXRC, STRUCTURAL GENOMICS, UNKNOWN FUNCTION
;
# 
loop_
_struct_asym.id 
_struct_asym.pdbx_blank_PDB_chainid_flag 
_struct_asym.pdbx_modified 
_struct_asym.entity_id 
_struct_asym.details 
A N N 1 ? 
B N N 2 ? 
C N N 3 ? 
D N N 4 ? 
# 
_struct_ref.id                         1 
_struct_ref.db_name                    UNP 
_struct_ref.db_code                    Q8TYK3_METKA 
_struct_ref.pdbx_db_accession          Q8TYK3 
_struct_ref.entity_id                  1 
_struct_ref.pdbx_seq_one_letter_code   
;GLDYEPSHLMFLVTVLDDRDGEVLGDAIQKLIEREEVLACHAVPCVTKKNRPGHVLVVLVDGGEDPDRVAEDVARDIMVL
TGSTGVDRFDADGVYSVPSRFEDVRVVYGEREWRVSVKIAETEEGEVVTVKAEFDECREIGEETGIPPREVKAMVEAAAR
VGGWVDLKEREIKVQ
;
_struct_ref.pdbx_align_begin           2 
_struct_ref.pdbx_db_isoform            ? 
# 
_struct_ref_seq.align_id                      1 
_struct_ref_seq.ref_id                        1 
_struct_ref_seq.pdbx_PDB_id_code              3C19 
_struct_ref_seq.pdbx_strand_id                A 
_struct_ref_seq.seq_align_beg                 4 
_struct_ref_seq.pdbx_seq_align_beg_ins_code   ? 
_struct_ref_seq.seq_align_end                 178 
_struct_ref_seq.pdbx_seq_align_end_ins_code   ? 
_struct_ref_seq.pdbx_db_accession             Q8TYK3 
_struct_ref_seq.db_align_beg                  2 
_struct_ref_seq.pdbx_db_align_beg_ins_code    ? 
_struct_ref_seq.db_align_end                  176 
_struct_ref_seq.pdbx_db_align_end_ins_code    ? 
_struct_ref_seq.pdbx_auth_seq_align_beg       2 
_struct_ref_seq.pdbx_auth_seq_align_end       176 
# 
loop_
_struct_ref_seq_dif.align_id 
_struct_ref_seq_dif.pdbx_pdb_id_code 
_struct_ref_seq_dif.mon_id 
_struct_ref_seq_dif.pdbx_pdb_strand_id 
_struct_ref_seq_dif.seq_num 
_struct_ref_seq_dif.pdbx_pdb_ins_code 
_struct_ref_seq_dif.pdbx_seq_db_name 
_struct_ref_seq_dif.pdbx_seq_db_accession_code 
_struct_ref_seq_dif.db_mon_id 
_struct_ref_seq_dif.pdbx_seq_db_seq_num 
_struct_ref_seq_dif.details 
_struct_ref_seq_dif.pdbx_auth_seq_num 
_struct_ref_seq_dif.pdbx_ordinal 
1 3C19 MET A 1   ? UNP Q8TYK3 ? ? 'expression tag' -1  1  
1 3C19 SER A 2   ? UNP Q8TYK3 ? ? 'expression tag' 0   2  
1 3C19 LEU A 3   ? UNP Q8TYK3 ? ? 'expression tag' 1   3  
1 3C19 GLU A 179 ? UNP Q8TYK3 ? ? 'expression tag' 177 4  
1 3C19 GLY A 180 ? UNP Q8TYK3 ? ? 'expression tag' 178 5  
1 3C19 HIS A 181 ? UNP Q8TYK3 ? ? 'expression tag' 179 6  
1 3C19 HIS A 182 ? UNP Q8TYK3 ? ? 'expression tag' 180 7  
1 3C19 HIS A 183 ? UNP Q8TYK3 ? ? 'expression tag' 181 8  
1 3C19 HIS A 184 ? UNP Q8TYK3 ? ? 'expression tag' 182 9  
1 3C19 HIS A 185 ? UNP Q8TYK3 ? ? 'expression tag' 183 10 
1 3C19 HIS A 186 ? UNP Q8TYK3 ? ? 'expression tag' 184 11 
# 
_pdbx_struct_assembly.id                   1 
_pdbx_struct_assembly.details              author_and_software_defined_assembly 
_pdbx_struct_assembly.method_details       PISA 
_pdbx_struct_assembly.oligomeric_details   trimeric 
_pdbx_struct_assembly.oligomeric_count     3 
# 
_pdbx_struct_assembly_prop.biol_id   1 
_pdbx_struct_assembly_prop.type      'ABSA (A^2)' 
_pdbx_struct_assembly_prop.value     8000 
_pdbx_struct_assembly_prop.details   ? 
# 
_pdbx_struct_assembly_gen.assembly_id       1 
_pdbx_struct_assembly_gen.oper_expression   1,2,3 
_pdbx_struct_assembly_gen.asym_id_list      A,B,C,D 
# 
loop_
_pdbx_struct_oper_list.id 
_pdbx_struct_oper_list.type 
_pdbx_struct_oper_list.name 
_pdbx_struct_oper_list.symmetry_operation 
_pdbx_struct_oper_list.matrix[1][1] 
_pdbx_struct_oper_list.matrix[1][2] 
_pdbx_struct_oper_list.matrix[1][3] 
_pdbx_struct_oper_list.vector[1] 
_pdbx_struct_oper_list.matrix[2][1] 
_pdbx_struct_oper_list.matrix[2][2] 
_pdbx_struct_oper_list.matrix[2][3] 
_pdbx_struct_oper_list.vector[2] 
_pdbx_struct_oper_list.matrix[3][1] 
_pdbx_struct_oper_list.matrix[3][2] 
_pdbx_struct_oper_list.matrix[3][3] 
_pdbx_struct_oper_list.vector[3] 
1 'identity operation'         1_555  x,y,z             1.0000000000 0.0000000000  0.0000000000  0.0000000000  0.0000000000  1.0000000000  0.0000000000  0.0000000000  0.0000000000  0.0000000000  1.0000000000  0.0000000000   
2 'crystal symmetry operation' 6_456  z-1/2,-x+1/2,-y+1 0.0947526004 -0.0430088006 -0.9945713588 12.1901926368 -0.9945615797 -0.0474789461 -0.0926985103 25.2782306204 -0.0432343482 0.9979458867  -0.0472736543 -11.3004252516 
3 'crystal symmetry operation' 12_565 -y+1/2,-z+1,x+1/2 0.0947526004 -0.9945615797 -0.0432343482 23.4971380063 -0.0430088006 -0.0474789461 0.9979458867  13.0016822117 -0.9945713588 -0.0926985103 -0.0472736543 13.9330583815  
# 
_struct_biol.id        1 
_struct_biol.details   ? 
# 
loop_
_struct_conf.conf_type_id 
_struct_conf.id 
_struct_conf.pdbx_PDB_helix_id 
_struct_conf.beg_label_comp_id 
_struct_conf.beg_label_asym_id 
_struct_conf.beg_label_seq_id 
_struct_conf.pdbx_beg_PDB_ins_code 
_struct_conf.end_label_comp_id 
_struct_conf.end_label_asym_id 
_struct_conf.end_label_seq_id 
_struct_conf.pdbx_end_PDB_ins_code 
_struct_conf.beg_auth_comp_id 
_struct_conf.beg_auth_asym_id 
_struct_conf.beg_auth_seq_id 
_struct_conf.end_auth_comp_id 
_struct_conf.end_auth_asym_id 
_struct_conf.end_auth_seq_id 
_struct_conf.pdbx_PDB_helix_class 
_struct_conf.details 
_struct_conf.pdbx_PDB_helix_length 
HELX_P HELX_P1 1 GLU A 25  ? ILE A 35  ? GLU A 23  ILE A 33  1 ? 11 
HELX_P HELX_P2 2 ASP A 68  ? GLY A 85  ? ASP A 66  GLY A 83  1 ? 18 
HELX_P HELX_P3 3 GLU A 136 ? GLY A 148 ? GLU A 134 GLY A 146 1 ? 13 
HELX_P HELX_P4 4 PRO A 150 ? GLY A 165 ? PRO A 148 GLY A 163 1 ? 16 
# 
_struct_conf_type.id          HELX_P 
_struct_conf_type.criteria    ? 
_struct_conf_type.reference   ? 
# 
loop_
_struct_sheet.id 
_struct_sheet.type 
_struct_sheet.number_strands 
_struct_sheet.details 
A ? 2 ? 
B ? 4 ? 
C ? 5 ? 
# 
loop_
_struct_sheet_order.sheet_id 
_struct_sheet_order.range_id_1 
_struct_sheet_order.range_id_2 
_struct_sheet_order.offset 
_struct_sheet_order.sense 
A 1 2 ? anti-parallel 
B 1 2 ? anti-parallel 
B 2 3 ? anti-parallel 
B 3 4 ? anti-parallel 
C 1 2 ? anti-parallel 
C 2 3 ? anti-parallel 
C 3 4 ? parallel      
C 4 5 ? anti-parallel 
# 
loop_
_struct_sheet_range.sheet_id 
_struct_sheet_range.id 
_struct_sheet_range.beg_label_comp_id 
_struct_sheet_range.beg_label_asym_id 
_struct_sheet_range.beg_label_seq_id 
_struct_sheet_range.pdbx_beg_PDB_ins_code 
_struct_sheet_range.end_label_comp_id 
_struct_sheet_range.end_label_asym_id 
_struct_sheet_range.end_label_seq_id 
_struct_sheet_range.pdbx_end_PDB_ins_code 
_struct_sheet_range.beg_auth_comp_id 
_struct_sheet_range.beg_auth_asym_id 
_struct_sheet_range.beg_auth_seq_id 
_struct_sheet_range.end_auth_comp_id 
_struct_sheet_range.end_auth_asym_id 
_struct_sheet_range.end_auth_seq_id 
A 1 ASP A 6   ? GLU A 8   ? ASP A 4   GLU A 6   
A 2 VAL A 97  ? SER A 99  ? VAL A 95  SER A 97  
B 1 VAL A 40  ? THR A 50  ? VAL A 38  THR A 48  
B 2 ARG A 54  ? ASP A 64  ? ARG A 52  ASP A 62  
B 3 LEU A 12  ? ASP A 20  ? LEU A 10  ASP A 18  
B 4 ASP A 90  ? ASP A 93  ? ASP A 88  ASP A 91  
C 1 VAL A 130 ? ALA A 135 ? VAL A 128 ALA A 133 
C 2 ARG A 114 ? GLU A 124 ? ARG A 112 GLU A 122 
C 3 SER A 102 ? TYR A 111 ? SER A 100 TYR A 109 
C 4 TRP A 167 ? ASP A 169 ? TRP A 165 ASP A 167 
C 5 GLU A 174 ? LYS A 176 ? GLU A 172 LYS A 174 
# 
loop_
_pdbx_struct_sheet_hbond.sheet_id 
_pdbx_struct_sheet_hbond.range_id_1 
_pdbx_struct_sheet_hbond.range_id_2 
_pdbx_struct_sheet_hbond.range_1_label_atom_id 
_pdbx_struct_sheet_hbond.range_1_label_comp_id 
_pdbx_struct_sheet_hbond.range_1_label_asym_id 
_pdbx_struct_sheet_hbond.range_1_label_seq_id 
_pdbx_struct_sheet_hbond.range_1_PDB_ins_code 
_pdbx_struct_sheet_hbond.range_1_auth_atom_id 
_pdbx_struct_sheet_hbond.range_1_auth_comp_id 
_pdbx_struct_sheet_hbond.range_1_auth_asym_id 
_pdbx_struct_sheet_hbond.range_1_auth_seq_id 
_pdbx_struct_sheet_hbond.range_2_label_atom_id 
_pdbx_struct_sheet_hbond.range_2_label_comp_id 
_pdbx_struct_sheet_hbond.range_2_label_asym_id 
_pdbx_struct_sheet_hbond.range_2_label_seq_id 
_pdbx_struct_sheet_hbond.range_2_PDB_ins_code 
_pdbx_struct_sheet_hbond.range_2_auth_atom_id 
_pdbx_struct_sheet_hbond.range_2_auth_comp_id 
_pdbx_struct_sheet_hbond.range_2_auth_asym_id 
_pdbx_struct_sheet_hbond.range_2_auth_seq_id 
A 1 2 N GLU A 8   ? N GLU A 6   O VAL A 97  ? O VAL A 95  
B 1 2 N THR A 50  ? N THR A 48  O ARG A 54  ? O ARG A 52  
B 2 3 O VAL A 63  ? O VAL A 61  N MET A 13  ? N MET A 11  
B 3 4 N VAL A 16  ? N VAL A 14  O ASP A 90  ? O ASP A 88  
C 1 2 O THR A 132 ? O THR A 130 N ALA A 123 ? N ALA A 121 
C 2 3 O ILE A 122 ? O ILE A 120 N ARG A 103 ? N ARG A 101 
C 3 4 N VAL A 110 ? N VAL A 108 O VAL A 168 ? O VAL A 166 
C 4 5 N ASP A 169 ? N ASP A 167 O GLU A 174 ? O GLU A 172 
# 
loop_
_struct_site.id 
_struct_site.pdbx_evidence_code 
_struct_site.pdbx_auth_asym_id 
_struct_site.pdbx_auth_comp_id 
_struct_site.pdbx_auth_seq_id 
_struct_site.pdbx_auth_ins_code 
_struct_site.pdbx_num_residues 
_struct_site.details 
AC1 Software A PO4 185 ? 6 'BINDING SITE FOR RESIDUE PO4 A 185' 
AC2 Software A GOL 186 ? 6 'BINDING SITE FOR RESIDUE GOL A 186' 
# 
loop_
_struct_site_gen.id 
_struct_site_gen.site_id 
_struct_site_gen.pdbx_num_res 
_struct_site_gen.label_comp_id 
_struct_site_gen.label_asym_id 
_struct_site_gen.label_seq_id 
_struct_site_gen.pdbx_auth_ins_code 
_struct_site_gen.auth_comp_id 
_struct_site_gen.auth_asym_id 
_struct_site_gen.auth_seq_id 
_struct_site_gen.label_atom_id 
_struct_site_gen.label_alt_id 
_struct_site_gen.symmetry 
_struct_site_gen.details 
1  AC1 6 HIS A 44 ? HIS A 42  . ? 12_565 ? 
2  AC1 6 HIS A 44 ? HIS A 42  . ? 1_555  ? 
3  AC1 6 HIS A 44 ? HIS A 42  . ? 6_456  ? 
4  AC1 6 PRO A 47 ? PRO A 45  . ? 1_555  ? 
5  AC1 6 PRO A 47 ? PRO A 45  . ? 6_456  ? 
6  AC1 6 PRO A 47 ? PRO A 45  . ? 12_565 ? 
7  AC2 6 VAL A 16 ? VAL A 14  . ? 1_555  ? 
8  AC2 6 THR A 17 ? THR A 15  . ? 1_555  ? 
9  AC2 6 VAL A 18 ? VAL A 16  . ? 1_555  ? 
10 AC2 6 GLY A 88 ? GLY A 86  . ? 1_555  ? 
11 AC2 6 ASP A 90 ? ASP A 88  . ? 1_555  ? 
12 AC2 6 HOH D .  ? HOH A 187 . ? 1_555  ? 
# 
loop_
_pdbx_validate_torsion.id 
_pdbx_validate_torsion.PDB_model_num 
_pdbx_validate_torsion.auth_comp_id 
_pdbx_validate_torsion.auth_asym_id 
_pdbx_validate_torsion.auth_seq_id 
_pdbx_validate_torsion.PDB_ins_code 
_pdbx_validate_torsion.label_alt_id 
_pdbx_validate_torsion.phi 
_pdbx_validate_torsion.psi 
1 1 LYS A 50  ? ? -108.50 61.06  
2 1 ASN A 51  ? ? 31.82   49.19  
3 1 TYR A 109 ? ? -116.26 75.47  
4 1 GLU A 111 ? ? -143.64 -9.17  
5 1 GLU A 143 ? ? -70.30  -70.56 
# 
_pdbx_validate_peptide_omega.id               1 
_pdbx_validate_peptide_omega.PDB_model_num    1 
_pdbx_validate_peptide_omega.auth_comp_id_1   THR 
_pdbx_validate_peptide_omega.auth_asym_id_1   A 
_pdbx_validate_peptide_omega.auth_seq_id_1    48 
_pdbx_validate_peptide_omega.PDB_ins_code_1   ? 
_pdbx_validate_peptide_omega.label_alt_id_1   ? 
_pdbx_validate_peptide_omega.auth_comp_id_2   LYS 
_pdbx_validate_peptide_omega.auth_asym_id_2   A 
_pdbx_validate_peptide_omega.auth_seq_id_2    49 
_pdbx_validate_peptide_omega.PDB_ins_code_2   ? 
_pdbx_validate_peptide_omega.label_alt_id_2   ? 
_pdbx_validate_peptide_omega.omega            -148.50 
# 
_pdbx_SG_project.id                    1 
_pdbx_SG_project.project_name          'PSI, Protein Structure Initiative' 
_pdbx_SG_project.full_name_of_center   'New York SGX Research Center for Structural Genomics' 
_pdbx_SG_project.initial_of_center     NYSGXRC 
# 
loop_
_pdbx_struct_special_symmetry.id 
_pdbx_struct_special_symmetry.PDB_model_num 
_pdbx_struct_special_symmetry.auth_asym_id 
_pdbx_struct_special_symmetry.auth_comp_id 
_pdbx_struct_special_symmetry.auth_seq_id 
_pdbx_struct_special_symmetry.PDB_ins_code 
_pdbx_struct_special_symmetry.label_asym_id 
_pdbx_struct_special_symmetry.label_comp_id 
_pdbx_struct_special_symmetry.label_seq_id 
1 1 A PO4 185 ? B PO4 . 
2 1 A PO4 185 ? B PO4 . 
# 
loop_
_pdbx_unobs_or_zero_occ_residues.id 
_pdbx_unobs_or_zero_occ_residues.PDB_model_num 
_pdbx_unobs_or_zero_occ_residues.polymer_flag 
_pdbx_unobs_or_zero_occ_residues.occupancy_flag 
_pdbx_unobs_or_zero_occ_residues.auth_asym_id 
_pdbx_unobs_or_zero_occ_residues.auth_comp_id 
_pdbx_unobs_or_zero_occ_residues.auth_seq_id 
_pdbx_unobs_or_zero_occ_residues.PDB_ins_code 
_pdbx_unobs_or_zero_occ_residues.label_asym_id 
_pdbx_unobs_or_zero_occ_residues.label_comp_id 
_pdbx_unobs_or_zero_occ_residues.label_seq_id 
1 1 Y 1 A MET -1  ? A MET 1   
2 1 Y 1 A GLU 177 ? A GLU 179 
3 1 Y 1 A GLY 178 ? A GLY 180 
4 1 Y 1 A HIS 179 ? A HIS 181 
5 1 Y 1 A HIS 180 ? A HIS 182 
6 1 Y 1 A HIS 181 ? A HIS 183 
7 1 Y 1 A HIS 182 ? A HIS 184 
8 1 Y 1 A HIS 183 ? A HIS 185 
9 1 Y 1 A HIS 184 ? A HIS 186 
# 
loop_
_chem_comp_atom.comp_id 
_chem_comp_atom.atom_id 
_chem_comp_atom.type_symbol 
_chem_comp_atom.pdbx_aromatic_flag 
_chem_comp_atom.pdbx_stereo_config 
_chem_comp_atom.pdbx_ordinal 
ALA N    N N N 1   
ALA CA   C N S 2   
ALA C    C N N 3   
ALA O    O N N 4   
ALA CB   C N N 5   
ALA OXT  O N N 6   
ALA H    H N N 7   
ALA H2   H N N 8   
ALA HA   H N N 9   
ALA HB1  H N N 10  
ALA HB2  H N N 11  
ALA HB3  H N N 12  
ALA HXT  H N N 13  
ARG N    N N N 14  
ARG CA   C N S 15  
ARG C    C N N 16  
ARG O    O N N 17  
ARG CB   C N N 18  
ARG CG   C N N 19  
ARG CD   C N N 20  
ARG NE   N N N 21  
ARG CZ   C N N 22  
ARG NH1  N N N 23  
ARG NH2  N N N 24  
ARG OXT  O N N 25  
ARG H    H N N 26  
ARG H2   H N N 27  
ARG HA   H N N 28  
ARG HB2  H N N 29  
ARG HB3  H N N 30  
ARG HG2  H N N 31  
ARG HG3  H N N 32  
ARG HD2  H N N 33  
ARG HD3  H N N 34  
ARG HE   H N N 35  
ARG HH11 H N N 36  
ARG HH12 H N N 37  
ARG HH21 H N N 38  
ARG HH22 H N N 39  
ARG HXT  H N N 40  
ASN N    N N N 41  
ASN CA   C N S 42  
ASN C    C N N 43  
ASN O    O N N 44  
ASN CB   C N N 45  
ASN CG   C N N 46  
ASN OD1  O N N 47  
ASN ND2  N N N 48  
ASN OXT  O N N 49  
ASN H    H N N 50  
ASN H2   H N N 51  
ASN HA   H N N 52  
ASN HB2  H N N 53  
ASN HB3  H N N 54  
ASN HD21 H N N 55  
ASN HD22 H N N 56  
ASN HXT  H N N 57  
ASP N    N N N 58  
ASP CA   C N S 59  
ASP C    C N N 60  
ASP O    O N N 61  
ASP CB   C N N 62  
ASP CG   C N N 63  
ASP OD1  O N N 64  
ASP OD2  O N N 65  
ASP OXT  O N N 66  
ASP H    H N N 67  
ASP H2   H N N 68  
ASP HA   H N N 69  
ASP HB2  H N N 70  
ASP HB3  H N N 71  
ASP HD2  H N N 72  
ASP HXT  H N N 73  
CYS N    N N N 74  
CYS CA   C N R 75  
CYS C    C N N 76  
CYS O    O N N 77  
CYS CB   C N N 78  
CYS SG   S N N 79  
CYS OXT  O N N 80  
CYS H    H N N 81  
CYS H2   H N N 82  
CYS HA   H N N 83  
CYS HB2  H N N 84  
CYS HB3  H N N 85  
CYS HG   H N N 86  
CYS HXT  H N N 87  
GLN N    N N N 88  
GLN CA   C N S 89  
GLN C    C N N 90  
GLN O    O N N 91  
GLN CB   C N N 92  
GLN CG   C N N 93  
GLN CD   C N N 94  
GLN OE1  O N N 95  
GLN NE2  N N N 96  
GLN OXT  O N N 97  
GLN H    H N N 98  
GLN H2   H N N 99  
GLN HA   H N N 100 
GLN HB2  H N N 101 
GLN HB3  H N N 102 
GLN HG2  H N N 103 
GLN HG3  H N N 104 
GLN HE21 H N N 105 
GLN HE22 H N N 106 
GLN HXT  H N N 107 
GLU N    N N N 108 
GLU CA   C N S 109 
GLU C    C N N 110 
GLU O    O N N 111 
GLU CB   C N N 112 
GLU CG   C N N 113 
GLU CD   C N N 114 
GLU OE1  O N N 115 
GLU OE2  O N N 116 
GLU OXT  O N N 117 
GLU H    H N N 118 
GLU H2   H N N 119 
GLU HA   H N N 120 
GLU HB2  H N N 121 
GLU HB3  H N N 122 
GLU HG2  H N N 123 
GLU HG3  H N N 124 
GLU HE2  H N N 125 
GLU HXT  H N N 126 
GLY N    N N N 127 
GLY CA   C N N 128 
GLY C    C N N 129 
GLY O    O N N 130 
GLY OXT  O N N 131 
GLY H    H N N 132 
GLY H2   H N N 133 
GLY HA2  H N N 134 
GLY HA3  H N N 135 
GLY HXT  H N N 136 
GOL C1   C N N 137 
GOL O1   O N N 138 
GOL C2   C N N 139 
GOL O2   O N N 140 
GOL C3   C N N 141 
GOL O3   O N N 142 
GOL H11  H N N 143 
GOL H12  H N N 144 
GOL HO1  H N N 145 
GOL H2   H N N 146 
GOL HO2  H N N 147 
GOL H31  H N N 148 
GOL H32  H N N 149 
GOL HO3  H N N 150 
HIS N    N N N 151 
HIS CA   C N S 152 
HIS C    C N N 153 
HIS O    O N N 154 
HIS CB   C N N 155 
HIS CG   C Y N 156 
HIS ND1  N Y N 157 
HIS CD2  C Y N 158 
HIS CE1  C Y N 159 
HIS NE2  N Y N 160 
HIS OXT  O N N 161 
HIS H    H N N 162 
HIS H2   H N N 163 
HIS HA   H N N 164 
HIS HB2  H N N 165 
HIS HB3  H N N 166 
HIS HD1  H N N 167 
HIS HD2  H N N 168 
HIS HE1  H N N 169 
HIS HE2  H N N 170 
HIS HXT  H N N 171 
HOH O    O N N 172 
HOH H1   H N N 173 
HOH H2   H N N 174 
ILE N    N N N 175 
ILE CA   C N S 176 
ILE C    C N N 177 
ILE O    O N N 178 
ILE CB   C N S 179 
ILE CG1  C N N 180 
ILE CG2  C N N 181 
ILE CD1  C N N 182 
ILE OXT  O N N 183 
ILE H    H N N 184 
ILE H2   H N N 185 
ILE HA   H N N 186 
ILE HB   H N N 187 
ILE HG12 H N N 188 
ILE HG13 H N N 189 
ILE HG21 H N N 190 
ILE HG22 H N N 191 
ILE HG23 H N N 192 
ILE HD11 H N N 193 
ILE HD12 H N N 194 
ILE HD13 H N N 195 
ILE HXT  H N N 196 
LEU N    N N N 197 
LEU CA   C N S 198 
LEU C    C N N 199 
LEU O    O N N 200 
LEU CB   C N N 201 
LEU CG   C N N 202 
LEU CD1  C N N 203 
LEU CD2  C N N 204 
LEU OXT  O N N 205 
LEU H    H N N 206 
LEU H2   H N N 207 
LEU HA   H N N 208 
LEU HB2  H N N 209 
LEU HB3  H N N 210 
LEU HG   H N N 211 
LEU HD11 H N N 212 
LEU HD12 H N N 213 
LEU HD13 H N N 214 
LEU HD21 H N N 215 
LEU HD22 H N N 216 
LEU HD23 H N N 217 
LEU HXT  H N N 218 
LYS N    N N N 219 
LYS CA   C N S 220 
LYS C    C N N 221 
LYS O    O N N 222 
LYS CB   C N N 223 
LYS CG   C N N 224 
LYS CD   C N N 225 
LYS CE   C N N 226 
LYS NZ   N N N 227 
LYS OXT  O N N 228 
LYS H    H N N 229 
LYS H2   H N N 230 
LYS HA   H N N 231 
LYS HB2  H N N 232 
LYS HB3  H N N 233 
LYS HG2  H N N 234 
LYS HG3  H N N 235 
LYS HD2  H N N 236 
LYS HD3  H N N 237 
LYS HE2  H N N 238 
LYS HE3  H N N 239 
LYS HZ1  H N N 240 
LYS HZ2  H N N 241 
LYS HZ3  H N N 242 
LYS HXT  H N N 243 
MET N    N N N 244 
MET CA   C N S 245 
MET C    C N N 246 
MET O    O N N 247 
MET CB   C N N 248 
MET CG   C N N 249 
MET SD   S N N 250 
MET CE   C N N 251 
MET OXT  O N N 252 
MET H    H N N 253 
MET H2   H N N 254 
MET HA   H N N 255 
MET HB2  H N N 256 
MET HB3  H N N 257 
MET HG2  H N N 258 
MET HG3  H N N 259 
MET HE1  H N N 260 
MET HE2  H N N 261 
MET HE3  H N N 262 
MET HXT  H N N 263 
PHE N    N N N 264 
PHE CA   C N S 265 
PHE C    C N N 266 
PHE O    O N N 267 
PHE CB   C N N 268 
PHE CG   C Y N 269 
PHE CD1  C Y N 270 
PHE CD2  C Y N 271 
PHE CE1  C Y N 272 
PHE CE2  C Y N 273 
PHE CZ   C Y N 274 
PHE OXT  O N N 275 
PHE H    H N N 276 
PHE H2   H N N 277 
PHE HA   H N N 278 
PHE HB2  H N N 279 
PHE HB3  H N N 280 
PHE HD1  H N N 281 
PHE HD2  H N N 282 
PHE HE1  H N N 283 
PHE HE2  H N N 284 
PHE HZ   H N N 285 
PHE HXT  H N N 286 
PO4 P    P N N 287 
PO4 O1   O N N 288 
PO4 O2   O N N 289 
PO4 O3   O N N 290 
PO4 O4   O N N 291 
PRO N    N N N 292 
PRO CA   C N S 293 
PRO C    C N N 294 
PRO O    O N N 295 
PRO CB   C N N 296 
PRO CG   C N N 297 
PRO CD   C N N 298 
PRO OXT  O N N 299 
PRO H    H N N 300 
PRO HA   H N N 301 
PRO HB2  H N N 302 
PRO HB3  H N N 303 
PRO HG2  H N N 304 
PRO HG3  H N N 305 
PRO HD2  H N N 306 
PRO HD3  H N N 307 
PRO HXT  H N N 308 
SER N    N N N 309 
SER CA   C N S 310 
SER C    C N N 311 
SER O    O N N 312 
SER CB   C N N 313 
SER OG   O N N 314 
SER OXT  O N N 315 
SER H    H N N 316 
SER H2   H N N 317 
SER HA   H N N 318 
SER HB2  H N N 319 
SER HB3  H N N 320 
SER HG   H N N 321 
SER HXT  H N N 322 
THR N    N N N 323 
THR CA   C N S 324 
THR C    C N N 325 
THR O    O N N 326 
THR CB   C N R 327 
THR OG1  O N N 328 
THR CG2  C N N 329 
THR OXT  O N N 330 
THR H    H N N 331 
THR H2   H N N 332 
THR HA   H N N 333 
THR HB   H N N 334 
THR HG1  H N N 335 
THR HG21 H N N 336 
THR HG22 H N N 337 
THR HG23 H N N 338 
THR HXT  H N N 339 
TRP N    N N N 340 
TRP CA   C N S 341 
TRP C    C N N 342 
TRP O    O N N 343 
TRP CB   C N N 344 
TRP CG   C Y N 345 
TRP CD1  C Y N 346 
TRP CD2  C Y N 347 
TRP NE1  N Y N 348 
TRP CE2  C Y N 349 
TRP CE3  C Y N 350 
TRP CZ2  C Y N 351 
TRP CZ3  C Y N 352 
TRP CH2  C Y N 353 
TRP OXT  O N N 354 
TRP H    H N N 355 
TRP H2   H N N 356 
TRP HA   H N N 357 
TRP HB2  H N N 358 
TRP HB3  H N N 359 
TRP HD1  H N N 360 
TRP HE1  H N N 361 
TRP HE3  H N N 362 
TRP HZ2  H N N 363 
TRP HZ3  H N N 364 
TRP HH2  H N N 365 
TRP HXT  H N N 366 
TYR N    N N N 367 
TYR CA   C N S 368 
TYR C    C N N 369 
TYR O    O N N 370 
TYR CB   C N N 371 
TYR CG   C Y N 372 
TYR CD1  C Y N 373 
TYR CD2  C Y N 374 
TYR CE1  C Y N 375 
TYR CE2  C Y N 376 
TYR CZ   C Y N 377 
TYR OH   O N N 378 
TYR OXT  O N N 379 
TYR H    H N N 380 
TYR H2   H N N 381 
TYR HA   H N N 382 
TYR HB2  H N N 383 
TYR HB3  H N N 384 
TYR HD1  H N N 385 
TYR HD2  H N N 386 
TYR HE1  H N N 387 
TYR HE2  H N N 388 
TYR HH   H N N 389 
TYR HXT  H N N 390 
VAL N    N N N 391 
VAL CA   C N S 392 
VAL C    C N N 393 
VAL O    O N N 394 
VAL CB   C N N 395 
VAL CG1  C N N 396 
VAL CG2  C N N 397 
VAL OXT  O N N 398 
VAL H    H N N 399 
VAL H2   H N N 400 
VAL HA   H N N 401 
VAL HB   H N N 402 
VAL HG11 H N N 403 
VAL HG12 H N N 404 
VAL HG13 H N N 405 
VAL HG21 H N N 406 
VAL HG22 H N N 407 
VAL HG23 H N N 408 
VAL HXT  H N N 409 
# 
loop_
_chem_comp_bond.comp_id 
_chem_comp_bond.atom_id_1 
_chem_comp_bond.atom_id_2 
_chem_comp_bond.value_order 
_chem_comp_bond.pdbx_aromatic_flag 
_chem_comp_bond.pdbx_stereo_config 
_chem_comp_bond.pdbx_ordinal 
ALA N   CA   sing N N 1   
ALA N   H    sing N N 2   
ALA N   H2   sing N N 3   
ALA CA  C    sing N N 4   
ALA CA  CB   sing N N 5   
ALA CA  HA   sing N N 6   
ALA C   O    doub N N 7   
ALA C   OXT  sing N N 8   
ALA CB  HB1  sing N N 9   
ALA CB  HB2  sing N N 10  
ALA CB  HB3  sing N N 11  
ALA OXT HXT  sing N N 12  
ARG N   CA   sing N N 13  
ARG N   H    sing N N 14  
ARG N   H2   sing N N 15  
ARG CA  C    sing N N 16  
ARG CA  CB   sing N N 17  
ARG CA  HA   sing N N 18  
ARG C   O    doub N N 19  
ARG C   OXT  sing N N 20  
ARG CB  CG   sing N N 21  
ARG CB  HB2  sing N N 22  
ARG CB  HB3  sing N N 23  
ARG CG  CD   sing N N 24  
ARG CG  HG2  sing N N 25  
ARG CG  HG3  sing N N 26  
ARG CD  NE   sing N N 27  
ARG CD  HD2  sing N N 28  
ARG CD  HD3  sing N N 29  
ARG NE  CZ   sing N N 30  
ARG NE  HE   sing N N 31  
ARG CZ  NH1  sing N N 32  
ARG CZ  NH2  doub N N 33  
ARG NH1 HH11 sing N N 34  
ARG NH1 HH12 sing N N 35  
ARG NH2 HH21 sing N N 36  
ARG NH2 HH22 sing N N 37  
ARG OXT HXT  sing N N 38  
ASN N   CA   sing N N 39  
ASN N   H    sing N N 40  
ASN N   H2   sing N N 41  
ASN CA  C    sing N N 42  
ASN CA  CB   sing N N 43  
ASN CA  HA   sing N N 44  
ASN C   O    doub N N 45  
ASN C   OXT  sing N N 46  
ASN CB  CG   sing N N 47  
ASN CB  HB2  sing N N 48  
ASN CB  HB3  sing N N 49  
ASN CG  OD1  doub N N 50  
ASN CG  ND2  sing N N 51  
ASN ND2 HD21 sing N N 52  
ASN ND2 HD22 sing N N 53  
ASN OXT HXT  sing N N 54  
ASP N   CA   sing N N 55  
ASP N   H    sing N N 56  
ASP N   H2   sing N N 57  
ASP CA  C    sing N N 58  
ASP CA  CB   sing N N 59  
ASP CA  HA   sing N N 60  
ASP C   O    doub N N 61  
ASP C   OXT  sing N N 62  
ASP CB  CG   sing N N 63  
ASP CB  HB2  sing N N 64  
ASP CB  HB3  sing N N 65  
ASP CG  OD1  doub N N 66  
ASP CG  OD2  sing N N 67  
ASP OD2 HD2  sing N N 68  
ASP OXT HXT  sing N N 69  
CYS N   CA   sing N N 70  
CYS N   H    sing N N 71  
CYS N   H2   sing N N 72  
CYS CA  C    sing N N 73  
CYS CA  CB   sing N N 74  
CYS CA  HA   sing N N 75  
CYS C   O    doub N N 76  
CYS C   OXT  sing N N 77  
CYS CB  SG   sing N N 78  
CYS CB  HB2  sing N N 79  
CYS CB  HB3  sing N N 80  
CYS SG  HG   sing N N 81  
CYS OXT HXT  sing N N 82  
GLN N   CA   sing N N 83  
GLN N   H    sing N N 84  
GLN N   H2   sing N N 85  
GLN CA  C    sing N N 86  
GLN CA  CB   sing N N 87  
GLN CA  HA   sing N N 88  
GLN C   O    doub N N 89  
GLN C   OXT  sing N N 90  
GLN CB  CG   sing N N 91  
GLN CB  HB2  sing N N 92  
GLN CB  HB3  sing N N 93  
GLN CG  CD   sing N N 94  
GLN CG  HG2  sing N N 95  
GLN CG  HG3  sing N N 96  
GLN CD  OE1  doub N N 97  
GLN CD  NE2  sing N N 98  
GLN NE2 HE21 sing N N 99  
GLN NE2 HE22 sing N N 100 
GLN OXT HXT  sing N N 101 
GLU N   CA   sing N N 102 
GLU N   H    sing N N 103 
GLU N   H2   sing N N 104 
GLU CA  C    sing N N 105 
GLU CA  CB   sing N N 106 
GLU CA  HA   sing N N 107 
GLU C   O    doub N N 108 
GLU C   OXT  sing N N 109 
GLU CB  CG   sing N N 110 
GLU CB  HB2  sing N N 111 
GLU CB  HB3  sing N N 112 
GLU CG  CD   sing N N 113 
GLU CG  HG2  sing N N 114 
GLU CG  HG3  sing N N 115 
GLU CD  OE1  doub N N 116 
GLU CD  OE2  sing N N 117 
GLU OE2 HE2  sing N N 118 
GLU OXT HXT  sing N N 119 
GLY N   CA   sing N N 120 
GLY N   H    sing N N 121 
GLY N   H2   sing N N 122 
GLY CA  C    sing N N 123 
GLY CA  HA2  sing N N 124 
GLY CA  HA3  sing N N 125 
GLY C   O    doub N N 126 
GLY C   OXT  sing N N 127 
GLY OXT HXT  sing N N 128 
GOL C1  O1   sing N N 129 
GOL C1  C2   sing N N 130 
GOL C1  H11  sing N N 131 
GOL C1  H12  sing N N 132 
GOL O1  HO1  sing N N 133 
GOL C2  O2   sing N N 134 
GOL C2  C3   sing N N 135 
GOL C2  H2   sing N N 136 
GOL O2  HO2  sing N N 137 
GOL C3  O3   sing N N 138 
GOL C3  H31  sing N N 139 
GOL C3  H32  sing N N 140 
GOL O3  HO3  sing N N 141 
HIS N   CA   sing N N 142 
HIS N   H    sing N N 143 
HIS N   H2   sing N N 144 
HIS CA  C    sing N N 145 
HIS CA  CB   sing N N 146 
HIS CA  HA   sing N N 147 
HIS C   O    doub N N 148 
HIS C   OXT  sing N N 149 
HIS CB  CG   sing N N 150 
HIS CB  HB2  sing N N 151 
HIS CB  HB3  sing N N 152 
HIS CG  ND1  sing Y N 153 
HIS CG  CD2  doub Y N 154 
HIS ND1 CE1  doub Y N 155 
HIS ND1 HD1  sing N N 156 
HIS CD2 NE2  sing Y N 157 
HIS CD2 HD2  sing N N 158 
HIS CE1 NE2  sing Y N 159 
HIS CE1 HE1  sing N N 160 
HIS NE2 HE2  sing N N 161 
HIS OXT HXT  sing N N 162 
HOH O   H1   sing N N 163 
HOH O   H2   sing N N 164 
ILE N   CA   sing N N 165 
ILE N   H    sing N N 166 
ILE N   H2   sing N N 167 
ILE CA  C    sing N N 168 
ILE CA  CB   sing N N 169 
ILE CA  HA   sing N N 170 
ILE C   O    doub N N 171 
ILE C   OXT  sing N N 172 
ILE CB  CG1  sing N N 173 
ILE CB  CG2  sing N N 174 
ILE CB  HB   sing N N 175 
ILE CG1 CD1  sing N N 176 
ILE CG1 HG12 sing N N 177 
ILE CG1 HG13 sing N N 178 
ILE CG2 HG21 sing N N 179 
ILE CG2 HG22 sing N N 180 
ILE CG2 HG23 sing N N 181 
ILE CD1 HD11 sing N N 182 
ILE CD1 HD12 sing N N 183 
ILE CD1 HD13 sing N N 184 
ILE OXT HXT  sing N N 185 
LEU N   CA   sing N N 186 
LEU N   H    sing N N 187 
LEU N   H2   sing N N 188 
LEU CA  C    sing N N 189 
LEU CA  CB   sing N N 190 
LEU CA  HA   sing N N 191 
LEU C   O    doub N N 192 
LEU C   OXT  sing N N 193 
LEU CB  CG   sing N N 194 
LEU CB  HB2  sing N N 195 
LEU CB  HB3  sing N N 196 
LEU CG  CD1  sing N N 197 
LEU CG  CD2  sing N N 198 
LEU CG  HG   sing N N 199 
LEU CD1 HD11 sing N N 200 
LEU CD1 HD12 sing N N 201 
LEU CD1 HD13 sing N N 202 
LEU CD2 HD21 sing N N 203 
LEU CD2 HD22 sing N N 204 
LEU CD2 HD23 sing N N 205 
LEU OXT HXT  sing N N 206 
LYS N   CA   sing N N 207 
LYS N   H    sing N N 208 
LYS N   H2   sing N N 209 
LYS CA  C    sing N N 210 
LYS CA  CB   sing N N 211 
LYS CA  HA   sing N N 212 
LYS C   O    doub N N 213 
LYS C   OXT  sing N N 214 
LYS CB  CG   sing N N 215 
LYS CB  HB2  sing N N 216 
LYS CB  HB3  sing N N 217 
LYS CG  CD   sing N N 218 
LYS CG  HG2  sing N N 219 
LYS CG  HG3  sing N N 220 
LYS CD  CE   sing N N 221 
LYS CD  HD2  sing N N 222 
LYS CD  HD3  sing N N 223 
LYS CE  NZ   sing N N 224 
LYS CE  HE2  sing N N 225 
LYS CE  HE3  sing N N 226 
LYS NZ  HZ1  sing N N 227 
LYS NZ  HZ2  sing N N 228 
LYS NZ  HZ3  sing N N 229 
LYS OXT HXT  sing N N 230 
MET N   CA   sing N N 231 
MET N   H    sing N N 232 
MET N   H2   sing N N 233 
MET CA  C    sing N N 234 
MET CA  CB   sing N N 235 
MET CA  HA   sing N N 236 
MET C   O    doub N N 237 
MET C   OXT  sing N N 238 
MET CB  CG   sing N N 239 
MET CB  HB2  sing N N 240 
MET CB  HB3  sing N N 241 
MET CG  SD   sing N N 242 
MET CG  HG2  sing N N 243 
MET CG  HG3  sing N N 244 
MET SD  CE   sing N N 245 
MET CE  HE1  sing N N 246 
MET CE  HE2  sing N N 247 
MET CE  HE3  sing N N 248 
MET OXT HXT  sing N N 249 
PHE N   CA   sing N N 250 
PHE N   H    sing N N 251 
PHE N   H2   sing N N 252 
PHE CA  C    sing N N 253 
PHE CA  CB   sing N N 254 
PHE CA  HA   sing N N 255 
PHE C   O    doub N N 256 
PHE C   OXT  sing N N 257 
PHE CB  CG   sing N N 258 
PHE CB  HB2  sing N N 259 
PHE CB  HB3  sing N N 260 
PHE CG  CD1  doub Y N 261 
PHE CG  CD2  sing Y N 262 
PHE CD1 CE1  sing Y N 263 
PHE CD1 HD1  sing N N 264 
PHE CD2 CE2  doub Y N 265 
PHE CD2 HD2  sing N N 266 
PHE CE1 CZ   doub Y N 267 
PHE CE1 HE1  sing N N 268 
PHE CE2 CZ   sing Y N 269 
PHE CE2 HE2  sing N N 270 
PHE CZ  HZ   sing N N 271 
PHE OXT HXT  sing N N 272 
PO4 P   O1   doub N N 273 
PO4 P   O2   sing N N 274 
PO4 P   O3   sing N N 275 
PO4 P   O4   sing N N 276 
PRO N   CA   sing N N 277 
PRO N   CD   sing N N 278 
PRO N   H    sing N N 279 
PRO CA  C    sing N N 280 
PRO CA  CB   sing N N 281 
PRO CA  HA   sing N N 282 
PRO C   O    doub N N 283 
PRO C   OXT  sing N N 284 
PRO CB  CG   sing N N 285 
PRO CB  HB2  sing N N 286 
PRO CB  HB3  sing N N 287 
PRO CG  CD   sing N N 288 
PRO CG  HG2  sing N N 289 
PRO CG  HG3  sing N N 290 
PRO CD  HD2  sing N N 291 
PRO CD  HD3  sing N N 292 
PRO OXT HXT  sing N N 293 
SER N   CA   sing N N 294 
SER N   H    sing N N 295 
SER N   H2   sing N N 296 
SER CA  C    sing N N 297 
SER CA  CB   sing N N 298 
SER CA  HA   sing N N 299 
SER C   O    doub N N 300 
SER C   OXT  sing N N 301 
SER CB  OG   sing N N 302 
SER CB  HB2  sing N N 303 
SER CB  HB3  sing N N 304 
SER OG  HG   sing N N 305 
SER OXT HXT  sing N N 306 
THR N   CA   sing N N 307 
THR N   H    sing N N 308 
THR N   H2   sing N N 309 
THR CA  C    sing N N 310 
THR CA  CB   sing N N 311 
THR CA  HA   sing N N 312 
THR C   O    doub N N 313 
THR C   OXT  sing N N 314 
THR CB  OG1  sing N N 315 
THR CB  CG2  sing N N 316 
THR CB  HB   sing N N 317 
THR OG1 HG1  sing N N 318 
THR CG2 HG21 sing N N 319 
THR CG2 HG22 sing N N 320 
THR CG2 HG23 sing N N 321 
THR OXT HXT  sing N N 322 
TRP N   CA   sing N N 323 
TRP N   H    sing N N 324 
TRP N   H2   sing N N 325 
TRP CA  C    sing N N 326 
TRP CA  CB   sing N N 327 
TRP CA  HA   sing N N 328 
TRP C   O    doub N N 329 
TRP C   OXT  sing N N 330 
TRP CB  CG   sing N N 331 
TRP CB  HB2  sing N N 332 
TRP CB  HB3  sing N N 333 
TRP CG  CD1  doub Y N 334 
TRP CG  CD2  sing Y N 335 
TRP CD1 NE1  sing Y N 336 
TRP CD1 HD1  sing N N 337 
TRP CD2 CE2  doub Y N 338 
TRP CD2 CE3  sing Y N 339 
TRP NE1 CE2  sing Y N 340 
TRP NE1 HE1  sing N N 341 
TRP CE2 CZ2  sing Y N 342 
TRP CE3 CZ3  doub Y N 343 
TRP CE3 HE3  sing N N 344 
TRP CZ2 CH2  doub Y N 345 
TRP CZ2 HZ2  sing N N 346 
TRP CZ3 CH2  sing Y N 347 
TRP CZ3 HZ3  sing N N 348 
TRP CH2 HH2  sing N N 349 
TRP OXT HXT  sing N N 350 
TYR N   CA   sing N N 351 
TYR N   H    sing N N 352 
TYR N   H2   sing N N 353 
TYR CA  C    sing N N 354 
TYR CA  CB   sing N N 355 
TYR CA  HA   sing N N 356 
TYR C   O    doub N N 357 
TYR C   OXT  sing N N 358 
TYR CB  CG   sing N N 359 
TYR CB  HB2  sing N N 360 
TYR CB  HB3  sing N N 361 
TYR CG  CD1  doub Y N 362 
TYR CG  CD2  sing Y N 363 
TYR CD1 CE1  sing Y N 364 
TYR CD1 HD1  sing N N 365 
TYR CD2 CE2  doub Y N 366 
TYR CD2 HD2  sing N N 367 
TYR CE1 CZ   doub Y N 368 
TYR CE1 HE1  sing N N 369 
TYR CE2 CZ   sing Y N 370 
TYR CE2 HE2  sing N N 371 
TYR CZ  OH   sing N N 372 
TYR OH  HH   sing N N 373 
TYR OXT HXT  sing N N 374 
VAL N   CA   sing N N 375 
VAL N   H    sing N N 376 
VAL N   H2   sing N N 377 
VAL CA  C    sing N N 378 
VAL CA  CB   sing N N 379 
VAL CA  HA   sing N N 380 
VAL C   O    doub N N 381 
VAL C   OXT  sing N N 382 
VAL CB  CG1  sing N N 383 
VAL CB  CG2  sing N N 384 
VAL CB  HB   sing N N 385 
VAL CG1 HG11 sing N N 386 
VAL CG1 HG12 sing N N 387 
VAL CG1 HG13 sing N N 388 
VAL CG2 HG21 sing N N 389 
VAL CG2 HG22 sing N N 390 
VAL CG2 HG23 sing N N 391 
VAL OXT HXT  sing N N 392 
# 
_atom_sites.entry_id                    3C19 
_atom_sites.fract_transf_matrix[1][1]   -0.00845010 
_atom_sites.fract_transf_matrix[1][2]   -0.00260631 
_atom_sites.fract_transf_matrix[1][3]   0.00260987 
_atom_sites.fract_transf_matrix[2][1]   0.00328427 
_atom_sites.fract_transf_matrix[2][2]   -0.00828596 
_atom_sites.fract_transf_matrix[2][3]   0.00235900 
_atom_sites.fract_transf_matrix[3][1]   0.00167863 
_atom_sites.fract_transf_matrix[3][2]   0.00309168 
_atom_sites.fract_transf_matrix[3][3]   0.00852245 
_atom_sites.fract_transf_vector[1]      0.377537 
_atom_sites.fract_transf_vector[2]      0.318521 
_atom_sites.fract_transf_vector[3]      0.679136 
# 
loop_
_atom_type.symbol 
C 
N 
O 
P 
S 
# 
loop_
_atom_site.group_PDB 
_atom_site.id 
_atom_site.type_symbol 
_atom_site.label_atom_id 
_atom_site.label_alt_id 
_atom_site.label_comp_id 
_atom_site.label_asym_id 
_atom_site.label_entity_id 
_atom_site.label_seq_id 
_atom_site.pdbx_PDB_ins_code 
_atom_site.Cartn_x 
_atom_site.Cartn_y 
_atom_site.Cartn_z 
_atom_site.occupancy 
_atom_site.B_iso_or_equiv 
_atom_site.pdbx_formal_charge 
_atom_site.auth_seq_id 
_atom_site.auth_comp_id 
_atom_site.auth_asym_id 
_atom_site.auth_atom_id 
_atom_site.pdbx_PDB_model_num 
ATOM   1    N N   . SER A 1 2   ? 18.393  -18.553 0.578   1.00 111.35 ? 0   SER A N   1 
ATOM   2    C CA  . SER A 1 2   ? 17.355  -18.032 -0.359  1.00 112.57 ? 0   SER A CA  1 
ATOM   3    C C   . SER A 1 2   ? 15.932  -18.335 0.121   1.00 111.06 ? 0   SER A C   1 
ATOM   4    O O   . SER A 1 2   ? 14.960  -17.777 -0.402  1.00 111.10 ? 0   SER A O   1 
ATOM   5    C CB  . SER A 1 2   ? 17.573  -18.599 -1.768  1.00 114.33 ? 0   SER A CB  1 
ATOM   6    O OG  . SER A 1 2   ? 16.715  -17.976 -2.712  1.00 116.50 ? 0   SER A OG  1 
ATOM   7    N N   . LEU A 1 3   ? 15.782  -19.150 1.147   1.00 108.37 ? 1   LEU A N   1 
ATOM   8    C CA  . LEU A 1 3   ? 14.443  -19.471 1.616   1.00 104.81 ? 1   LEU A CA  1 
ATOM   9    C C   . LEU A 1 3   ? 14.082  -18.779 2.925   1.00 101.88 ? 1   LEU A C   1 
ATOM   10   O O   . LEU A 1 3   ? 13.143  -19.183 3.600   1.00 100.23 ? 1   LEU A O   1 
ATOM   11   C CB  . LEU A 1 3   ? 14.286  -20.972 1.763   1.00 105.35 ? 1   LEU A CB  1 
ATOM   12   C CG  . LEU A 1 3   ? 15.390  -21.673 2.556   1.00 102.60 ? 1   LEU A CG  1 
ATOM   13   C CD1 . LEU A 1 3   ? 15.585  -20.983 3.870   1.00 102.73 ? 1   LEU A CD1 1 
ATOM   14   C CD2 . LEU A 1 3   ? 14.999  -23.085 2.782   1.00 102.56 ? 1   LEU A CD2 1 
ATOM   15   N N   . GLY A 1 4   ? 14.841  -17.743 3.268   1.00 98.11  ? 2   GLY A N   1 
ATOM   16   C CA  . GLY A 1 4   ? 14.353  -16.640 4.069   1.00 92.18  ? 2   GLY A CA  1 
ATOM   17   C C   . GLY A 1 4   ? 13.828  -15.499 3.233   1.00 88.42  ? 2   GLY A C   1 
ATOM   18   O O   . GLY A 1 4   ? 13.087  -15.714 2.297   1.00 88.71  ? 2   GLY A O   1 
ATOM   19   N N   . LEU A 1 5   ? 14.209  -14.279 3.570   1.00 83.66  ? 3   LEU A N   1 
ATOM   20   C CA  . LEU A 1 5   ? 13.785  -13.139 2.782   1.00 78.89  ? 3   LEU A CA  1 
ATOM   21   C C   . LEU A 1 5   ? 14.317  -13.288 1.394   1.00 74.96  ? 3   LEU A C   1 
ATOM   22   O O   . LEU A 1 5   ? 15.428  -13.691 1.201   1.00 71.66  ? 3   LEU A O   1 
ATOM   23   C CB  . LEU A 1 5   ? 14.300  -11.824 3.359   1.00 78.29  ? 3   LEU A CB  1 
ATOM   24   C CG  . LEU A 1 5   ? 13.686  -11.285 4.631   1.00 76.18  ? 3   LEU A CG  1 
ATOM   25   C CD1 . LEU A 1 5   ? 13.685  -9.805  4.634   1.00 74.49  ? 3   LEU A CD1 1 
ATOM   26   C CD2 . LEU A 1 5   ? 12.326  -11.806 4.801   1.00 74.58  ? 3   LEU A CD2 1 
ATOM   27   N N   . ASP A 1 6   ? 13.502  -12.932 0.432   1.00 72.01  ? 4   ASP A N   1 
ATOM   28   C CA  . ASP A 1 6   ? 13.937  -12.730 -0.939  1.00 72.55  ? 4   ASP A CA  1 
ATOM   29   C C   . ASP A 1 6   ? 14.597  -11.370 -1.052  1.00 72.48  ? 4   ASP A C   1 
ATOM   30   O O   . ASP A 1 6   ? 14.087  -10.394 -0.508  1.00 73.00  ? 4   ASP A O   1 
ATOM   31   C CB  . ASP A 1 6   ? 12.734  -12.741 -1.874  1.00 74.54  ? 4   ASP A CB  1 
ATOM   32   C CG  . ASP A 1 6   ? 12.597  -14.029 -2.636  1.00 79.59  ? 4   ASP A CG  1 
ATOM   33   O OD1 . ASP A 1 6   ? 13.565  -14.419 -3.325  1.00 86.55  ? 4   ASP A OD1 1 
ATOM   34   O OD2 . ASP A 1 6   ? 11.507  -14.636 -2.567  1.00 81.03  ? 4   ASP A OD2 1 
ATOM   35   N N   . TYR A 1 7   ? 15.728  -11.305 -1.747  1.00 72.56  ? 5   TYR A N   1 
ATOM   36   C CA  . TYR A 1 7   ? 16.318  -10.019 -2.106  1.00 74.49  ? 5   TYR A CA  1 
ATOM   37   C C   . TYR A 1 7   ? 16.651  -9.974  -3.593  1.00 77.73  ? 5   TYR A C   1 
ATOM   38   O O   . TYR A 1 7   ? 17.692  -10.466 -4.032  1.00 79.93  ? 5   TYR A O   1 
ATOM   39   C CB  . TYR A 1 7   ? 17.533  -9.675  -1.240  1.00 71.57  ? 5   TYR A CB  1 
ATOM   40   C CG  . TYR A 1 7   ? 18.127  -8.319  -1.553  1.00 70.06  ? 5   TYR A CG  1 
ATOM   41   C CD1 . TYR A 1 7   ? 17.341  -7.163  -1.530  1.00 65.60  ? 5   TYR A CD1 1 
ATOM   42   C CD2 . TYR A 1 7   ? 19.476  -8.193  -1.878  1.00 70.29  ? 5   TYR A CD2 1 
ATOM   43   C CE1 . TYR A 1 7   ? 17.888  -5.920  -1.819  1.00 68.25  ? 5   TYR A CE1 1 
ATOM   44   C CE2 . TYR A 1 7   ? 20.034  -6.952  -2.166  1.00 71.42  ? 5   TYR A CE2 1 
ATOM   45   C CZ  . TYR A 1 7   ? 19.235  -5.821  -2.134  1.00 70.91  ? 5   TYR A CZ  1 
ATOM   46   O OH  . TYR A 1 7   ? 19.790  -4.597  -2.425  1.00 72.06  ? 5   TYR A OH  1 
ATOM   47   N N   . GLU A 1 8   ? 15.745  -9.370  -4.356  1.00 81.35  ? 6   GLU A N   1 
ATOM   48   C CA  . GLU A 1 8   ? 15.795  -9.381  -5.814  1.00 84.14  ? 6   GLU A CA  1 
ATOM   49   C C   . GLU A 1 8   ? 15.933  -7.961  -6.368  1.00 86.17  ? 6   GLU A C   1 
ATOM   50   O O   . GLU A 1 8   ? 15.643  -7.003  -5.654  1.00 87.46  ? 6   GLU A O   1 
ATOM   51   C CB  . GLU A 1 8   ? 14.513  -10.026 -6.367  1.00 84.60  ? 6   GLU A CB  1 
ATOM   52   C CG  . GLU A 1 8   ? 14.206  -11.437 -5.848  1.00 90.92  ? 6   GLU A CG  1 
ATOM   53   C CD  . GLU A 1 8   ? 15.271  -12.473 -6.200  1.00 94.82  ? 6   GLU A CD  1 
ATOM   54   O OE1 . GLU A 1 8   ? 15.781  -12.466 -7.342  1.00 96.24  ? 6   GLU A OE1 1 
ATOM   55   O OE2 . GLU A 1 8   ? 15.584  -13.311 -5.327  1.00 95.77  ? 6   GLU A OE2 1 
ATOM   56   N N   . PRO A 1 9   ? 16.407  -7.822  -7.632  1.00 87.54  ? 7   PRO A N   1 
ATOM   57   C CA  . PRO A 1 9   ? 16.319  -6.570  -8.396  1.00 86.53  ? 7   PRO A CA  1 
ATOM   58   C C   . PRO A 1 9   ? 14.927  -5.945  -8.395  1.00 84.42  ? 7   PRO A C   1 
ATOM   59   O O   . PRO A 1 9   ? 13.917  -6.649  -8.509  1.00 80.80  ? 7   PRO A O   1 
ATOM   60   C CB  . PRO A 1 9   ? 16.684  -7.006  -9.814  1.00 87.29  ? 7   PRO A CB  1 
ATOM   61   C CG  . PRO A 1 9   ? 17.629  -8.114  -9.610  1.00 89.06  ? 7   PRO A CG  1 
ATOM   62   C CD  . PRO A 1 9   ? 17.136  -8.854  -8.396  1.00 88.17  ? 7   PRO A CD  1 
ATOM   63   N N   . SER A 1 10  ? 14.901  -4.624  -8.275  1.00 84.42  ? 8   SER A N   1 
ATOM   64   C CA  . SER A 1 10  ? 13.667  -3.895  -8.066  1.00 84.21  ? 8   SER A CA  1 
ATOM   65   C C   . SER A 1 10  ? 13.293  -3.051  -9.270  1.00 83.82  ? 8   SER A C   1 
ATOM   66   O O   . SER A 1 10  ? 14.154  -2.466  -9.933  1.00 83.82  ? 8   SER A O   1 
ATOM   67   C CB  . SER A 1 10  ? 13.791  -3.014  -6.828  1.00 84.90  ? 8   SER A CB  1 
ATOM   68   O OG  . SER A 1 10  ? 12.623  -2.244  -6.635  1.00 86.45  ? 8   SER A OG  1 
ATOM   69   N N   . HIS A 1 11  ? 11.993  -3.000  -9.538  1.00 82.61  ? 9   HIS A N   1 
ATOM   70   C CA  . HIS A 1 11  ? 11.453  -2.208  -10.628 1.00 81.00  ? 9   HIS A CA  1 
ATOM   71   C C   . HIS A 1 11  ? 10.795  -0.948  -10.088 1.00 77.22  ? 9   HIS A C   1 
ATOM   72   O O   . HIS A 1 11  ? 10.054  -0.264  -10.789 1.00 78.34  ? 9   HIS A O   1 
ATOM   73   C CB  . HIS A 1 11  ? 10.480  -3.054  -11.444 1.00 83.60  ? 9   HIS A CB  1 
ATOM   74   C CG  . HIS A 1 11  ? 11.108  -4.288  -12.005 1.00 90.23  ? 9   HIS A CG  1 
ATOM   75   N ND1 . HIS A 1 11  ? 10.825  -5.553  -11.534 1.00 93.26  ? 9   HIS A ND1 1 
ATOM   76   C CD2 . HIS A 1 11  ? 12.042  -4.446  -12.973 1.00 91.36  ? 9   HIS A CD2 1 
ATOM   77   C CE1 . HIS A 1 11  ? 11.543  -6.437  -12.204 1.00 94.09  ? 9   HIS A CE1 1 
ATOM   78   N NE2 . HIS A 1 11  ? 12.290  -5.791  -13.081 1.00 93.76  ? 9   HIS A NE2 1 
ATOM   79   N N   . LEU A 1 12  ? 11.081  -0.650  -8.827  1.00 72.13  ? 10  LEU A N   1 
ATOM   80   C CA  . LEU A 1 12  ? 10.617  0.574   -8.215  1.00 69.31  ? 10  LEU A CA  1 
ATOM   81   C C   . LEU A 1 12  ? 11.529  1.724   -8.613  1.00 67.45  ? 10  LEU A C   1 
ATOM   82   O O   . LEU A 1 12  ? 12.757  1.569   -8.666  1.00 66.48  ? 10  LEU A O   1 
ATOM   83   C CB  . LEU A 1 12  ? 10.586  0.439   -6.697  1.00 70.18  ? 10  LEU A CB  1 
ATOM   84   C CG  . LEU A 1 12  ? 9.917   1.592   -5.954  1.00 70.24  ? 10  LEU A CG  1 
ATOM   85   C CD1 . LEU A 1 12  ? 8.461   1.281   -5.709  1.00 68.40  ? 10  LEU A CD1 1 
ATOM   86   C CD2 . LEU A 1 12  ? 10.633  1.884   -4.652  1.00 73.65  ? 10  LEU A CD2 1 
ATOM   87   N N   . MET A 1 13  ? 10.924  2.873   -8.897  1.00 64.48  ? 11  MET A N   1 
ATOM   88   C CA  . MET A 1 13  ? 11.685  4.083   -9.139  1.00 63.67  ? 11  MET A CA  1 
ATOM   89   C C   . MET A 1 13  ? 11.017  5.338   -8.601  1.00 60.49  ? 11  MET A C   1 
ATOM   90   O O   . MET A 1 13  ? 9.794   5.404   -8.470  1.00 60.47  ? 11  MET A O   1 
ATOM   91   C CB  . MET A 1 13  ? 12.026  4.230   -10.624 1.00 62.66  ? 11  MET A CB  1 
ATOM   92   C CG  . MET A 1 13  ? 10.843  4.432   -11.538 1.00 67.95  ? 11  MET A CG  1 
ATOM   93   S SD  . MET A 1 13  ? 11.186  3.742   -13.164 1.00 74.37  ? 11  MET A SD  1 
ATOM   94   C CE  . MET A 1 13  ? 10.461  2.126   -13.011 1.00 69.98  ? 11  MET A CE  1 
ATOM   95   N N   . PHE A 1 14  ? 11.844  6.324   -8.279  1.00 61.65  ? 12  PHE A N   1 
ATOM   96   C CA  . PHE A 1 14  ? 11.380  7.650   -7.923  1.00 63.33  ? 12  PHE A CA  1 
ATOM   97   C C   . PHE A 1 14  ? 11.512  8.554   -9.138  1.00 61.30  ? 12  PHE A C   1 
ATOM   98   O O   . PHE A 1 14  ? 12.609  8.712   -9.680  1.00 62.42  ? 12  PHE A O   1 
ATOM   99   C CB  . PHE A 1 14  ? 12.211  8.224   -6.770  1.00 66.70  ? 12  PHE A CB  1 
ATOM   100  C CG  . PHE A 1 14  ? 11.749  7.800   -5.402  1.00 72.97  ? 12  PHE A CG  1 
ATOM   101  C CD1 . PHE A 1 14  ? 12.515  6.937   -4.630  1.00 76.19  ? 12  PHE A CD1 1 
ATOM   102  C CD2 . PHE A 1 14  ? 10.555  8.277   -4.876  1.00 78.01  ? 12  PHE A CD2 1 
ATOM   103  C CE1 . PHE A 1 14  ? 12.093  6.550   -3.354  1.00 77.73  ? 12  PHE A CE1 1 
ATOM   104  C CE2 . PHE A 1 14  ? 10.125  7.904   -3.598  1.00 78.73  ? 12  PHE A CE2 1 
ATOM   105  C CZ  . PHE A 1 14  ? 10.894  7.033   -2.840  1.00 74.63  ? 12  PHE A CZ  1 
ATOM   106  N N   . LEU A 1 15  ? 10.399  9.129   -9.578  1.00 58.23  ? 13  LEU A N   1 
ATOM   107  C CA  . LEU A 1 15  ? 10.446  10.162  -10.605 1.00 56.02  ? 13  LEU A CA  1 
ATOM   108  C C   . LEU A 1 15  ? 10.346  11.524  -9.946  1.00 55.53  ? 13  LEU A C   1 
ATOM   109  O O   . LEU A 1 15  ? 9.408   11.806  -9.202  1.00 59.00  ? 13  LEU A O   1 
ATOM   110  C CB  . LEU A 1 15  ? 9.370   9.965   -11.674 1.00 55.59  ? 13  LEU A CB  1 
ATOM   111  C CG  . LEU A 1 15  ? 9.558   8.771   -12.616 1.00 54.67  ? 13  LEU A CG  1 
ATOM   112  C CD1 . LEU A 1 15  ? 8.650   8.910   -13.807 1.00 58.66  ? 13  LEU A CD1 1 
ATOM   113  C CD2 . LEU A 1 15  ? 10.990  8.660   -13.092 1.00 56.09  ? 13  LEU A CD2 1 
ATOM   114  N N   . VAL A 1 16  ? 11.330  12.360  -10.235 1.00 50.85  ? 14  VAL A N   1 
ATOM   115  C CA  . VAL A 1 16  ? 11.580  13.561  -9.466  1.00 50.24  ? 14  VAL A CA  1 
ATOM   116  C C   . VAL A 1 16  ? 11.620  14.776  -10.389 1.00 50.20  ? 14  VAL A C   1 
ATOM   117  O O   . VAL A 1 16  ? 12.303  14.762  -11.415 1.00 51.33  ? 14  VAL A O   1 
ATOM   118  C CB  . VAL A 1 16  ? 12.913  13.396  -8.658  1.00 50.30  ? 14  VAL A CB  1 
ATOM   119  C CG1 . VAL A 1 16  ? 13.525  14.733  -8.256  1.00 49.05  ? 14  VAL A CG1 1 
ATOM   120  C CG2 . VAL A 1 16  ? 12.698  12.512  -7.431  1.00 51.49  ? 14  VAL A CG2 1 
ATOM   121  N N   . THR A 1 17  ? 10.866  15.811  -10.034 1.00 49.12  ? 15  THR A N   1 
ATOM   122  C CA  . THR A 1 17  ? 10.958  17.087  -10.726 1.00 49.11  ? 15  THR A CA  1 
ATOM   123  C C   . THR A 1 17  ? 10.724  18.239  -9.756  1.00 48.74  ? 15  THR A C   1 
ATOM   124  O O   . THR A 1 17  ? 9.915   18.131  -8.832  1.00 48.37  ? 15  THR A O   1 
ATOM   125  C CB  . THR A 1 17  ? 10.009  17.169  -11.956 1.00 49.17  ? 15  THR A CB  1 
ATOM   126  O OG1 . THR A 1 17  ? 10.300  18.355  -12.702 1.00 51.20  ? 15  THR A OG1 1 
ATOM   127  C CG2 . THR A 1 17  ? 8.549   17.184  -11.533 1.00 53.60  ? 15  THR A CG2 1 
ATOM   128  N N   . VAL A 1 18  ? 11.465  19.325  -9.967  1.00 49.23  ? 16  VAL A N   1 
ATOM   129  C CA  . VAL A 1 18  ? 11.355  20.529  -9.149  1.00 51.12  ? 16  VAL A CA  1 
ATOM   130  C C   . VAL A 1 18  ? 10.466  21.533  -9.865  1.00 54.68  ? 16  VAL A C   1 
ATOM   131  O O   . VAL A 1 18  ? 10.711  21.884  -11.024 1.00 54.74  ? 16  VAL A O   1 
ATOM   132  C CB  . VAL A 1 18  ? 12.737  21.186  -8.873  1.00 50.21  ? 16  VAL A CB  1 
ATOM   133  C CG1 . VAL A 1 18  ? 12.602  22.343  -7.887  1.00 47.32  ? 16  VAL A CG1 1 
ATOM   134  C CG2 . VAL A 1 18  ? 13.736  20.159  -8.351  1.00 49.69  ? 16  VAL A CG2 1 
ATOM   135  N N   . LEU A 1 19  ? 9.429   21.986  -9.170  1.00 58.80  ? 17  LEU A N   1 
ATOM   136  C CA  . LEU A 1 19  ? 8.535   22.986  -9.714  1.00 64.01  ? 17  LEU A CA  1 
ATOM   137  C C   . LEU A 1 19  ? 8.606   24.262  -8.899  1.00 69.73  ? 17  LEU A C   1 
ATOM   138  O O   . LEU A 1 19  ? 8.671   24.226  -7.666  1.00 69.55  ? 17  LEU A O   1 
ATOM   139  C CB  . LEU A 1 19  ? 7.097   22.461  -9.756  1.00 61.68  ? 17  LEU A CB  1 
ATOM   140  C CG  . LEU A 1 19  ? 6.921   21.101  -10.437 1.00 64.00  ? 17  LEU A CG  1 
ATOM   141  C CD1 . LEU A 1 19  ? 5.625   20.444  -10.020 1.00 64.02  ? 17  LEU A CD1 1 
ATOM   142  C CD2 . LEU A 1 19  ? 7.021   21.222  -11.957 1.00 66.13  ? 17  LEU A CD2 1 
ATOM   143  N N   . ASP A 1 20  ? 8.621   25.384  -9.612  1.00 77.79  ? 18  ASP A N   1 
ATOM   144  C CA  . ASP A 1 20  ? 8.312   26.686  -9.041  1.00 87.47  ? 18  ASP A CA  1 
ATOM   145  C C   . ASP A 1 20  ? 6.890   26.631  -8.499  1.00 90.99  ? 18  ASP A C   1 
ATOM   146  O O   . ASP A 1 20  ? 6.018   25.985  -9.088  1.00 93.25  ? 18  ASP A O   1 
ATOM   147  C CB  . ASP A 1 20  ? 8.421   27.779  -10.114 1.00 91.38  ? 18  ASP A CB  1 
ATOM   148  C CG  . ASP A 1 20  ? 7.757   27.383  -11.444 1.00 99.99  ? 18  ASP A CG  1 
ATOM   149  O OD1 . ASP A 1 20  ? 8.489   26.984  -12.377 1.00 104.81 ? 18  ASP A OD1 1 
ATOM   150  O OD2 . ASP A 1 20  ? 6.514   27.466  -11.562 1.00 102.57 ? 18  ASP A OD2 1 
ATOM   151  N N   . ASP A 1 21  ? 6.641   27.305  -7.382  1.00 94.53  ? 19  ASP A N   1 
ATOM   152  C CA  . ASP A 1 21  ? 5.281   27.373  -6.853  1.00 97.99  ? 19  ASP A CA  1 
ATOM   153  C C   . ASP A 1 21  ? 4.453   28.467  -7.541  1.00 102.13 ? 19  ASP A C   1 
ATOM   154  O O   . ASP A 1 21  ? 3.422   28.899  -7.017  1.00 100.72 ? 19  ASP A O   1 
ATOM   155  C CB  . ASP A 1 21  ? 5.302   27.566  -5.335  1.00 96.45  ? 19  ASP A CB  1 
ATOM   156  C CG  . ASP A 1 21  ? 5.652   26.293  -4.585  1.00 92.18  ? 19  ASP A CG  1 
ATOM   157  O OD1 . ASP A 1 21  ? 5.569   26.316  -3.339  1.00 87.06  ? 19  ASP A OD1 1 
ATOM   158  O OD2 . ASP A 1 21  ? 6.006   25.276  -5.225  1.00 89.82  ? 19  ASP A OD2 1 
ATOM   159  N N   . ARG A 1 22  ? 4.917   28.900  -8.717  1.00 108.37 ? 20  ARG A N   1 
ATOM   160  C CA  . ARG A 1 22  ? 4.271   29.942  -9.523  1.00 113.47 ? 20  ARG A CA  1 
ATOM   161  C C   . ARG A 1 22  ? 2.926   29.501  -10.111 1.00 115.88 ? 20  ARG A C   1 
ATOM   162  O O   . ARG A 1 22  ? 1.997   30.306  -10.205 1.00 116.67 ? 20  ARG A O   1 
ATOM   163  C CB  . ARG A 1 22  ? 5.193   30.408  -10.661 1.00 114.45 ? 20  ARG A CB  1 
ATOM   164  C CG  . ARG A 1 22  ? 6.512   31.048  -10.232 1.00 120.43 ? 20  ARG A CG  1 
ATOM   165  C CD  . ARG A 1 22  ? 6.297   32.415  -9.598  1.00 129.71 ? 20  ARG A CD  1 
ATOM   166  N NE  . ARG A 1 22  ? 7.510   33.236  -9.620  1.00 135.97 ? 20  ARG A NE  1 
ATOM   167  C CZ  . ARG A 1 22  ? 7.692   34.299  -10.403 1.00 138.80 ? 20  ARG A CZ  1 
ATOM   168  N NH1 . ARG A 1 22  ? 6.744   34.694  -11.243 1.00 139.31 ? 20  ARG A NH1 1 
ATOM   169  N NH2 . ARG A 1 22  ? 8.832   34.975  -10.341 1.00 139.55 ? 20  ARG A NH2 1 
ATOM   170  N N   . ASP A 1 23  ? 2.837   28.232  -10.516 1.00 118.02 ? 21  ASP A N   1 
ATOM   171  C CA  . ASP A 1 23  ? 1.608   27.661  -11.079 1.00 118.78 ? 21  ASP A CA  1 
ATOM   172  C C   . ASP A 1 23  ? 0.798   26.956  -9.976  1.00 117.79 ? 21  ASP A C   1 
ATOM   173  O O   . ASP A 1 23  ? 1.099   25.823  -9.591  1.00 116.99 ? 21  ASP A O   1 
ATOM   174  C CB  . ASP A 1 23  ? 1.946   26.703  -12.230 1.00 120.59 ? 21  ASP A CB  1 
ATOM   175  C CG  . ASP A 1 23  ? 0.910   26.728  -13.346 1.00 124.51 ? 21  ASP A CG  1 
ATOM   176  O OD1 . ASP A 1 23  ? -0.274  27.024  -13.071 1.00 126.99 ? 21  ASP A OD1 1 
ATOM   177  O OD2 . ASP A 1 23  ? 1.281   26.432  -14.503 1.00 126.38 ? 21  ASP A OD2 1 
ATOM   178  N N   . GLY A 1 24  ? -0.243  27.644  -9.502  1.00 117.62 ? 22  GLY A N   1 
ATOM   179  C CA  . GLY A 1 24  ? -0.871  27.399  -8.194  1.00 117.55 ? 22  GLY A CA  1 
ATOM   180  C C   . GLY A 1 24  ? -1.596  26.100  -7.869  1.00 117.64 ? 22  GLY A C   1 
ATOM   181  O O   . GLY A 1 24  ? -1.264  25.439  -6.882  1.00 119.09 ? 22  GLY A O   1 
ATOM   182  N N   . GLU A 1 25  ? -2.599  25.749  -8.674  1.00 116.34 ? 23  GLU A N   1 
ATOM   183  C CA  . GLU A 1 25  ? -3.410  24.544  -8.441  1.00 113.53 ? 23  GLU A CA  1 
ATOM   184  C C   . GLU A 1 25  ? -2.982  23.402  -9.359  1.00 109.58 ? 23  GLU A C   1 
ATOM   185  O O   . GLU A 1 25  ? -3.755  22.480  -9.640  1.00 109.17 ? 23  GLU A O   1 
ATOM   186  C CB  . GLU A 1 25  ? -4.903  24.847  -8.616  1.00 115.00 ? 23  GLU A CB  1 
ATOM   187  C CG  . GLU A 1 25  ? -5.595  25.386  -7.364  1.00 118.96 ? 23  GLU A CG  1 
ATOM   188  C CD  . GLU A 1 25  ? -5.281  26.849  -7.087  1.00 122.59 ? 23  GLU A CD  1 
ATOM   189  O OE1 . GLU A 1 25  ? -5.631  27.710  -7.925  1.00 124.11 ? 23  GLU A OE1 1 
ATOM   190  O OE2 . GLU A 1 25  ? -4.691  27.136  -6.022  1.00 123.25 ? 23  GLU A OE2 1 
ATOM   191  N N   . VAL A 1 26  ? -1.734  23.477  -9.812  1.00 103.97 ? 24  VAL A N   1 
ATOM   192  C CA  . VAL A 1 26  ? -1.177  22.519  -10.756 1.00 98.18  ? 24  VAL A CA  1 
ATOM   193  C C   . VAL A 1 26  ? -0.830  21.182  -10.105 1.00 94.27  ? 24  VAL A C   1 
ATOM   194  O O   . VAL A 1 26  ? -1.064  20.132  -10.704 1.00 94.59  ? 24  VAL A O   1 
ATOM   195  C CB  . VAL A 1 26  ? 0.000   23.153  -11.578 1.00 98.22  ? 24  VAL A CB  1 
ATOM   196  C CG1 . VAL A 1 26  ? 1.240   22.251  -11.667 1.00 94.82  ? 24  VAL A CG1 1 
ATOM   197  C CG2 . VAL A 1 26  ? -0.488  23.536  -12.963 1.00 100.35 ? 24  VAL A CG2 1 
ATOM   198  N N   . LEU A 1 27  ? -0.330  21.216  -8.871  1.00 87.99  ? 25  LEU A N   1 
ATOM   199  C CA  . LEU A 1 27  ? 0.200   20.009  -8.236  1.00 82.87  ? 25  LEU A CA  1 
ATOM   200  C C   . LEU A 1 27  ? -0.839  19.014  -7.733  1.00 79.01  ? 25  LEU A C   1 
ATOM   201  O O   . LEU A 1 27  ? -0.693  17.817  -7.971  1.00 77.18  ? 25  LEU A O   1 
ATOM   202  C CB  . LEU A 1 27  ? 1.212   20.349  -7.143  1.00 85.01  ? 25  LEU A CB  1 
ATOM   203  C CG  . LEU A 1 27  ? 2.666   20.257  -7.612  1.00 86.19  ? 25  LEU A CG  1 
ATOM   204  C CD1 . LEU A 1 27  ? 3.577   21.062  -6.707  1.00 91.16  ? 25  LEU A CD1 1 
ATOM   205  C CD2 . LEU A 1 27  ? 3.131   18.809  -7.690  1.00 86.34  ? 25  LEU A CD2 1 
ATOM   206  N N   . GLY A 1 28  ? -1.869  19.507  -7.047  1.00 75.81  ? 26  GLY A N   1 
ATOM   207  C CA  . GLY A 1 28  ? -2.997  18.674  -6.624  1.00 72.38  ? 26  GLY A CA  1 
ATOM   208  C C   . GLY A 1 28  ? -3.685  18.000  -7.800  1.00 70.24  ? 26  GLY A C   1 
ATOM   209  O O   . GLY A 1 28  ? -3.962  16.802  -7.759  1.00 69.37  ? 26  GLY A O   1 
ATOM   210  N N   . ASP A 1 29  ? -3.929  18.783  -8.851  1.00 68.21  ? 27  ASP A N   1 
ATOM   211  C CA  . ASP A 1 29  ? -4.534  18.301  -10.090 1.00 67.03  ? 27  ASP A CA  1 
ATOM   212  C C   . ASP A 1 29  ? -3.667  17.277  -10.822 1.00 64.55  ? 27  ASP A C   1 
ATOM   213  O O   . ASP A 1 29  ? -4.184  16.277  -11.321 1.00 65.93  ? 27  ASP A O   1 
ATOM   214  C CB  . ASP A 1 29  ? -4.851  19.478  -11.020 1.00 69.86  ? 27  ASP A CB  1 
ATOM   215  C CG  . ASP A 1 29  ? -6.034  20.307  -10.543 1.00 73.63  ? 27  ASP A CG  1 
ATOM   216  O OD1 . ASP A 1 29  ? -6.079  20.660  -9.348  1.00 75.80  ? 27  ASP A OD1 1 
ATOM   217  O OD2 . ASP A 1 29  ? -6.917  20.619  -11.372 1.00 79.14  ? 27  ASP A OD2 1 
ATOM   218  N N   . ALA A 1 30  ? -2.358  17.532  -10.881 1.00 61.37  ? 28  ALA A N   1 
ATOM   219  C CA  . ALA A 1 30  ? -1.419  16.639  -11.558 1.00 58.83  ? 28  ALA A CA  1 
ATOM   220  C C   . ALA A 1 30  ? -1.302  15.312  -10.835 1.00 58.45  ? 28  ALA A C   1 
ATOM   221  O O   . ALA A 1 30  ? -1.232  14.265  -11.475 1.00 58.72  ? 28  ALA A O   1 
ATOM   222  C CB  . ALA A 1 30  ? -0.051  17.282  -11.680 1.00 60.84  ? 28  ALA A CB  1 
ATOM   223  N N   . ILE A 1 31  ? -1.279  15.370  -9.504  1.00 57.30  ? 29  ILE A N   1 
ATOM   224  C CA  . ILE A 1 31  ? -1.222  14.175  -8.665  1.00 56.95  ? 29  ILE A CA  1 
ATOM   225  C C   . ILE A 1 31  ? -2.478  13.312  -8.839  1.00 58.93  ? 29  ILE A C   1 
ATOM   226  O O   . ILE A 1 31  ? -2.368  12.088  -8.972  1.00 57.05  ? 29  ILE A O   1 
ATOM   227  C CB  . ILE A 1 31  ? -0.953  14.540  -7.178  1.00 57.51  ? 29  ILE A CB  1 
ATOM   228  C CG1 . ILE A 1 31  ? 0.532   14.880  -6.990  1.00 59.24  ? 29  ILE A CG1 1 
ATOM   229  C CG2 . ILE A 1 31  ? -1.373  13.411  -6.240  1.00 48.67  ? 29  ILE A CG2 1 
ATOM   230  C CD1 . ILE A 1 31  ? 0.866   15.610  -5.697  1.00 58.60  ? 29  ILE A CD1 1 
ATOM   231  N N   . GLN A 1 32  ? -3.651  13.957  -8.881  1.00 59.60  ? 30  GLN A N   1 
ATOM   232  C CA  . GLN A 1 32  ? -4.939  13.267  -9.083  1.00 61.86  ? 30  GLN A CA  1 
ATOM   233  C C   . GLN A 1 32  ? -5.040  12.520  -10.411 1.00 61.21  ? 30  GLN A C   1 
ATOM   234  O O   . GLN A 1 32  ? -5.699  11.483  -10.492 1.00 62.31  ? 30  GLN A O   1 
ATOM   235  C CB  . GLN A 1 32  ? -6.122  14.233  -8.953  1.00 64.79  ? 30  GLN A CB  1 
ATOM   236  C CG  . GLN A 1 32  ? -6.421  14.698  -7.534  1.00 68.18  ? 30  GLN A CG  1 
ATOM   237  C CD  . GLN A 1 32  ? -6.664  13.564  -6.560  1.00 71.67  ? 30  GLN A CD  1 
ATOM   238  O OE1 . GLN A 1 32  ? -7.594  12.774  -6.728  1.00 77.95  ? 30  GLN A OE1 1 
ATOM   239  N NE2 . GLN A 1 32  ? -5.831  13.483  -5.528  1.00 68.15  ? 30  GLN A NE2 1 
ATOM   240  N N   . LYS A 1 33  ? -4.403  13.056  -11.450 1.00 60.88  ? 31  LYS A N   1 
ATOM   241  C CA  . LYS A 1 33  ? -4.306  12.355  -12.726 1.00 61.29  ? 31  LYS A CA  1 
ATOM   242  C C   . LYS A 1 33  ? -3.190  11.317  -12.704 1.00 61.63  ? 31  LYS A C   1 
ATOM   243  O O   . LYS A 1 33  ? -3.296  10.280  -13.352 1.00 63.74  ? 31  LYS A O   1 
ATOM   244  C CB  . LYS A 1 33  ? -4.109  13.329  -13.895 1.00 61.85  ? 31  LYS A CB  1 
ATOM   245  C CG  . LYS A 1 33  ? -5.399  13.766  -14.604 1.00 63.68  ? 31  LYS A CG  1 
ATOM   246  C CD  . LYS A 1 33  ? -5.893  15.137  -14.131 1.00 74.23  ? 31  LYS A CD  1 
ATOM   247  C CE  . LYS A 1 33  ? -6.891  15.043  -12.973 1.00 77.75  ? 31  LYS A CE  1 
ATOM   248  N NZ  . LYS A 1 33  ? -7.199  16.381  -12.383 1.00 76.27  ? 31  LYS A NZ  1 
ATOM   249  N N   . LEU A 1 34  ? -2.130  11.597  -11.951 1.00 62.20  ? 32  LEU A N   1 
ATOM   250  C CA  . LEU A 1 34  ? -0.957  10.725  -11.905 1.00 64.34  ? 32  LEU A CA  1 
ATOM   251  C C   . LEU A 1 34  ? -1.287  9.381   -11.257 1.00 64.55  ? 32  LEU A C   1 
ATOM   252  O O   . LEU A 1 34  ? -0.831  8.336   -11.720 1.00 65.20  ? 32  LEU A O   1 
ATOM   253  C CB  . LEU A 1 34  ? 0.183   11.425  -11.156 1.00 65.35  ? 32  LEU A CB  1 
ATOM   254  C CG  . LEU A 1 34  ? 1.566   11.602  -11.792 1.00 65.19  ? 32  LEU A CG  1 
ATOM   255  C CD1 . LEU A 1 34  ? 1.489   11.735  -13.293 1.00 62.94  ? 32  LEU A CD1 1 
ATOM   256  C CD2 . LEU A 1 34  ? 2.230   12.839  -11.207 1.00 64.47  ? 32  LEU A CD2 1 
ATOM   257  N N   . ILE A 1 35  ? -2.118  9.420   -10.215 1.00 66.34  ? 33  ILE A N   1 
ATOM   258  C CA  . ILE A 1 35  ? -2.501  8.225   -9.448  1.00 68.52  ? 33  ILE A CA  1 
ATOM   259  C C   . ILE A 1 35  ? -3.505  7.316   -10.166 1.00 70.37  ? 33  ILE A C   1 
ATOM   260  O O   . ILE A 1 35  ? -3.703  6.169   -9.760  1.00 70.01  ? 33  ILE A O   1 
ATOM   261  C CB  . ILE A 1 35  ? -3.066  8.584   -8.047  1.00 67.20  ? 33  ILE A CB  1 
ATOM   262  C CG1 . ILE A 1 35  ? -4.282  9.512   -8.177  1.00 67.64  ? 33  ILE A CG1 1 
ATOM   263  C CG2 . ILE A 1 35  ? -1.967  9.178   -7.160  1.00 63.71  ? 33  ILE A CG2 1 
ATOM   264  C CD1 . ILE A 1 35  ? -5.103  9.658   -6.925  1.00 65.18  ? 33  ILE A CD1 1 
ATOM   265  N N   . GLU A 1 36  ? -4.132  7.837   -11.224 1.00 72.90  ? 34  GLU A N   1 
ATOM   266  C CA  . GLU A 1 36  ? -5.091  7.082   -12.038 1.00 74.27  ? 34  GLU A CA  1 
ATOM   267  C C   . GLU A 1 36  ? -4.485  5.863   -12.731 1.00 76.00  ? 34  GLU A C   1 
ATOM   268  O O   . GLU A 1 36  ? -5.203  4.918   -13.070 1.00 78.02  ? 34  GLU A O   1 
ATOM   269  C CB  . GLU A 1 36  ? -5.722  7.976   -13.103 1.00 72.89  ? 34  GLU A CB  1 
ATOM   270  C CG  . GLU A 1 36  ? -6.933  8.766   -12.650 1.00 73.07  ? 34  GLU A CG  1 
ATOM   271  C CD  . GLU A 1 36  ? -7.570  9.551   -13.788 1.00 76.80  ? 34  GLU A CD  1 
ATOM   272  O OE1 . GLU A 1 36  ? -7.316  9.223   -14.970 1.00 81.71  ? 34  GLU A OE1 1 
ATOM   273  O OE2 . GLU A 1 36  ? -8.330  10.500  -13.501 1.00 80.73  ? 34  GLU A OE2 1 
ATOM   274  N N   . ARG A 1 37  ? -3.177  5.886   -12.959 1.00 76.36  ? 35  ARG A N   1 
ATOM   275  C CA  . ARG A 1 37  ? -2.535  4.744   -13.574 1.00 78.43  ? 35  ARG A CA  1 
ATOM   276  C C   . ARG A 1 37  ? -1.974  3.778   -12.539 1.00 81.61  ? 35  ARG A C   1 
ATOM   277  O O   . ARG A 1 37  ? -1.529  4.186   -11.464 1.00 82.96  ? 35  ARG A O   1 
ATOM   278  C CB  . ARG A 1 37  ? -1.514  5.169   -14.633 1.00 77.89  ? 35  ARG A CB  1 
ATOM   279  C CG  . ARG A 1 37  ? -0.237  5.828   -14.148 1.00 78.30  ? 35  ARG A CG  1 
ATOM   280  C CD  . ARG A 1 37  ? 0.492   6.471   -15.334 1.00 78.93  ? 35  ARG A CD  1 
ATOM   281  N NE  . ARG A 1 37  ? 0.345   5.677   -16.558 1.00 79.15  ? 35  ARG A NE  1 
ATOM   282  C CZ  . ARG A 1 37  ? 0.297   6.171   -17.796 1.00 79.37  ? 35  ARG A CZ  1 
ATOM   283  N NH1 . ARG A 1 37  ? 0.378   7.470   -18.018 1.00 78.65  ? 35  ARG A NH1 1 
ATOM   284  N NH2 . ARG A 1 37  ? 0.153   5.351   -18.826 1.00 80.06  ? 35  ARG A NH2 1 
ATOM   285  N N   . GLU A 1 38  ? -2.032  2.497   -12.898 1.00 85.46  ? 36  GLU A N   1 
ATOM   286  C CA  . GLU A 1 38  ? -1.754  1.350   -12.030 1.00 86.13  ? 36  GLU A CA  1 
ATOM   287  C C   . GLU A 1 38  ? -0.422  1.394   -11.292 1.00 85.56  ? 36  GLU A C   1 
ATOM   288  O O   . GLU A 1 38  ? -0.326  1.045   -10.112 1.00 86.87  ? 36  GLU A O   1 
ATOM   289  C CB  . GLU A 1 38  ? -1.796  0.076   -12.886 1.00 87.58  ? 36  GLU A CB  1 
ATOM   290  C CG  . GLU A 1 38  ? -2.010  -1.199  -12.105 1.00 91.82  ? 36  GLU A CG  1 
ATOM   291  C CD  . GLU A 1 38  ? -3.204  -1.107  -11.177 1.00 99.70  ? 36  GLU A CD  1 
ATOM   292  O OE1 . GLU A 1 38  ? -4.294  -0.686  -11.629 1.00 103.86 ? 36  GLU A OE1 1 
ATOM   293  O OE2 . GLU A 1 38  ? -3.052  -1.464  -9.989  1.00 103.45 ? 36  GLU A OE2 1 
ATOM   294  N N   . GLU A 1 39  ? 0.589   1.843   -12.016 1.00 83.53  ? 37  GLU A N   1 
ATOM   295  C CA  . GLU A 1 39  ? 1.981   1.679   -11.650 1.00 81.93  ? 37  GLU A CA  1 
ATOM   296  C C   . GLU A 1 39  ? 2.521   2.814   -10.779 1.00 78.28  ? 37  GLU A C   1 
ATOM   297  O O   . GLU A 1 39  ? 3.593   2.689   -10.191 1.00 78.83  ? 37  GLU A O   1 
ATOM   298  C CB  . GLU A 1 39  ? 2.814   1.512   -12.923 1.00 83.41  ? 37  GLU A CB  1 
ATOM   299  C CG  . GLU A 1 39  ? 2.355   2.363   -14.111 1.00 92.19  ? 37  GLU A CG  1 
ATOM   300  C CD  . GLU A 1 39  ? 1.220   1.732   -14.910 1.00 98.52  ? 37  GLU A CD  1 
ATOM   301  O OE1 . GLU A 1 39  ? 0.143   2.355   -14.995 1.00 99.30  ? 37  GLU A OE1 1 
ATOM   302  O OE2 . GLU A 1 39  ? 1.397   0.615   -15.441 1.00 102.02 ? 37  GLU A OE2 1 
ATOM   303  N N   . VAL A 1 40  ? 1.776   3.912   -10.694 1.00 73.87  ? 38  VAL A N   1 
ATOM   304  C CA  . VAL A 1 40  ? 2.103   4.982   -9.759  1.00 70.67  ? 38  VAL A CA  1 
ATOM   305  C C   . VAL A 1 40  ? 1.658   4.551   -8.358  1.00 69.32  ? 38  VAL A C   1 
ATOM   306  O O   . VAL A 1 40  ? 0.463   4.390   -8.088  1.00 68.88  ? 38  VAL A O   1 
ATOM   307  C CB  . VAL A 1 40  ? 1.477   6.335   -10.180 1.00 69.42  ? 38  VAL A CB  1 
ATOM   308  C CG1 . VAL A 1 40  ? 1.597   7.365   -9.071  1.00 69.34  ? 38  VAL A CG1 1 
ATOM   309  C CG2 . VAL A 1 40  ? 2.154   6.851   -11.437 1.00 70.73  ? 38  VAL A CG2 1 
ATOM   310  N N   . LEU A 1 41  ? 2.634   4.335   -7.484  1.00 66.60  ? 39  LEU A N   1 
ATOM   311  C CA  . LEU A 1 41  ? 2.360   3.854   -6.135  1.00 64.47  ? 39  LEU A CA  1 
ATOM   312  C C   . LEU A 1 41  ? 1.977   4.986   -5.195  1.00 63.09  ? 39  LEU A C   1 
ATOM   313  O O   . LEU A 1 41  ? 1.046   4.848   -4.397  1.00 65.21  ? 39  LEU A O   1 
ATOM   314  C CB  . LEU A 1 41  ? 3.558   3.082   -5.573  1.00 63.40  ? 39  LEU A CB  1 
ATOM   315  C CG  . LEU A 1 41  ? 4.002   1.785   -6.260  1.00 62.85  ? 39  LEU A CG  1 
ATOM   316  C CD1 . LEU A 1 41  ? 4.843   0.974   -5.306  1.00 61.20  ? 39  LEU A CD1 1 
ATOM   317  C CD2 . LEU A 1 41  ? 2.824   0.939   -6.738  1.00 67.37  ? 39  LEU A CD2 1 
ATOM   318  N N   . ALA A 1 42  ? 2.698   6.100   -5.302  1.00 60.78  ? 40  ALA A N   1 
ATOM   319  C CA  . ALA A 1 42  ? 2.511   7.239   -4.418  1.00 57.29  ? 40  ALA A CA  1 
ATOM   320  C C   . ALA A 1 42  ? 2.993   8.527   -5.069  1.00 55.93  ? 40  ALA A C   1 
ATOM   321  O O   . ALA A 1 42  ? 3.879   8.507   -5.930  1.00 56.11  ? 40  ALA A O   1 
ATOM   322  C CB  . ALA A 1 42  ? 3.250   7.010   -3.115  1.00 58.40  ? 40  ALA A CB  1 
ATOM   323  N N   . CYS A 1 43  ? 2.399   9.640   -4.653  1.00 52.77  ? 41  CYS A N   1 
ATOM   324  C CA  . CYS A 1 43  ? 2.861   10.961  -5.053  1.00 52.34  ? 41  CYS A CA  1 
ATOM   325  C C   . CYS A 1 43  ? 2.940   11.877  -3.850  1.00 53.28  ? 41  CYS A C   1 
ATOM   326  O O   . CYS A 1 43  ? 2.062   11.862  -2.979  1.00 51.98  ? 41  CYS A O   1 
ATOM   327  C CB  . CYS A 1 43  ? 1.930   11.574  -6.089  1.00 51.59  ? 41  CYS A CB  1 
ATOM   328  S SG  . CYS A 1 43  ? 1.865   10.673  -7.625  1.00 53.22  ? 41  CYS A SG  1 
ATOM   329  N N   . HIS A 1 44  ? 4.000   12.673  -3.811  1.00 54.38  ? 42  HIS A N   1 
ATOM   330  C CA  . HIS A 1 44  ? 4.161   13.689  -2.790  1.00 54.64  ? 42  HIS A CA  1 
ATOM   331  C C   . HIS A 1 44  ? 4.939   14.865  -3.356  1.00 56.55  ? 42  HIS A C   1 
ATOM   332  O O   . HIS A 1 44  ? 5.984   14.680  -3.988  1.00 57.26  ? 42  HIS A O   1 
ATOM   333  C CB  . HIS A 1 44  ? 4.869   13.118  -1.557  1.00 54.53  ? 42  HIS A CB  1 
ATOM   334  C CG  . HIS A 1 44  ? 5.002   14.094  -0.429  1.00 53.83  ? 42  HIS A CG  1 
ATOM   335  N ND1 . HIS A 1 44  ? 3.913   14.688  0.171   1.00 53.12  ? 42  HIS A ND1 1 
ATOM   336  C CD2 . HIS A 1 44  ? 6.093   14.567  0.219   1.00 52.09  ? 42  HIS A CD2 1 
ATOM   337  C CE1 . HIS A 1 44  ? 4.328   15.492  1.134   1.00 52.81  ? 42  HIS A CE1 1 
ATOM   338  N NE2 . HIS A 1 44  ? 5.646   15.436  1.185   1.00 54.12  ? 42  HIS A NE2 1 
ATOM   339  N N   . ALA A 1 45  ? 4.411   16.068  -3.145  1.00 56.64  ? 43  ALA A N   1 
ATOM   340  C CA  . ALA A 1 45  ? 5.142   17.289  -3.444  1.00 57.03  ? 43  ALA A CA  1 
ATOM   341  C C   . ALA A 1 45  ? 5.853   17.732  -2.174  1.00 57.66  ? 43  ALA A C   1 
ATOM   342  O O   . ALA A 1 45  ? 5.219   18.195  -1.221  1.00 57.80  ? 43  ALA A O   1 
ATOM   343  C CB  . ALA A 1 45  ? 4.205   18.373  -3.951  1.00 57.82  ? 43  ALA A CB  1 
ATOM   344  N N   . VAL A 1 46  ? 7.171   17.555  -2.167  1.00 56.80  ? 44  VAL A N   1 
ATOM   345  C CA  . VAL A 1 46  ? 8.017   17.907  -1.032  1.00 55.57  ? 44  VAL A CA  1 
ATOM   346  C C   . VAL A 1 46  ? 8.313   19.404  -1.092  1.00 56.62  ? 44  VAL A C   1 
ATOM   347  O O   . VAL A 1 46  ? 8.890   19.864  -2.070  1.00 56.37  ? 44  VAL A O   1 
ATOM   348  C CB  . VAL A 1 46  ? 9.357   17.130  -1.070  1.00 55.96  ? 44  VAL A CB  1 
ATOM   349  C CG1 . VAL A 1 46  ? 10.171  17.407  0.169   1.00 54.03  ? 44  VAL A CG1 1 
ATOM   350  C CG2 . VAL A 1 46  ? 9.125   15.627  -1.219  1.00 57.57  ? 44  VAL A CG2 1 
ATOM   351  N N   . PRO A 1 47  ? 7.944   20.161  -0.038  1.00 59.72  ? 45  PRO A N   1 
ATOM   352  C CA  . PRO A 1 47  ? 8.212   21.603  -0.035  1.00 61.46  ? 45  PRO A CA  1 
ATOM   353  C C   . PRO A 1 47  ? 9.707   21.831  0.074   1.00 64.35  ? 45  PRO A C   1 
ATOM   354  O O   . PRO A 1 47  ? 10.387  21.090  0.785   1.00 67.08  ? 45  PRO A O   1 
ATOM   355  C CB  . PRO A 1 47  ? 7.519   22.101  1.237   1.00 60.23  ? 45  PRO A CB  1 
ATOM   356  C CG  . PRO A 1 47  ? 6.679   20.969  1.721   1.00 61.83  ? 45  PRO A CG  1 
ATOM   357  C CD  . PRO A 1 47  ? 7.305   19.721  1.213   1.00 61.23  ? 45  PRO A CD  1 
ATOM   358  N N   . CYS A 1 48  ? 10.216  22.820  -0.652  1.00 63.04  ? 46  CYS A N   1 
ATOM   359  C CA  . CYS A 1 48  ? 11.646  23.077  -0.666  1.00 61.15  ? 46  CYS A CA  1 
ATOM   360  C C   . CYS A 1 48  ? 11.946  24.549  -0.874  1.00 60.62  ? 46  CYS A C   1 
ATOM   361  O O   . CYS A 1 48  ? 11.088  25.319  -1.312  1.00 55.51  ? 46  CYS A O   1 
ATOM   362  C CB  . CYS A 1 48  ? 12.333  22.238  -1.748  1.00 61.81  ? 46  CYS A CB  1 
ATOM   363  S SG  . CYS A 1 48  ? 11.829  22.628  -3.448  1.00 64.51  ? 46  CYS A SG  1 
ATOM   364  N N   . VAL A 1 49  ? 13.174  24.931  -0.539  1.00 62.80  ? 47  VAL A N   1 
ATOM   365  C CA  . VAL A 1 49  ? 13.674  26.263  -0.825  1.00 66.55  ? 47  VAL A CA  1 
ATOM   366  C C   . VAL A 1 49  ? 14.427  26.184  -2.140  1.00 68.39  ? 47  VAL A C   1 
ATOM   367  O O   . VAL A 1 49  ? 15.392  25.428  -2.261  1.00 68.80  ? 47  VAL A O   1 
ATOM   368  C CB  . VAL A 1 49  ? 14.637  26.763  0.275   1.00 67.29  ? 47  VAL A CB  1 
ATOM   369  C CG1 . VAL A 1 49  ? 15.065  28.204  0.008   1.00 65.69  ? 47  VAL A CG1 1 
ATOM   370  C CG2 . VAL A 1 49  ? 14.001  26.634  1.653   1.00 69.33  ? 47  VAL A CG2 1 
ATOM   371  N N   . THR A 1 50  ? 13.980  26.947  -3.130  1.00 72.11  ? 48  THR A N   1 
ATOM   372  C CA  . THR A 1 50  ? 14.725  27.036  -4.377  1.00 75.02  ? 48  THR A CA  1 
ATOM   373  C C   . THR A 1 50  ? 15.560  28.308  -4.428  1.00 78.87  ? 48  THR A C   1 
ATOM   374  O O   . THR A 1 50  ? 15.752  28.996  -3.418  1.00 80.18  ? 48  THR A O   1 
ATOM   375  C CB  . THR A 1 50  ? 13.845  26.868  -5.653  1.00 74.31  ? 48  THR A CB  1 
ATOM   376  O OG1 . THR A 1 50  ? 12.909  27.947  -5.754  1.00 74.31  ? 48  THR A OG1 1 
ATOM   377  C CG2 . THR A 1 50  ? 13.103  25.534  -5.638  1.00 73.39  ? 48  THR A CG2 1 
ATOM   378  N N   . LYS A 1 51  ? 15.989  28.627  -5.642  1.00 82.77  ? 49  LYS A N   1 
ATOM   379  C CA  . LYS A 1 51  ? 17.247  29.316  -5.921  1.00 87.86  ? 49  LYS A CA  1 
ATOM   380  C C   . LYS A 1 51  ? 17.373  30.787  -5.518  1.00 90.96  ? 49  LYS A C   1 
ATOM   381  O O   . LYS A 1 51  ? 18.440  31.218  -5.068  1.00 93.14  ? 49  LYS A O   1 
ATOM   382  C CB  . LYS A 1 51  ? 17.574  29.156  -7.405  1.00 87.57  ? 49  LYS A CB  1 
ATOM   383  C CG  . LYS A 1 51  ? 16.903  27.942  -8.064  1.00 86.72  ? 49  LYS A CG  1 
ATOM   384  C CD  . LYS A 1 51  ? 17.868  27.051  -8.848  1.00 87.66  ? 49  LYS A CD  1 
ATOM   385  C CE  . LYS A 1 51  ? 18.924  27.831  -9.636  1.00 88.65  ? 49  LYS A CE  1 
ATOM   386  N NZ  . LYS A 1 51  ? 20.202  28.008  -8.875  1.00 85.39  ? 49  LYS A NZ  1 
ATOM   387  N N   . LYS A 1 52  ? 16.310  31.559  -5.707  1.00 92.56  ? 50  LYS A N   1 
ATOM   388  C CA  . LYS A 1 52  ? 16.309  32.953  -5.276  1.00 94.57  ? 50  LYS A CA  1 
ATOM   389  C C   . LYS A 1 52  ? 15.391  33.101  -4.065  1.00 94.03  ? 50  LYS A C   1 
ATOM   390  O O   . LYS A 1 52  ? 14.409  33.851  -4.094  1.00 94.52  ? 50  LYS A O   1 
ATOM   391  C CB  . LYS A 1 52  ? 15.931  33.883  -6.436  1.00 96.29  ? 50  LYS A CB  1 
ATOM   392  C CG  . LYS A 1 52  ? 17.128  34.289  -7.294  1.00 98.96  ? 50  LYS A CG  1 
ATOM   393  C CD  . LYS A 1 52  ? 16.731  34.587  -8.733  1.00 105.60 ? 50  LYS A CD  1 
ATOM   394  C CE  . LYS A 1 52  ? 17.881  35.233  -9.499  1.00 109.58 ? 50  LYS A CE  1 
ATOM   395  N NZ  . LYS A 1 52  ? 17.548  35.474  -10.935 1.00 110.85 ? 50  LYS A NZ  1 
ATOM   396  N N   . ASN A 1 53  ? 15.762  32.379  -3.001  1.00 92.74  ? 51  ASN A N   1 
ATOM   397  C CA  . ASN A 1 53  ? 14.913  32.079  -1.830  1.00 92.04  ? 51  ASN A CA  1 
ATOM   398  C C   . ASN A 1 53  ? 13.422  31.958  -2.164  1.00 90.55  ? 51  ASN A C   1 
ATOM   399  O O   . ASN A 1 53  ? 12.549  32.561  -1.531  1.00 90.95  ? 51  ASN A O   1 
ATOM   400  C CB  . ASN A 1 53  ? 15.188  33.033  -0.655  1.00 92.92  ? 51  ASN A CB  1 
ATOM   401  C CG  . ASN A 1 53  ? 14.445  32.628  0.623   1.00 96.88  ? 51  ASN A CG  1 
ATOM   402  O OD1 . ASN A 1 53  ? 14.214  31.445  0.882   1.00 97.48  ? 51  ASN A OD1 1 
ATOM   403  N ND2 . ASN A 1 53  ? 14.060  33.621  1.419   1.00 99.08  ? 51  ASN A ND2 1 
ATOM   404  N N   . ARG A 1 54  ? 13.155  31.168  -3.192  1.00 88.69  ? 52  ARG A N   1 
ATOM   405  C CA  . ARG A 1 54  ? 11.815  31.004  -3.695  1.00 87.25  ? 52  ARG A CA  1 
ATOM   406  C C   . ARG A 1 54  ? 11.334  29.637  -3.259  1.00 83.62  ? 52  ARG A C   1 
ATOM   407  O O   . ARG A 1 54  ? 12.093  28.675  -3.309  1.00 82.54  ? 52  ARG A O   1 
ATOM   408  C CB  . ARG A 1 54  ? 11.812  31.127  -5.215  1.00 88.52  ? 52  ARG A CB  1 
ATOM   409  C CG  . ARG A 1 54  ? 10.610  31.861  -5.759  1.00 94.22  ? 52  ARG A CG  1 
ATOM   410  C CD  . ARG A 1 54  ? 11.034  32.988  -6.674  1.00 102.40 ? 52  ARG A CD  1 
ATOM   411  N NE  . ARG A 1 54  ? 11.130  32.565  -8.068  1.00 108.83 ? 52  ARG A NE  1 
ATOM   412  C CZ  . ARG A 1 54  ? 12.238  32.127  -8.660  1.00 112.38 ? 52  ARG A CZ  1 
ATOM   413  N NH1 . ARG A 1 54  ? 13.383  32.045  -7.993  1.00 112.37 ? 52  ARG A NH1 1 
ATOM   414  N NH2 . ARG A 1 54  ? 12.203  31.775  -9.937  1.00 115.88 ? 52  ARG A NH2 1 
ATOM   415  N N   . PRO A 1 55  ? 10.075  29.550  -2.800  1.00 80.65  ? 53  PRO A N   1 
ATOM   416  C CA  . PRO A 1 55  ? 9.543   28.264  -2.376  1.00 77.45  ? 53  PRO A CA  1 
ATOM   417  C C   . PRO A 1 55  ? 9.210   27.407  -3.580  1.00 73.01  ? 53  PRO A C   1 
ATOM   418  O O   . PRO A 1 55  ? 8.612   27.884  -4.551  1.00 73.06  ? 53  PRO A O   1 
ATOM   419  C CB  . PRO A 1 55  ? 8.259   28.626  -1.620  1.00 78.45  ? 53  PRO A CB  1 
ATOM   420  C CG  . PRO A 1 55  ? 8.160   30.105  -1.636  1.00 80.42  ? 53  PRO A CG  1 
ATOM   421  C CD  . PRO A 1 55  ? 9.085   30.629  -2.660  1.00 80.73  ? 53  PRO A CD  1 
ATOM   422  N N   . GLY A 1 56  ? 9.627   26.154  -3.522  1.00 67.84  ? 54  GLY A N   1 
ATOM   423  C CA  . GLY A 1 56  ? 9.310   25.217  -4.565  1.00 60.42  ? 54  GLY A CA  1 
ATOM   424  C C   . GLY A 1 56  ? 8.719   23.969  -3.966  1.00 56.76  ? 54  GLY A C   1 
ATOM   425  O O   . GLY A 1 56  ? 8.582   23.843  -2.744  1.00 55.13  ? 54  GLY A O   1 
ATOM   426  N N   . HIS A 1 57  ? 8.355   23.050  -4.845  1.00 54.47  ? 55  HIS A N   1 
ATOM   427  C CA  . HIS A 1 57  ? 8.087   21.691  -4.445  1.00 52.28  ? 55  HIS A CA  1 
ATOM   428  C C   . HIS A 1 57  ? 8.833   20.762  -5.372  1.00 51.06  ? 55  HIS A C   1 
ATOM   429  O O   . HIS A 1 57  ? 8.874   20.977  -6.585  1.00 50.50  ? 55  HIS A O   1 
ATOM   430  C CB  . HIS A 1 57  ? 6.593   21.372  -4.471  1.00 53.41  ? 55  HIS A CB  1 
ATOM   431  C CG  . HIS A 1 57  ? 5.829   21.956  -3.326  1.00 54.20  ? 55  HIS A CG  1 
ATOM   432  N ND1 . HIS A 1 57  ? 5.489   23.291  -3.270  1.00 55.39  ? 55  HIS A ND1 1 
ATOM   433  C CD2 . HIS A 1 57  ? 5.327   21.393  -2.201  1.00 57.93  ? 55  HIS A CD2 1 
ATOM   434  C CE1 . HIS A 1 57  ? 4.819   23.526  -2.155  1.00 58.96  ? 55  HIS A CE1 1 
ATOM   435  N NE2 . HIS A 1 57  ? 4.707   22.391  -1.489  1.00 58.57  ? 55  HIS A NE2 1 
ATOM   436  N N   . VAL A 1 58  ? 9.445   19.742  -4.789  1.00 49.24  ? 56  VAL A N   1 
ATOM   437  C CA  . VAL A 1 58  ? 9.966   18.640  -5.561  1.00 47.82  ? 56  VAL A CA  1 
ATOM   438  C C   . VAL A 1 58  ? 8.851   17.608  -5.633  1.00 52.01  ? 56  VAL A C   1 
ATOM   439  O O   . VAL A 1 58  ? 8.542   16.943  -4.633  1.00 53.94  ? 56  VAL A O   1 
ATOM   440  C CB  . VAL A 1 58  ? 11.213  18.013  -4.918  1.00 44.73  ? 56  VAL A CB  1 
ATOM   441  C CG1 . VAL A 1 58  ? 11.730  16.869  -5.776  1.00 39.78  ? 56  VAL A CG1 1 
ATOM   442  C CG2 . VAL A 1 58  ? 12.297  19.059  -4.714  1.00 44.40  ? 56  VAL A CG2 1 
ATOM   443  N N   . LEU A 1 59  ? 8.222   17.504  -6.803  1.00 51.70  ? 57  LEU A N   1 
ATOM   444  C CA  . LEU A 1 59  ? 7.239   16.460  -7.035  1.00 49.53  ? 57  LEU A CA  1 
ATOM   445  C C   . LEU A 1 59  ? 7.969   15.134  -7.114  1.00 48.48  ? 57  LEU A C   1 
ATOM   446  O O   . LEU A 1 59  ? 8.895   14.959  -7.905  1.00 49.54  ? 57  LEU A O   1 
ATOM   447  C CB  . LEU A 1 59  ? 6.426   16.709  -8.312  1.00 51.16  ? 57  LEU A CB  1 
ATOM   448  C CG  . LEU A 1 59  ? 5.483   15.580  -8.767  1.00 53.10  ? 57  LEU A CG  1 
ATOM   449  C CD1 . LEU A 1 59  ? 4.411   15.225  -7.715  1.00 56.22  ? 57  LEU A CD1 1 
ATOM   450  C CD2 . LEU A 1 59  ? 4.832   15.924  -10.098 1.00 52.14  ? 57  LEU A CD2 1 
ATOM   451  N N   . VAL A 1 60  ? 7.554   14.212  -6.257  1.00 48.51  ? 58  VAL A N   1 
ATOM   452  C CA  . VAL A 1 60  ? 8.195   12.918  -6.139  1.00 49.22  ? 58  VAL A CA  1 
ATOM   453  C C   . VAL A 1 60  ? 7.148   11.829  -6.392  1.00 51.45  ? 58  VAL A C   1 
ATOM   454  O O   . VAL A 1 60  ? 6.164   11.710  -5.658  1.00 52.94  ? 58  VAL A O   1 
ATOM   455  C CB  . VAL A 1 60  ? 8.852   12.746  -4.744  1.00 51.67  ? 58  VAL A CB  1 
ATOM   456  C CG1 . VAL A 1 60  ? 9.426   11.373  -4.594  1.00 50.71  ? 58  VAL A CG1 1 
ATOM   457  C CG2 . VAL A 1 60  ? 9.950   13.781  -4.517  1.00 48.53  ? 58  VAL A CG2 1 
ATOM   458  N N   . VAL A 1 61  ? 7.368   11.051  -7.448  1.00 49.58  ? 59  VAL A N   1 
ATOM   459  C CA  . VAL A 1 61  ? 6.420   10.033  -7.883  1.00 48.40  ? 59  VAL A CA  1 
ATOM   460  C C   . VAL A 1 61  ? 7.038   8.649   -7.735  1.00 50.72  ? 59  VAL A C   1 
ATOM   461  O O   . VAL A 1 61  ? 8.076   8.348   -8.330  1.00 48.41  ? 59  VAL A O   1 
ATOM   462  C CB  . VAL A 1 61  ? 5.985   10.248  -9.352  1.00 48.46  ? 59  VAL A CB  1 
ATOM   463  C CG1 . VAL A 1 61  ? 4.908   9.249   -9.739  1.00 51.87  ? 59  VAL A CG1 1 
ATOM   464  C CG2 . VAL A 1 61  ? 5.484   11.666  -9.569  1.00 46.74  ? 59  VAL A CG2 1 
ATOM   465  N N   . LEU A 1 62  ? 6.395   7.812   -6.930  1.00 52.92  ? 60  LEU A N   1 
ATOM   466  C CA  . LEU A 1 62  ? 6.882   6.467   -6.684  1.00 55.10  ? 60  LEU A CA  1 
ATOM   467  C C   . LEU A 1 62  ? 6.246   5.516   -7.687  1.00 55.97  ? 60  LEU A C   1 
ATOM   468  O O   . LEU A 1 62  ? 5.023   5.370   -7.733  1.00 54.41  ? 60  LEU A O   1 
ATOM   469  C CB  . LEU A 1 62  ? 6.568   6.055   -5.249  1.00 58.32  ? 60  LEU A CB  1 
ATOM   470  C CG  . LEU A 1 62  ? 7.464   5.005   -4.602  1.00 62.43  ? 60  LEU A CG  1 
ATOM   471  C CD1 . LEU A 1 62  ? 8.847   5.049   -5.198  1.00 67.20  ? 60  LEU A CD1 1 
ATOM   472  C CD2 . LEU A 1 62  ? 7.528   5.257   -3.113  1.00 68.09  ? 60  LEU A CD2 1 
ATOM   473  N N   . VAL A 1 63  ? 7.081   4.887   -8.509  1.00 56.07  ? 61  VAL A N   1 
ATOM   474  C CA  . VAL A 1 63  ? 6.586   4.123   -9.648  1.00 58.34  ? 61  VAL A CA  1 
ATOM   475  C C   . VAL A 1 63  ? 7.029   2.661   -9.613  1.00 63.03  ? 61  VAL A C   1 
ATOM   476  O O   . VAL A 1 63  ? 8.227   2.370   -9.563  1.00 61.89  ? 61  VAL A O   1 
ATOM   477  C CB  . VAL A 1 63  ? 7.039   4.744   -11.004 1.00 56.80  ? 61  VAL A CB  1 
ATOM   478  C CG1 . VAL A 1 63  ? 6.223   4.172   -12.136 1.00 56.56  ? 61  VAL A CG1 1 
ATOM   479  C CG2 . VAL A 1 63  ? 6.916   6.263   -11.003 1.00 51.88  ? 61  VAL A CG2 1 
ATOM   480  N N   . ASP A 1 64  ? 6.063   1.745   -9.648  1.00 68.07  ? 62  ASP A N   1 
ATOM   481  C CA  . ASP A 1 64  ? 6.365   0.332   -9.870  1.00 73.67  ? 62  ASP A CA  1 
ATOM   482  C C   . ASP A 1 64  ? 6.416   0.072   -11.369 1.00 74.95  ? 62  ASP A C   1 
ATOM   483  O O   . ASP A 1 64  ? 5.385   0.053   -12.038 1.00 75.40  ? 62  ASP A O   1 
ATOM   484  C CB  . ASP A 1 64  ? 5.334   -0.584  -9.195  1.00 75.45  ? 62  ASP A CB  1 
ATOM   485  C CG  . ASP A 1 64  ? 5.772   -2.056  -9.163  1.00 80.01  ? 62  ASP A CG  1 
ATOM   486  O OD1 . ASP A 1 64  ? 6.938   -2.365  -9.503  1.00 80.40  ? 62  ASP A OD1 1 
ATOM   487  O OD2 . ASP A 1 64  ? 4.944   -2.911  -8.781  1.00 84.37  ? 62  ASP A OD2 1 
ATOM   488  N N   . GLY A 1 65  ? 7.622   -0.128  -11.889 1.00 76.16  ? 63  GLY A N   1 
ATOM   489  C CA  . GLY A 1 65  ? 7.804   -0.426  -13.301 1.00 79.21  ? 63  GLY A CA  1 
ATOM   490  C C   . GLY A 1 65  ? 7.148   -1.722  -13.730 1.00 82.73  ? 63  GLY A C   1 
ATOM   491  O O   . GLY A 1 65  ? 6.550   -1.800  -14.805 1.00 83.30  ? 63  GLY A O   1 
ATOM   492  N N   . GLY A 1 66  ? 7.246   -2.734  -12.871 1.00 85.22  ? 64  GLY A N   1 
ATOM   493  C CA  . GLY A 1 66  ? 6.669   -4.044  -13.146 1.00 87.17  ? 64  GLY A CA  1 
ATOM   494  C C   . GLY A 1 66  ? 7.497   -4.816  -14.150 1.00 88.97  ? 64  GLY A C   1 
ATOM   495  O O   . GLY A 1 66  ? 8.728   -4.858  -14.052 1.00 87.55  ? 64  GLY A O   1 
ATOM   496  N N   . GLU A 1 67  ? 6.815   -5.421  -15.121 1.00 91.53  ? 65  GLU A N   1 
ATOM   497  C CA  . GLU A 1 67  ? 7.475   -6.229  -16.151 1.00 94.80  ? 65  GLU A CA  1 
ATOM   498  C C   . GLU A 1 67  ? 8.393   -5.416  -17.075 1.00 92.83  ? 65  GLU A C   1 
ATOM   499  O O   . GLU A 1 67  ? 9.573   -5.755  -17.215 1.00 93.37  ? 65  GLU A O   1 
ATOM   500  C CB  . GLU A 1 67  ? 6.473   -7.088  -16.939 1.00 95.47  ? 65  GLU A CB  1 
ATOM   501  C CG  . GLU A 1 67  ? 5.220   -6.365  -17.430 1.00 100.40 ? 65  GLU A CG  1 
ATOM   502  C CD  . GLU A 1 67  ? 4.524   -7.108  -18.563 1.00 101.77 ? 65  GLU A CD  1 
ATOM   503  O OE1 . GLU A 1 67  ? 4.370   -6.513  -19.654 1.00 103.70 ? 65  GLU A OE1 1 
ATOM   504  O OE2 . GLU A 1 67  ? 4.135   -8.283  -18.367 1.00 107.03 ? 65  GLU A OE2 1 
ATOM   505  N N   . ASP A 1 68  ? 7.876   -4.352  -17.691 1.00 90.62  ? 66  ASP A N   1 
ATOM   506  C CA  . ASP A 1 68  ? 8.770   -3.371  -18.316 1.00 88.60  ? 66  ASP A CA  1 
ATOM   507  C C   . ASP A 1 68  ? 8.709   -1.978  -17.674 1.00 85.57  ? 66  ASP A C   1 
ATOM   508  O O   . ASP A 1 68  ? 7.733   -1.237  -17.837 1.00 84.53  ? 66  ASP A O   1 
ATOM   509  C CB  . ASP A 1 68  ? 8.740   -3.371  -19.868 1.00 88.79  ? 66  ASP A CB  1 
ATOM   510  C CG  . ASP A 1 68  ? 7.405   -2.940  -20.463 1.00 87.85  ? 66  ASP A CG  1 
ATOM   511  O OD1 . ASP A 1 68  ? 7.403   -2.606  -21.668 1.00 85.38  ? 66  ASP A OD1 1 
ATOM   512  O OD2 . ASP A 1 68  ? 6.367   -2.946  -19.763 1.00 86.92  ? 66  ASP A OD2 1 
ATOM   513  N N   . PRO A 1 69  ? 9.762   -1.650  -16.903 1.00 82.77  ? 67  PRO A N   1 
ATOM   514  C CA  . PRO A 1 69  ? 9.935   -0.377  -16.215 1.00 80.49  ? 67  PRO A CA  1 
ATOM   515  C C   . PRO A 1 69  ? 9.988   0.829   -17.152 1.00 77.86  ? 67  PRO A C   1 
ATOM   516  O O   . PRO A 1 69  ? 9.315   1.822   -16.893 1.00 75.60  ? 67  PRO A O   1 
ATOM   517  C CB  . PRO A 1 69  ? 11.269  -0.556  -15.473 1.00 81.28  ? 67  PRO A CB  1 
ATOM   518  C CG  . PRO A 1 69  ? 11.962  -1.677  -16.164 1.00 83.35  ? 67  PRO A CG  1 
ATOM   519  C CD  . PRO A 1 69  ? 10.878  -2.576  -16.635 1.00 82.30  ? 67  PRO A CD  1 
ATOM   520  N N   . ASP A 1 70  ? 10.744  0.716   -18.244 1.00 76.16  ? 68  ASP A N   1 
ATOM   521  C CA  . ASP A 1 70  ? 11.104  1.859   -19.095 1.00 74.54  ? 68  ASP A CA  1 
ATOM   522  C C   . ASP A 1 70  ? 9.953   2.472   -19.891 1.00 73.07  ? 68  ASP A C   1 
ATOM   523  O O   . ASP A 1 70  ? 9.958   3.674   -20.150 1.00 74.51  ? 68  ASP A O   1 
ATOM   524  C CB  . ASP A 1 70  ? 12.260  1.487   -20.032 1.00 73.27  ? 68  ASP A CB  1 
ATOM   525  C CG  . ASP A 1 70  ? 13.512  1.062   -19.281 1.00 69.96  ? 68  ASP A CG  1 
ATOM   526  O OD1 . ASP A 1 70  ? 13.992  1.831   -18.425 1.00 65.99  ? 68  ASP A OD1 1 
ATOM   527  O OD2 . ASP A 1 70  ? 14.023  -0.043  -19.549 1.00 72.83  ? 68  ASP A OD2 1 
ATOM   528  N N   . ARG A 1 71  ? 8.985   1.644   -20.275 1.00 72.18  ? 69  ARG A N   1 
ATOM   529  C CA  . ARG A 1 71  ? 7.779   2.103   -20.970 1.00 73.10  ? 69  ARG A CA  1 
ATOM   530  C C   . ARG A 1 71  ? 6.871   2.824   -19.985 1.00 72.21  ? 69  ARG A C   1 
ATOM   531  O O   . ARG A 1 71  ? 6.262   3.847   -20.303 1.00 73.05  ? 69  ARG A O   1 
ATOM   532  C CB  . ARG A 1 71  ? 7.029   0.910   -21.555 1.00 74.44  ? 69  ARG A CB  1 
ATOM   533  C CG  . ARG A 1 71  ? 5.918   1.274   -22.521 1.00 80.49  ? 69  ARG A CG  1 
ATOM   534  C CD  . ARG A 1 71  ? 4.672   0.465   -22.225 1.00 84.80  ? 69  ARG A CD  1 
ATOM   535  N NE  . ARG A 1 71  ? 3.832   1.146   -21.242 1.00 88.33  ? 69  ARG A NE  1 
ATOM   536  C CZ  . ARG A 1 71  ? 3.095   0.535   -20.318 1.00 89.33  ? 69  ARG A CZ  1 
ATOM   537  N NH1 . ARG A 1 71  ? 2.367   1.256   -19.476 1.00 91.60  ? 69  ARG A NH1 1 
ATOM   538  N NH2 . ARG A 1 71  ? 3.092   -0.791  -20.221 1.00 88.01  ? 69  ARG A NH2 1 
ATOM   539  N N   . VAL A 1 72  ? 6.793   2.248   -18.790 1.00 71.76  ? 70  VAL A N   1 
ATOM   540  C CA  . VAL A 1 72  ? 6.042   2.780   -17.665 1.00 68.97  ? 70  VAL A CA  1 
ATOM   541  C C   . VAL A 1 72  ? 6.669   4.095   -17.164 1.00 65.29  ? 70  VAL A C   1 
ATOM   542  O O   . VAL A 1 72  ? 5.955   5.078   -16.949 1.00 61.67  ? 70  VAL A O   1 
ATOM   543  C CB  . VAL A 1 72  ? 5.911   1.681   -16.561 1.00 69.63  ? 70  VAL A CB  1 
ATOM   544  C CG1 . VAL A 1 72  ? 5.818   2.261   -15.173 1.00 72.31  ? 70  VAL A CG1 1 
ATOM   545  C CG2 . VAL A 1 72  ? 4.703   0.798   -16.837 1.00 72.69  ? 70  VAL A CG2 1 
ATOM   546  N N   . ALA A 1 73  ? 7.998   4.110   -17.036 1.00 61.70  ? 71  ALA A N   1 
ATOM   547  C CA  . ALA A 1 73  ? 8.740   5.282   -16.571 1.00 59.66  ? 71  ALA A CA  1 
ATOM   548  C C   . ALA A 1 73  ? 8.575   6.454   -17.520 1.00 59.61  ? 71  ALA A C   1 
ATOM   549  O O   . ALA A 1 73  ? 8.337   7.581   -17.083 1.00 59.81  ? 71  ALA A O   1 
ATOM   550  C CB  . ALA A 1 73  ? 10.206  4.952   -16.404 1.00 57.44  ? 71  ALA A CB  1 
ATOM   551  N N   . GLU A 1 74  ? 8.676   6.166   -18.815 1.00 60.25  ? 72  GLU A N   1 
ATOM   552  C CA  . GLU A 1 74  ? 8.536   7.175   -19.857 1.00 61.62  ? 72  GLU A CA  1 
ATOM   553  C C   . GLU A 1 74  ? 7.120   7.738   -19.921 1.00 59.59  ? 72  GLU A C   1 
ATOM   554  O O   . GLU A 1 74  ? 6.941   8.949   -20.065 1.00 59.03  ? 72  GLU A O   1 
ATOM   555  C CB  . GLU A 1 74  ? 8.924   6.590   -21.211 1.00 63.29  ? 72  GLU A CB  1 
ATOM   556  C CG  . GLU A 1 74  ? 9.144   7.628   -22.293 1.00 75.03  ? 72  GLU A CG  1 
ATOM   557  C CD  . GLU A 1 74  ? 8.989   7.062   -23.691 1.00 84.10  ? 72  GLU A CD  1 
ATOM   558  O OE1 . GLU A 1 74  ? 8.800   5.832   -23.830 1.00 88.55  ? 72  GLU A OE1 1 
ATOM   559  O OE2 . GLU A 1 74  ? 9.056   7.853   -24.655 1.00 91.28  ? 72  GLU A OE2 1 
ATOM   560  N N   . ASP A 1 75  ? 6.127   6.857   -19.813 1.00 60.26  ? 73  ASP A N   1 
ATOM   561  C CA  . ASP A 1 75  ? 4.727   7.274   -19.806 1.00 61.50  ? 73  ASP A CA  1 
ATOM   562  C C   . ASP A 1 75  ? 4.443   8.212   -18.645 1.00 59.53  ? 73  ASP A C   1 
ATOM   563  O O   . ASP A 1 75  ? 3.815   9.250   -18.834 1.00 59.46  ? 73  ASP A O   1 
ATOM   564  C CB  . ASP A 1 75  ? 3.782   6.069   -19.773 1.00 63.43  ? 73  ASP A CB  1 
ATOM   565  C CG  . ASP A 1 75  ? 3.455   5.541   -21.162 1.00 68.94  ? 73  ASP A CG  1 
ATOM   566  O OD1 . ASP A 1 75  ? 3.802   6.214   -22.162 1.00 72.39  ? 73  ASP A OD1 1 
ATOM   567  O OD2 . ASP A 1 75  ? 2.843   4.454   -21.252 1.00 70.06  ? 73  ASP A OD2 1 
ATOM   568  N N   . VAL A 1 76  ? 4.941   7.860   -17.459 1.00 59.09  ? 74  VAL A N   1 
ATOM   569  C CA  . VAL A 1 76  ? 4.776   8.703   -16.272 1.00 56.25  ? 74  VAL A CA  1 
ATOM   570  C C   . VAL A 1 76  ? 5.569   10.001  -16.410 1.00 53.41  ? 74  VAL A C   1 
ATOM   571  O O   . VAL A 1 76  ? 5.053   11.074  -16.100 1.00 52.65  ? 74  VAL A O   1 
ATOM   572  C CB  . VAL A 1 76  ? 5.142   7.973   -14.954 1.00 55.42  ? 74  VAL A CB  1 
ATOM   573  C CG1 . VAL A 1 76  ? 4.923   8.884   -13.754 1.00 56.72  ? 74  VAL A CG1 1 
ATOM   574  C CG2 . VAL A 1 76  ? 4.298   6.729   -14.778 1.00 58.02  ? 74  VAL A CG2 1 
ATOM   575  N N   . ALA A 1 77  ? 6.803   9.907   -16.904 1.00 49.68  ? 75  ALA A N   1 
ATOM   576  C CA  . ALA A 1 77  ? 7.626   11.101  -17.119 1.00 50.60  ? 75  ALA A CA  1 
ATOM   577  C C   . ALA A 1 77  ? 6.922   12.122  -18.015 1.00 53.36  ? 75  ALA A C   1 
ATOM   578  O O   . ALA A 1 77  ? 6.878   13.305  -17.676 1.00 53.67  ? 75  ALA A O   1 
ATOM   579  C CB  . ALA A 1 77  ? 8.979   10.738  -17.682 1.00 46.32  ? 75  ALA A CB  1 
ATOM   580  N N   . ARG A 1 78  ? 6.350   11.650  -19.127 1.00 54.78  ? 76  ARG A N   1 
ATOM   581  C CA  A ARG A 1 78  ? 5.592   12.520  -20.028 0.50 57.08  ? 76  ARG A CA  1 
ATOM   582  C CA  B ARG A 1 78  ? 5.575   12.490  -20.039 0.50 56.75  ? 76  ARG A CA  1 
ATOM   583  C C   . ARG A 1 78  ? 4.349   13.092  -19.353 1.00 57.38  ? 76  ARG A C   1 
ATOM   584  O O   . ARG A 1 78  ? 4.045   14.272  -19.530 1.00 58.12  ? 76  ARG A O   1 
ATOM   585  C CB  A ARG A 1 78  ? 5.212   11.796  -21.321 0.50 56.59  ? 76  ARG A CB  1 
ATOM   586  C CB  B ARG A 1 78  ? 5.136   11.672  -21.253 0.50 56.20  ? 76  ARG A CB  1 
ATOM   587  C CG  A ARG A 1 78  ? 4.143   12.514  -22.168 0.50 56.89  ? 76  ARG A CG  1 
ATOM   588  C CG  B ARG A 1 78  ? 4.436   12.472  -22.347 0.50 56.38  ? 76  ARG A CG  1 
ATOM   589  C CD  A ARG A 1 78  ? 3.934   11.891  -23.541 0.50 58.59  ? 76  ARG A CD  1 
ATOM   590  C CD  B ARG A 1 78  ? 4.040   11.588  -23.525 0.50 57.17  ? 76  ARG A CD  1 
ATOM   591  N NE  A ARG A 1 78  ? 4.416   10.515  -23.604 0.50 57.80  ? 76  ARG A NE  1 
ATOM   592  N NE  B ARG A 1 78  ? 5.209   10.985  -24.165 0.50 54.90  ? 76  ARG A NE  1 
ATOM   593  C CZ  A ARG A 1 78  ? 5.469   10.122  -24.316 0.50 59.72  ? 76  ARG A CZ  1 
ATOM   594  C CZ  B ARG A 1 78  ? 5.559   9.704   -24.059 0.50 53.89  ? 76  ARG A CZ  1 
ATOM   595  N NH1 A ARG A 1 78  ? 6.150   10.997  -25.049 0.50 57.86  ? 76  ARG A NH1 1 
ATOM   596  N NH1 B ARG A 1 78  ? 6.649   9.267   -24.678 0.50 55.56  ? 76  ARG A NH1 1 
ATOM   597  N NH2 A ARG A 1 78  ? 5.838   8.847   -24.301 0.50 61.39  ? 76  ARG A NH2 1 
ATOM   598  N NH2 B ARG A 1 78  ? 4.829   8.858   -23.338 0.50 48.85  ? 76  ARG A NH2 1 
ATOM   599  N N   . ASP A 1 79  ? 3.643   12.262  -18.580 1.00 57.77  ? 77  ASP A N   1 
ATOM   600  C CA  . ASP A 1 79  ? 2.479   12.725  -17.828 1.00 60.14  ? 77  ASP A CA  1 
ATOM   601  C C   . ASP A 1 79  ? 2.888   13.873  -16.931 1.00 59.13  ? 77  ASP A C   1 
ATOM   602  O O   . ASP A 1 79  ? 2.252   14.920  -16.948 1.00 59.68  ? 77  ASP A O   1 
ATOM   603  C CB  . ASP A 1 79  ? 1.886   11.622  -16.957 1.00 64.42  ? 77  ASP A CB  1 
ATOM   604  C CG  . ASP A 1 79  ? 1.251   10.511  -17.754 1.00 73.32  ? 77  ASP A CG  1 
ATOM   605  O OD1 . ASP A 1 79  ? 0.905   10.703  -18.938 1.00 76.37  ? 77  ASP A OD1 1 
ATOM   606  O OD2 . ASP A 1 79  ? 1.094   9.419   -17.173 1.00 79.02  ? 77  ASP A OD2 1 
ATOM   607  N N   . ILE A 1 80  ? 3.969   13.669  -16.173 1.00 56.08  ? 78  ILE A N   1 
ATOM   608  C CA  . ILE A 1 80  ? 4.541   14.703  -15.317 1.00 52.26  ? 78  ILE A CA  1 
ATOM   609  C C   . ILE A 1 80  ? 4.819   15.960  -16.139 1.00 49.66  ? 78  ILE A C   1 
ATOM   610  O O   . ILE A 1 80  ? 4.422   17.055  -15.753 1.00 51.13  ? 78  ILE A O   1 
ATOM   611  C CB  . ILE A 1 80  ? 5.831   14.218  -14.606 1.00 51.96  ? 78  ILE A CB  1 
ATOM   612  C CG1 . ILE A 1 80  ? 5.514   13.115  -13.591 1.00 51.19  ? 78  ILE A CG1 1 
ATOM   613  C CG2 . ILE A 1 80  ? 6.516   15.370  -13.904 1.00 48.71  ? 78  ILE A CG2 1 
ATOM   614  C CD1 . ILE A 1 80  ? 6.717   12.263  -13.202 1.00 46.43  ? 78  ILE A CD1 1 
ATOM   615  N N   . MET A 1 81  ? 5.455   15.783  -17.293 1.00 46.24  ? 79  MET A N   1 
ATOM   616  C CA  . MET A 1 81  ? 5.770   16.899  -18.180 1.00 46.41  ? 79  MET A CA  1 
ATOM   617  C C   . MET A 1 81  ? 4.538   17.628  -18.707 1.00 46.44  ? 79  MET A C   1 
ATOM   618  O O   . MET A 1 81  ? 4.480   18.856  -18.651 1.00 45.16  ? 79  MET A O   1 
ATOM   619  C CB  . MET A 1 81  ? 6.629   16.429  -19.349 1.00 44.16  ? 79  MET A CB  1 
ATOM   620  C CG  . MET A 1 81  ? 8.020   16.022  -18.940 1.00 48.11  ? 79  MET A CG  1 
ATOM   621  S SD  . MET A 1 81  ? 9.143   15.904  -20.336 1.00 49.71  ? 79  MET A SD  1 
ATOM   622  C CE  . MET A 1 81  ? 10.501  15.111  -19.514 1.00 48.56  ? 79  MET A CE  1 
ATOM   623  N N   . VAL A 1 82  ? 3.568   16.868  -19.211 1.00 47.44  ? 80  VAL A N   1 
ATOM   624  C CA  . VAL A 1 82  ? 2.329   17.431  -19.747 1.00 49.37  ? 80  VAL A CA  1 
ATOM   625  C C   . VAL A 1 82  ? 1.534   18.130  -18.644 1.00 50.11  ? 80  VAL A C   1 
ATOM   626  O O   . VAL A 1 82  ? 1.138   19.288  -18.800 1.00 52.84  ? 80  VAL A O   1 
ATOM   627  C CB  . VAL A 1 82  ? 1.453   16.347  -20.441 1.00 50.22  ? 80  VAL A CB  1 
ATOM   628  C CG1 . VAL A 1 82  ? 0.053   16.887  -20.743 1.00 50.81  ? 80  VAL A CG1 1 
ATOM   629  C CG2 . VAL A 1 82  ? 2.119   15.848  -21.714 1.00 44.67  ? 80  VAL A CG2 1 
ATOM   630  N N   . LEU A 1 83  ? 1.350   17.436  -17.522 1.00 51.28  ? 81  LEU A N   1 
ATOM   631  C CA  . LEU A 1 83  ? 0.523   17.930  -16.420 1.00 53.42  ? 81  LEU A CA  1 
ATOM   632  C C   . LEU A 1 83  ? 1.123   19.106  -15.651 1.00 54.97  ? 81  LEU A C   1 
ATOM   633  O O   . LEU A 1 83  ? 0.375   19.917  -15.108 1.00 56.85  ? 81  LEU A O   1 
ATOM   634  C CB  . LEU A 1 83  ? 0.173   16.801  -15.443 1.00 53.00  ? 81  LEU A CB  1 
ATOM   635  C CG  . LEU A 1 83  ? -0.776  15.692  -15.909 1.00 52.33  ? 81  LEU A CG  1 
ATOM   636  C CD1 . LEU A 1 83  ? -0.571  14.449  -15.060 1.00 48.78  ? 81  LEU A CD1 1 
ATOM   637  C CD2 . LEU A 1 83  ? -2.232  16.146  -15.876 1.00 48.68  ? 81  LEU A CD2 1 
ATOM   638  N N   . THR A 1 84  ? 2.454   19.206  -15.609 1.00 55.00  ? 82  THR A N   1 
ATOM   639  C CA  . THR A 1 84  ? 3.113   20.242  -14.795 1.00 57.17  ? 82  THR A CA  1 
ATOM   640  C C   . THR A 1 84  ? 3.907   21.297  -15.567 1.00 58.51  ? 82  THR A C   1 
ATOM   641  O O   . THR A 1 84  ? 4.195   22.364  -15.024 1.00 63.95  ? 82  THR A O   1 
ATOM   642  C CB  . THR A 1 84  ? 4.046   19.650  -13.702 1.00 56.96  ? 82  THR A CB  1 
ATOM   643  O OG1 . THR A 1 84  ? 5.226   19.102  -14.309 1.00 57.29  ? 82  THR A OG1 1 
ATOM   644  C CG2 . THR A 1 84  ? 3.337   18.586  -12.868 1.00 57.23  ? 82  THR A CG2 1 
ATOM   645  N N   . GLY A 1 85  ? 4.274   21.011  -16.810 1.00 57.52  ? 83  GLY A N   1 
ATOM   646  C CA  . GLY A 1 85  ? 5.040   21.974  -17.608 1.00 55.49  ? 83  GLY A CA  1 
ATOM   647  C C   . GLY A 1 85  ? 6.543   21.805  -17.463 1.00 53.71  ? 83  GLY A C   1 
ATOM   648  O O   . GLY A 1 85  ? 7.324   22.521  -18.096 1.00 53.60  ? 83  GLY A O   1 
ATOM   649  N N   . SER A 1 86  ? 6.941   20.858  -16.620 1.00 52.27  ? 84  SER A N   1 
ATOM   650  C CA  . SER A 1 86  ? 8.340   20.477  -16.469 1.00 51.92  ? 84  SER A CA  1 
ATOM   651  C C   . SER A 1 86  ? 8.868   19.858  -17.762 1.00 52.55  ? 84  SER A C   1 
ATOM   652  O O   . SER A 1 86  ? 8.116   19.237  -18.511 1.00 52.37  ? 84  SER A O   1 
ATOM   653  C CB  . SER A 1 86  ? 8.489   19.483  -15.315 1.00 49.96  ? 84  SER A CB  1 
ATOM   654  O OG  . SER A 1 86  ? 9.774   18.882  -15.320 1.00 49.42  ? 84  SER A OG  1 
ATOM   655  N N   . THR A 1 87  ? 10.157  20.054  -18.028 1.00 52.32  ? 85  THR A N   1 
ATOM   656  C CA  . THR A 1 87  ? 10.820  19.450  -19.190 1.00 51.42  ? 85  THR A CA  1 
ATOM   657  C C   . THR A 1 87  ? 12.056  18.670  -18.756 1.00 50.24  ? 85  THR A C   1 
ATOM   658  O O   . THR A 1 87  ? 12.938  18.370  -19.562 1.00 50.61  ? 85  THR A O   1 
ATOM   659  C CB  . THR A 1 87  ? 11.232  20.504  -20.243 1.00 51.58  ? 85  THR A CB  1 
ATOM   660  O OG1 . THR A 1 87  ? 12.004  21.539  -19.621 1.00 52.57  ? 85  THR A OG1 1 
ATOM   661  C CG2 . THR A 1 87  ? 10.012  21.105  -20.887 1.00 52.29  ? 85  THR A CG2 1 
ATOM   662  N N   . GLY A 1 88  ? 12.108  18.355  -17.467 1.00 49.62  ? 86  GLY A N   1 
ATOM   663  C CA  . GLY A 1 88  ? 13.228  17.638  -16.880 1.00 47.65  ? 86  GLY A CA  1 
ATOM   664  C C   . GLY A 1 88  ? 12.741  16.780  -15.738 1.00 47.16  ? 86  GLY A C   1 
ATOM   665  O O   . GLY A 1 88  ? 12.456  17.282  -14.651 1.00 51.48  ? 86  GLY A O   1 
ATOM   666  N N   . VAL A 1 89  ? 12.629  15.482  -15.992 1.00 44.25  ? 87  VAL A N   1 
ATOM   667  C CA  . VAL A 1 89  ? 12.170  14.543  -14.985 1.00 44.11  ? 87  VAL A CA  1 
ATOM   668  C C   . VAL A 1 89  ? 13.288  13.550  -14.725 1.00 47.29  ? 87  VAL A C   1 
ATOM   669  O O   . VAL A 1 89  ? 13.739  12.868  -15.637 1.00 49.33  ? 87  VAL A O   1 
ATOM   670  C CB  . VAL A 1 89  ? 10.886  13.809  -15.439 1.00 43.79  ? 87  VAL A CB  1 
ATOM   671  C CG1 . VAL A 1 89  ? 10.459  12.761  -14.407 1.00 44.71  ? 87  VAL A CG1 1 
ATOM   672  C CG2 . VAL A 1 89  ? 9.757   14.804  -15.693 1.00 39.25  ? 87  VAL A CG2 1 
ATOM   673  N N   . ASP A 1 90  ? 13.737  13.473  -13.480 1.00 51.41  ? 88  ASP A N   1 
ATOM   674  C CA  . ASP A 1 90  ? 14.842  12.589  -13.135 1.00 53.17  ? 88  ASP A CA  1 
ATOM   675  C C   . ASP A 1 90  ? 14.376  11.291  -12.496 1.00 52.40  ? 88  ASP A C   1 
ATOM   676  O O   . ASP A 1 90  ? 13.345  11.248  -11.830 1.00 53.25  ? 88  ASP A O   1 
ATOM   677  C CB  . ASP A 1 90  ? 15.852  13.313  -12.255 1.00 55.09  ? 88  ASP A CB  1 
ATOM   678  C CG  . ASP A 1 90  ? 16.543  14.447  -12.989 1.00 60.29  ? 88  ASP A CG  1 
ATOM   679  O OD1 . ASP A 1 90  ? 15.934  15.529  -13.128 1.00 64.91  ? 88  ASP A OD1 1 
ATOM   680  O OD2 . ASP A 1 90  ? 17.693  14.256  -13.433 1.00 64.53  ? 88  ASP A OD2 1 
ATOM   681  N N   . ARG A 1 91  ? 15.159  10.241  -12.712 1.00 54.52  ? 89  ARG A N   1 
ATOM   682  C CA  . ARG A 1 91  ? 14.775  8.882   -12.358 1.00 57.04  ? 89  ARG A CA  1 
ATOM   683  C C   . ARG A 1 91  ? 15.785  8.235   -11.411 1.00 58.01  ? 89  ARG A C   1 
ATOM   684  O O   . ARG A 1 91  ? 16.988  8.251   -11.667 1.00 57.06  ? 89  ARG A O   1 
ATOM   685  C CB  . ARG A 1 91  ? 14.624  8.047   -13.630 1.00 58.03  ? 89  ARG A CB  1 
ATOM   686  C CG  . ARG A 1 91  ? 14.200  6.610   -13.400 1.00 62.81  ? 89  ARG A CG  1 
ATOM   687  C CD  . ARG A 1 91  ? 13.906  5.925   -14.712 1.00 66.12  ? 89  ARG A CD  1 
ATOM   688  N NE  . ARG A 1 91  ? 14.100  4.481   -14.623 1.00 68.88  ? 89  ARG A NE  1 
ATOM   689  C CZ  . ARG A 1 91  ? 13.959  3.642   -15.644 1.00 66.98  ? 89  ARG A CZ  1 
ATOM   690  N NH1 . ARG A 1 91  ? 13.616  4.099   -16.846 1.00 61.11  ? 89  ARG A NH1 1 
ATOM   691  N NH2 . ARG A 1 91  ? 14.158  2.344   -15.461 1.00 65.30  ? 89  ARG A NH2 1 
ATOM   692  N N   . PHE A 1 92  ? 15.277  7.670   -10.319 1.00 59.70  ? 90  PHE A N   1 
ATOM   693  C CA  . PHE A 1 92  ? 16.105  7.040   -9.301  1.00 58.35  ? 90  PHE A CA  1 
ATOM   694  C C   . PHE A 1 92  ? 15.603  5.622   -9.090  1.00 60.15  ? 90  PHE A C   1 
ATOM   695  O O   . PHE A 1 92  ? 14.495  5.427   -8.605  1.00 61.45  ? 90  PHE A O   1 
ATOM   696  C CB  . PHE A 1 92  ? 16.001  7.811   -7.981  1.00 59.72  ? 90  PHE A CB  1 
ATOM   697  C CG  . PHE A 1 92  ? 16.654  9.170   -7.998  1.00 59.16  ? 90  PHE A CG  1 
ATOM   698  C CD1 . PHE A 1 92  ? 17.909  9.352   -7.421  1.00 58.31  ? 90  PHE A CD1 1 
ATOM   699  C CD2 . PHE A 1 92  ? 16.005  10.273  -8.555  1.00 60.31  ? 90  PHE A CD2 1 
ATOM   700  C CE1 . PHE A 1 92  ? 18.514  10.604  -7.410  1.00 59.55  ? 90  PHE A CE1 1 
ATOM   701  C CE2 . PHE A 1 92  ? 16.607  11.530  -8.558  1.00 61.12  ? 90  PHE A CE2 1 
ATOM   702  C CZ  . PHE A 1 92  ? 17.864  11.694  -7.987  1.00 60.85  ? 90  PHE A CZ  1 
ATOM   703  N N   . ASP A 1 93  ? 16.419  4.636   -9.452  1.00 63.82  ? 91  ASP A N   1 
ATOM   704  C CA  . ASP A 1 93  ? 16.055  3.221   -9.304  1.00 67.56  ? 91  ASP A CA  1 
ATOM   705  C C   . ASP A 1 93  ? 16.493  2.649   -7.967  1.00 68.73  ? 91  ASP A C   1 
ATOM   706  O O   . ASP A 1 93  ? 17.596  2.940   -7.487  1.00 70.21  ? 91  ASP A O   1 
ATOM   707  C CB  . ASP A 1 93  ? 16.700  2.372   -10.404 1.00 68.82  ? 91  ASP A CB  1 
ATOM   708  C CG  . ASP A 1 93  ? 16.075  2.588   -11.764 1.00 70.23  ? 91  ASP A CG  1 
ATOM   709  O OD1 . ASP A 1 93  ? 15.803  3.748   -12.132 1.00 74.33  ? 91  ASP A OD1 1 
ATOM   710  O OD2 . ASP A 1 93  ? 15.879  1.589   -12.482 1.00 74.49  ? 91  ASP A OD2 1 
ATOM   711  N N   . ALA A 1 94  ? 15.632  1.819   -7.383  1.00 67.90  ? 92  ALA A N   1 
ATOM   712  C CA  . ALA A 1 94  ? 16.002  1.032   -6.217  1.00 68.71  ? 92  ALA A CA  1 
ATOM   713  C C   . ALA A 1 94  ? 17.075  0.024   -6.614  1.00 69.73  ? 92  ALA A C   1 
ATOM   714  O O   . ALA A 1 94  ? 17.065  -0.500  -7.732  1.00 70.42  ? 92  ALA A O   1 
ATOM   715  C CB  . ALA A 1 94  ? 14.791  0.327   -5.648  1.00 67.49  ? 92  ALA A CB  1 
ATOM   716  N N   . ASP A 1 95  ? 18.013  -0.224  -5.706  1.00 69.94  ? 93  ASP A N   1 
ATOM   717  C CA  . ASP A 1 95  ? 19.100  -1.170  -5.955  1.00 69.92  ? 93  ASP A CA  1 
ATOM   718  C C   . ASP A 1 95  ? 18.662  -2.617  -5.709  1.00 69.45  ? 93  ASP A C   1 
ATOM   719  O O   . ASP A 1 95  ? 19.363  -3.558  -6.084  1.00 71.12  ? 93  ASP A O   1 
ATOM   720  C CB  . ASP A 1 95  ? 20.324  -0.814  -5.105  1.00 70.68  ? 93  ASP A CB  1 
ATOM   721  C CG  . ASP A 1 95  ? 20.933  0.520   -5.493  1.00 75.40  ? 93  ASP A CG  1 
ATOM   722  O OD1 . ASP A 1 95  ? 21.536  0.615   -6.582  1.00 83.20  ? 93  ASP A OD1 1 
ATOM   723  O OD2 . ASP A 1 95  ? 20.811  1.477   -4.710  1.00 79.65  ? 93  ASP A OD2 1 
ATOM   724  N N   . GLY A 1 96  ? 17.501  -2.779  -5.080  1.00 68.30  ? 94  GLY A N   1 
ATOM   725  C CA  . GLY A 1 96  ? 16.929  -4.090  -4.806  1.00 65.92  ? 94  GLY A CA  1 
ATOM   726  C C   . GLY A 1 96  ? 15.679  -4.002  -3.952  1.00 65.18  ? 94  GLY A C   1 
ATOM   727  O O   . GLY A 1 96  ? 15.423  -2.980  -3.314  1.00 66.98  ? 94  GLY A O   1 
ATOM   728  N N   . VAL A 1 97  ? 14.893  -5.073  -3.954  1.00 62.73  ? 95  VAL A N   1 
ATOM   729  C CA  . VAL A 1 97  ? 13.687  -5.158  -3.133  1.00 61.98  ? 95  VAL A CA  1 
ATOM   730  C C   . VAL A 1 97  ? 13.753  -6.389  -2.230  1.00 62.21  ? 95  VAL A C   1 
ATOM   731  O O   . VAL A 1 97  ? 14.132  -7.472  -2.674  1.00 61.75  ? 95  VAL A O   1 
ATOM   732  C CB  . VAL A 1 97  ? 12.374  -5.127  -4.007  1.00 62.21  ? 95  VAL A CB  1 
ATOM   733  C CG1 . VAL A 1 97  ? 12.400  -6.169  -5.129  1.00 62.53  ? 95  VAL A CG1 1 
ATOM   734  C CG2 . VAL A 1 97  ? 11.104  -5.264  -3.155  1.00 57.51  ? 95  VAL A CG2 1 
ATOM   735  N N   . TYR A 1 98  ? 13.427  -6.204  -0.957  1.00 63.23  ? 96  TYR A N   1 
ATOM   736  C CA  . TYR A 1 98  ? 13.224  -7.319  -0.043  1.00 62.29  ? 96  TYR A CA  1 
ATOM   737  C C   . TYR A 1 98  ? 11.762  -7.724  -0.114  1.00 60.76  ? 96  TYR A C   1 
ATOM   738  O O   . TYR A 1 98  ? 10.883  -6.864  -0.130  1.00 63.01  ? 96  TYR A O   1 
ATOM   739  C CB  . TYR A 1 98  ? 13.626  -6.940  1.386   1.00 63.99  ? 96  TYR A CB  1 
ATOM   740  C CG  . TYR A 1 98  ? 15.110  -6.702  1.541   1.00 65.20  ? 96  TYR A CG  1 
ATOM   741  C CD1 . TYR A 1 98  ? 15.975  -7.760  1.843   1.00 65.26  ? 96  TYR A CD1 1 
ATOM   742  C CD2 . TYR A 1 98  ? 15.658  -5.427  1.373   1.00 63.65  ? 96  TYR A CD2 1 
ATOM   743  C CE1 . TYR A 1 98  ? 17.345  -7.556  1.982   1.00 64.00  ? 96  TYR A CE1 1 
ATOM   744  C CE2 . TYR A 1 98  ? 17.031  -5.211  1.509   1.00 67.28  ? 96  TYR A CE2 1 
ATOM   745  C CZ  . TYR A 1 98  ? 17.867  -6.285  1.812   1.00 65.21  ? 96  TYR A CZ  1 
ATOM   746  O OH  . TYR A 1 98  ? 19.223  -6.106  1.943   1.00 65.27  ? 96  TYR A OH  1 
ATOM   747  N N   . SER A 1 99  ? 11.502  -9.026  -0.174  1.00 59.15  ? 97  SER A N   1 
ATOM   748  C CA  . SER A 1 99  ? 10.127  -9.509  -0.259  1.00 60.63  ? 97  SER A CA  1 
ATOM   749  C C   . SER A 1 99  ? 9.892   -10.849 0.423   1.00 60.07  ? 97  SER A C   1 
ATOM   750  O O   . SER A 1 99  ? 10.807  -11.656 0.588   1.00 61.12  ? 97  SER A O   1 
ATOM   751  C CB  . SER A 1 99  ? 9.644   -9.566  -1.714  1.00 61.62  ? 97  SER A CB  1 
ATOM   752  O OG  . SER A 1 99  ? 10.254  -10.628 -2.420  1.00 64.68  ? 97  SER A OG  1 
ATOM   753  N N   . VAL A 1 100 ? 8.649   -11.052 0.844   1.00 59.72  ? 98  VAL A N   1 
ATOM   754  C CA  . VAL A 1 100 ? 8.181   -12.334 1.343   1.00 60.53  ? 98  VAL A CA  1 
ATOM   755  C C   . VAL A 1 100 ? 6.892   -12.623 0.595   1.00 61.14  ? 98  VAL A C   1 
ATOM   756  O O   . VAL A 1 100 ? 6.031   -11.741 0.504   1.00 66.23  ? 98  VAL A O   1 
ATOM   757  C CB  . VAL A 1 100 ? 7.902   -12.306 2.869   1.00 60.09  ? 98  VAL A CB  1 
ATOM   758  C CG1 . VAL A 1 100 ? 7.255   -13.603 3.333   1.00 64.03  ? 98  VAL A CG1 1 
ATOM   759  C CG2 . VAL A 1 100 ? 9.175   -12.092 3.640   1.00 60.46  ? 98  VAL A CG2 1 
ATOM   760  N N   . PRO A 1 101 ? 6.773   -13.835 0.014   1.00 61.28  ? 99  PRO A N   1 
ATOM   761  C CA  . PRO A 1 101 ? 5.517   -14.337 -0.545  1.00 60.48  ? 99  PRO A CA  1 
ATOM   762  C C   . PRO A 1 101 ? 4.339   -14.150 0.407   1.00 60.99  ? 99  PRO A C   1 
ATOM   763  O O   . PRO A 1 101 ? 4.459   -14.401 1.610   1.00 63.89  ? 99  PRO A O   1 
ATOM   764  C CB  . PRO A 1 101 ? 5.786   -15.837 -0.747  1.00 58.19  ? 99  PRO A CB  1 
ATOM   765  C CG  . PRO A 1 101 ? 7.174   -16.095 -0.249  1.00 58.21  ? 99  PRO A CG  1 
ATOM   766  C CD  . PRO A 1 101 ? 7.875   -14.789 -0.193  1.00 62.30  ? 99  PRO A CD  1 
ATOM   767  N N   . SER A 1 102 ? 3.216   -13.696 -0.135  1.00 60.67  ? 100 SER A N   1 
ATOM   768  C CA  . SER A 1 102 ? 2.030   -13.477 0.670   1.00 62.38  ? 100 SER A CA  1 
ATOM   769  C C   . SER A 1 102 ? 0.761   -13.894 -0.051  1.00 64.24  ? 100 SER A C   1 
ATOM   770  O O   . SER A 1 102 ? 0.743   -14.043 -1.277  1.00 67.81  ? 100 SER A O   1 
ATOM   771  C CB  . SER A 1 102 ? 1.929   -12.010 1.101   1.00 63.48  ? 100 SER A CB  1 
ATOM   772  O OG  . SER A 1 102 ? 1.830   -11.151 -0.020  1.00 66.61  ? 100 SER A OG  1 
ATOM   773  N N   . ARG A 1 103 ? -0.286  -14.092 0.742   1.00 64.14  ? 101 ARG A N   1 
ATOM   774  C CA  A ARG A 1 103 ? -1.614  -14.388 0.226   0.50 64.21  ? 101 ARG A CA  1 
ATOM   775  C CA  B ARG A 1 103 ? -1.612  -14.411 0.238   0.50 64.20  ? 101 ARG A CA  1 
ATOM   776  C C   . ARG A 1 103 ? -2.651  -13.746 1.135   1.00 64.82  ? 101 ARG A C   1 
ATOM   777  O O   . ARG A 1 103 ? -2.343  -13.345 2.263   1.00 63.24  ? 101 ARG A O   1 
ATOM   778  C CB  A ARG A 1 103 ? -1.840  -15.900 0.140   0.50 63.96  ? 101 ARG A CB  1 
ATOM   779  C CB  B ARG A 1 103 ? -1.819  -15.933 0.195   0.50 63.81  ? 101 ARG A CB  1 
ATOM   780  C CG  A ARG A 1 103 ? -1.782  -16.602 1.485   0.50 65.38  ? 101 ARG A CG  1 
ATOM   781  C CG  B ARG A 1 103 ? -2.011  -16.586 1.561   0.50 65.15  ? 101 ARG A CG  1 
ATOM   782  C CD  A ARG A 1 103 ? -2.027  -18.088 1.369   0.50 65.87  ? 101 ARG A CD  1 
ATOM   783  C CD  B ARG A 1 103 ? -2.064  -18.100 1.475   0.50 64.55  ? 101 ARG A CD  1 
ATOM   784  N NE  A ARG A 1 103 ? -1.607  -18.769 2.591   0.50 65.71  ? 101 ARG A NE  1 
ATOM   785  N NE  B ARG A 1 103 ? -2.826  -18.674 2.584   0.50 64.21  ? 101 ARG A NE  1 
ATOM   786  C CZ  A ARG A 1 103 ? -2.428  -19.217 3.539   0.50 65.80  ? 101 ARG A CZ  1 
ATOM   787  C CZ  B ARG A 1 103 ? -2.297  -19.216 3.679   0.50 63.55  ? 101 ARG A CZ  1 
ATOM   788  N NH1 A ARG A 1 103 ? -3.743  -19.083 3.419   0.50 62.52  ? 101 ARG A NH1 1 
ATOM   789  N NH1 B ARG A 1 103 ? -0.979  -19.280 3.838   0.50 61.24  ? 101 ARG A NH1 1 
ATOM   790  N NH2 A ARG A 1 103 ? -1.928  -19.816 4.611   0.50 65.81  ? 101 ARG A NH2 1 
ATOM   791  N NH2 B ARG A 1 103 ? -3.095  -19.703 4.621   0.50 61.78  ? 101 ARG A NH2 1 
ATOM   792  N N   . PHE A 1 104 ? -3.877  -13.638 0.636   1.00 67.19  ? 102 PHE A N   1 
ATOM   793  C CA  . PHE A 1 104 ? -4.961  -13.059 1.408   1.00 68.17  ? 102 PHE A CA  1 
ATOM   794  C C   . PHE A 1 104 ? -6.002  -14.123 1.724   1.00 70.33  ? 102 PHE A C   1 
ATOM   795  O O   . PHE A 1 104 ? -6.139  -15.117 1.007   1.00 72.78  ? 102 PHE A O   1 
ATOM   796  C CB  . PHE A 1 104 ? -5.561  -11.847 0.693   1.00 67.31  ? 102 PHE A CB  1 
ATOM   797  C CG  . PHE A 1 104 ? -4.642  -10.651 0.664   1.00 67.96  ? 102 PHE A CG  1 
ATOM   798  C CD1 . PHE A 1 104 ? -4.822  -9.600  1.556   1.00 72.04  ? 102 PHE A CD1 1 
ATOM   799  C CD2 . PHE A 1 104 ? -3.589  -10.580 -0.249  1.00 67.37  ? 102 PHE A CD2 1 
ATOM   800  C CE1 . PHE A 1 104 ? -3.971  -8.488  1.534   1.00 73.34  ? 102 PHE A CE1 1 
ATOM   801  C CE2 . PHE A 1 104 ? -2.733  -9.483  -0.274  1.00 69.93  ? 102 PHE A CE2 1 
ATOM   802  C CZ  . PHE A 1 104 ? -2.924  -8.431  0.617   1.00 69.72  ? 102 PHE A CZ  1 
ATOM   803  N N   . GLU A 1 105 ? -6.718  -13.912 2.817   1.00 71.02  ? 103 GLU A N   1 
ATOM   804  C CA  . GLU A 1 105 ? -7.574  -14.928 3.388   1.00 73.15  ? 103 GLU A CA  1 
ATOM   805  C C   . GLU A 1 105 ? -8.751  -14.204 4.009   1.00 73.84  ? 103 GLU A C   1 
ATOM   806  O O   . GLU A 1 105 ? -8.593  -13.518 5.020   1.00 76.69  ? 103 GLU A O   1 
ATOM   807  C CB  . GLU A 1 105 ? -6.800  -15.681 4.474   1.00 74.17  ? 103 GLU A CB  1 
ATOM   808  C CG  . GLU A 1 105 ? -7.460  -16.949 4.988   1.00 79.12  ? 103 GLU A CG  1 
ATOM   809  C CD  . GLU A 1 105 ? -6.961  -18.200 4.286   1.00 87.04  ? 103 GLU A CD  1 
ATOM   810  O OE1 . GLU A 1 105 ? -5.997  -18.107 3.496   1.00 89.14  ? 103 GLU A OE1 1 
ATOM   811  O OE2 . GLU A 1 105 ? -7.536  -19.282 4.525   1.00 90.53  ? 103 GLU A OE2 1 
ATOM   812  N N   . ASP A 1 106 ? -9.927  -14.330 3.400   1.00 73.05  ? 104 ASP A N   1 
ATOM   813  C CA  . ASP A 1 106 ? -11.123 -13.719 3.969   1.00 72.36  ? 104 ASP A CA  1 
ATOM   814  C C   . ASP A 1 106 ? -11.662 -14.553 5.124   1.00 71.28  ? 104 ASP A C   1 
ATOM   815  O O   . ASP A 1 106 ? -11.991 -15.730 4.959   1.00 71.31  ? 104 ASP A O   1 
ATOM   816  C CB  . ASP A 1 106 ? -12.191 -13.452 2.904   1.00 73.31  ? 104 ASP A CB  1 
ATOM   817  C CG  . ASP A 1 106 ? -12.106 -12.040 2.332   1.00 77.50  ? 104 ASP A CG  1 
ATOM   818  O OD1 . ASP A 1 106 ? -10.984 -11.564 2.047   1.00 79.59  ? 104 ASP A OD1 1 
ATOM   819  O OD2 . ASP A 1 106 ? -13.167 -11.400 2.169   1.00 80.84  ? 104 ASP A OD2 1 
ATOM   820  N N   . VAL A 1 107 ? -11.711 -13.931 6.299   1.00 70.61  ? 105 VAL A N   1 
ATOM   821  C CA  . VAL A 1 107 ? -12.143 -14.601 7.519   1.00 71.01  ? 105 VAL A CA  1 
ATOM   822  C C   . VAL A 1 107 ? -13.546 -14.151 7.889   1.00 73.76  ? 105 VAL A C   1 
ATOM   823  O O   . VAL A 1 107 ? -13.823 -12.957 8.040   1.00 75.54  ? 105 VAL A O   1 
ATOM   824  C CB  . VAL A 1 107 ? -11.144 -14.392 8.693   1.00 70.07  ? 105 VAL A CB  1 
ATOM   825  C CG1 . VAL A 1 107 ? -11.725 -14.884 10.023  1.00 66.45  ? 105 VAL A CG1 1 
ATOM   826  C CG2 . VAL A 1 107 ? -9.844  -15.111 8.405   1.00 70.03  ? 105 VAL A CG2 1 
ATOM   827  N N   . ARG A 1 108 ? -14.425 -15.135 8.015   1.00 76.52  ? 106 ARG A N   1 
ATOM   828  C CA  . ARG A 1 108 ? -15.816 -14.920 8.352   1.00 78.74  ? 106 ARG A CA  1 
ATOM   829  C C   . ARG A 1 108 ? -15.959 -14.622 9.842   1.00 77.43  ? 106 ARG A C   1 
ATOM   830  O O   . ARG A 1 108 ? -15.460 -15.365 10.688  1.00 76.56  ? 106 ARG A O   1 
ATOM   831  C CB  . ARG A 1 108 ? -16.612 -16.156 7.927   1.00 81.34  ? 106 ARG A CB  1 
ATOM   832  C CG  . ARG A 1 108 ? -17.963 -16.352 8.569   1.00 85.71  ? 106 ARG A CG  1 
ATOM   833  C CD  . ARG A 1 108 ? -18.530 -17.688 8.117   1.00 90.94  ? 106 ARG A CD  1 
ATOM   834  N NE  . ARG A 1 108 ? -19.685 -18.104 8.906   1.00 95.00  ? 106 ARG A NE  1 
ATOM   835  C CZ  . ARG A 1 108 ? -20.947 -17.790 8.622   1.00 96.70  ? 106 ARG A CZ  1 
ATOM   836  N NH1 . ARG A 1 108 ? -21.237 -17.046 7.559   1.00 97.96  ? 106 ARG A NH1 1 
ATOM   837  N NH2 . ARG A 1 108 ? -21.925 -18.222 9.408   1.00 95.81  ? 106 ARG A NH2 1 
ATOM   838  N N   . VAL A 1 109 ? -16.623 -13.512 10.148  1.00 76.01  ? 107 VAL A N   1 
ATOM   839  C CA  . VAL A 1 109 ? -16.819 -13.071 11.523  1.00 76.35  ? 107 VAL A CA  1 
ATOM   840  C C   . VAL A 1 109 ? -18.308 -13.011 11.800  1.00 78.17  ? 107 VAL A C   1 
ATOM   841  O O   . VAL A 1 109 ? -19.028 -12.342 11.074  1.00 76.73  ? 107 VAL A O   1 
ATOM   842  C CB  . VAL A 1 109 ? -16.216 -11.658 11.751  1.00 75.75  ? 107 VAL A CB  1 
ATOM   843  C CG1 . VAL A 1 109 ? -16.399 -11.213 13.191  1.00 73.61  ? 107 VAL A CG1 1 
ATOM   844  C CG2 . VAL A 1 109 ? -14.749 -11.635 11.394  1.00 73.06  ? 107 VAL A CG2 1 
ATOM   845  N N   . VAL A 1 110 ? -18.772 -13.710 12.833  1.00 82.16  ? 108 VAL A N   1 
ATOM   846  C CA  . VAL A 1 110 ? -20.164 -13.578 13.272  1.00 87.88  ? 108 VAL A CA  1 
ATOM   847  C C   . VAL A 1 110 ? -20.281 -13.121 14.733  1.00 92.30  ? 108 VAL A C   1 
ATOM   848  O O   . VAL A 1 110 ? -19.522 -13.566 15.602  1.00 93.50  ? 108 VAL A O   1 
ATOM   849  C CB  . VAL A 1 110 ? -21.023 -14.869 13.032  1.00 87.26  ? 108 VAL A CB  1 
ATOM   850  C CG1 . VAL A 1 110 ? -21.122 -15.203 11.548  1.00 88.27  ? 108 VAL A CG1 1 
ATOM   851  C CG2 . VAL A 1 110 ? -20.490 -16.055 13.811  1.00 86.35  ? 108 VAL A CG2 1 
ATOM   852  N N   . TYR A 1 111 ? -21.214 -12.203 14.982  1.00 96.24  ? 109 TYR A N   1 
ATOM   853  C CA  . TYR A 1 111 ? -21.635 -11.882 16.344  1.00 98.82  ? 109 TYR A CA  1 
ATOM   854  C C   . TYR A 1 111 ? -23.107 -12.254 16.512  1.00 97.94  ? 109 TYR A C   1 
ATOM   855  O O   . TYR A 1 111 ? -23.981 -11.380 16.495  1.00 96.42  ? 109 TYR A O   1 
ATOM   856  C CB  . TYR A 1 111 ? -21.390 -10.404 16.698  1.00 101.58 ? 109 TYR A CB  1 
ATOM   857  C CG  . TYR A 1 111 ? -21.566 -10.115 18.183  1.00 104.64 ? 109 TYR A CG  1 
ATOM   858  C CD1 . TYR A 1 111 ? -22.743 -9.547  18.675  1.00 106.76 ? 109 TYR A CD1 1 
ATOM   859  C CD2 . TYR A 1 111 ? -20.561 -10.431 19.098  1.00 105.38 ? 109 TYR A CD2 1 
ATOM   860  C CE1 . TYR A 1 111 ? -22.911 -9.301  20.033  1.00 108.15 ? 109 TYR A CE1 1 
ATOM   861  C CE2 . TYR A 1 111 ? -20.717 -10.183 20.456  1.00 104.68 ? 109 TYR A CE2 1 
ATOM   862  C CZ  . TYR A 1 111 ? -21.895 -9.621  20.916  1.00 105.87 ? 109 TYR A CZ  1 
ATOM   863  O OH  . TYR A 1 111 ? -22.058 -9.373  22.260  1.00 106.36 ? 109 TYR A OH  1 
ATOM   864  N N   . GLY A 1 112 ? -23.373 -13.556 16.638  1.00 97.41  ? 110 GLY A N   1 
ATOM   865  C CA  . GLY A 1 112 ? -24.729 -14.090 16.831  1.00 97.74  ? 110 GLY A CA  1 
ATOM   866  C C   . GLY A 1 112 ? -25.737 -13.781 15.730  1.00 99.85  ? 110 GLY A C   1 
ATOM   867  O O   . GLY A 1 112 ? -26.371 -14.688 15.183  1.00 100.07 ? 110 GLY A O   1 
ATOM   868  N N   . GLU A 1 113 ? -25.759 -12.506 15.318  1.00 99.64  ? 111 GLU A N   1 
ATOM   869  C CA  . GLU A 1 113 ? -26.831 -11.942 14.498  1.00 98.48  ? 111 GLU A CA  1 
ATOM   870  C C   . GLU A 1 113 ? -26.385 -10.908 13.447  1.00 94.95  ? 111 GLU A C   1 
ATOM   871  O O   . GLU A 1 113 ? -27.167 -10.475 12.628  1.00 96.60  ? 111 GLU A O   1 
ATOM   872  C CB  . GLU A 1 113 ? -27.896 -11.328 15.413  1.00 100.28 ? 111 GLU A CB  1 
ATOM   873  C CG  . GLU A 1 113 ? -27.340 -10.333 16.462  1.00 102.26 ? 111 GLU A CG  1 
ATOM   874  C CD  . GLU A 1 113 ? -28.292 -10.053 17.618  1.00 100.50 ? 111 GLU A CD  1 
ATOM   875  O OE1 . GLU A 1 113 ? -28.058 -10.573 18.720  1.00 100.93 ? 111 GLU A OE1 1 
ATOM   876  O OE2 . GLU A 1 113 ? -29.261 -9.299  17.424  1.00 97.87  ? 111 GLU A OE2 1 
ATOM   877  N N   . ARG A 1 114 ? -25.134 -10.495 13.508  1.00 91.49  ? 112 ARG A N   1 
ATOM   878  C CA  A ARG A 1 114 ? -24.479 -9.637  12.505  0.50 90.09  ? 112 ARG A CA  1 
ATOM   879  C CA  B ARG A 1 114 ? -24.526 -9.698  12.438  0.50 89.72  ? 112 ARG A CA  1 
ATOM   880  C C   . ARG A 1 114 ? -23.141 -10.211 12.034  1.00 89.21  ? 112 ARG A C   1 
ATOM   881  O O   . ARG A 1 114 ? -22.359 -10.683 12.863  1.00 90.62  ? 112 ARG A O   1 
ATOM   882  C CB  A ARG A 1 114 ? -24.244 -8.247  13.100  0.50 89.30  ? 112 ARG A CB  1 
ATOM   883  C CB  B ARG A 1 114 ? -24.521 -8.193  12.769  0.50 88.73  ? 112 ARG A CB  1 
ATOM   884  C CG  A ARG A 1 114 ? -25.278 -7.218  12.708  0.50 88.03  ? 112 ARG A CG  1 
ATOM   885  C CG  B ARG A 1 114 ? -23.800 -7.329  11.728  0.50 85.28  ? 112 ARG A CG  1 
ATOM   886  C CD  A ARG A 1 114 ? -24.679 -6.144  11.811  0.50 85.53  ? 112 ARG A CD  1 
ATOM   887  C CD  B ARG A 1 114 ? -24.290 -5.894  11.647  0.50 83.68  ? 112 ARG A CD  1 
ATOM   888  N NE  A ARG A 1 114 ? -24.341 -4.928  12.553  0.50 83.47  ? 112 ARG A NE  1 
ATOM   889  N NE  B ARG A 1 114 ? -23.262 -5.005  11.088  0.50 81.68  ? 112 ARG A NE  1 
ATOM   890  C CZ  A ARG A 1 114 ? -25.201 -3.952  12.847  0.50 81.94  ? 112 ARG A CZ  1 
ATOM   891  C CZ  B ARG A 1 114 ? -23.011 -4.829  9.789   0.50 77.60  ? 112 ARG A CZ  1 
ATOM   892  N NH1 A ARG A 1 114 ? -24.787 -2.892  13.528  0.50 79.26  ? 112 ARG A NH1 1 
ATOM   893  N NH1 B ARG A 1 114 ? -23.711 -5.477  8.872   0.50 75.19  ? 112 ARG A NH1 1 
ATOM   894  N NH2 A ARG A 1 114 ? -26.473 -4.027  12.469  0.50 82.28  ? 112 ARG A NH2 1 
ATOM   895  N NH2 B ARG A 1 114 ? -22.056 -3.991  9.407   0.50 75.84  ? 112 ARG A NH2 1 
ATOM   896  N N   . GLU A 1 115 ? -22.863 -10.137 10.729  1.00 87.52  ? 113 GLU A N   1 
ATOM   897  C CA  . GLU A 1 115 ? -21.627 -10.694 10.172  1.00 86.48  ? 113 GLU A CA  1 
ATOM   898  C C   . GLU A 1 115 ? -20.827 -9.832  9.173   1.00 85.63  ? 113 GLU A C   1 
ATOM   899  O O   . GLU A 1 115 ? -21.349 -8.883  8.579   1.00 84.60  ? 113 GLU A O   1 
ATOM   900  C CB  . GLU A 1 115 ? -21.893 -12.086 9.593   1.00 86.73  ? 113 GLU A CB  1 
ATOM   901  C CG  . GLU A 1 115 ? -22.536 -12.102 8.232   1.00 87.57  ? 113 GLU A CG  1 
ATOM   902  C CD  . GLU A 1 115 ? -23.057 -13.470 7.867   1.00 89.02  ? 113 GLU A CD  1 
ATOM   903  O OE1 . GLU A 1 115 ? -23.046 -13.819 6.668   1.00 93.64  ? 113 GLU A OE1 1 
ATOM   904  O OE2 . GLU A 1 115 ? -23.475 -14.202 8.787   1.00 89.06  ? 113 GLU A OE2 1 
ATOM   905  N N   . TRP A 1 116 ? -19.541 -10.180 9.034   1.00 84.54  ? 114 TRP A N   1 
ATOM   906  C CA  . TRP A 1 116 ? -18.584 -9.501  8.147   1.00 83.79  ? 114 TRP A CA  1 
ATOM   907  C C   . TRP A 1 116 ? -17.557 -10.492 7.604   1.00 83.04  ? 114 TRP A C   1 
ATOM   908  O O   . TRP A 1 116 ? -17.491 -11.650 8.030   1.00 83.17  ? 114 TRP A O   1 
ATOM   909  C CB  . TRP A 1 116 ? -17.804 -8.387  8.867   1.00 83.53  ? 114 TRP A CB  1 
ATOM   910  C CG  . TRP A 1 116 ? -18.607 -7.473  9.729   1.00 82.03  ? 114 TRP A CG  1 
ATOM   911  C CD1 . TRP A 1 116 ? -19.016 -6.210  9.425   1.00 82.23  ? 114 TRP A CD1 1 
ATOM   912  C CD2 . TRP A 1 116 ? -19.087 -7.746  11.053  1.00 81.54  ? 114 TRP A CD2 1 
ATOM   913  N NE1 . TRP A 1 116 ? -19.730 -5.680  10.472  1.00 83.09  ? 114 TRP A NE1 1 
ATOM   914  C CE2 . TRP A 1 116 ? -19.793 -6.605  11.482  1.00 83.07  ? 114 TRP A CE2 1 
ATOM   915  C CE3 . TRP A 1 116 ? -18.994 -8.848  11.916  1.00 81.44  ? 114 TRP A CE3 1 
ATOM   916  C CZ2 . TRP A 1 116 ? -20.402 -6.530  12.740  1.00 81.90  ? 114 TRP A CZ2 1 
ATOM   917  C CZ3 . TRP A 1 116 ? -19.609 -8.778  13.158  1.00 83.00  ? 114 TRP A CZ3 1 
ATOM   918  C CH2 . TRP A 1 116 ? -20.305 -7.626  13.557  1.00 81.76  ? 114 TRP A CH2 1 
ATOM   919  N N   . ARG A 1 117 ? -16.746 -9.999  6.675   1.00 82.02  ? 115 ARG A N   1 
ATOM   920  C CA  . ARG A 1 117 ? -15.639 -10.735 6.091   1.00 81.12  ? 115 ARG A CA  1 
ATOM   921  C C   . ARG A 1 117 ? -14.406 -9.855  6.217   1.00 78.55  ? 115 ARG A C   1 
ATOM   922  O O   . ARG A 1 117 ? -14.389 -8.734  5.701   1.00 78.93  ? 115 ARG A O   1 
ATOM   923  C CB  . ARG A 1 117 ? -15.928 -11.020 4.615   1.00 83.76  ? 115 ARG A CB  1 
ATOM   924  C CG  . ARG A 1 117 ? -16.923 -12.148 4.362   1.00 89.73  ? 115 ARG A CG  1 
ATOM   925  C CD  . ARG A 1 117 ? -16.201 -13.409 3.920   1.00 96.29  ? 115 ARG A CD  1 
ATOM   926  N NE  . ARG A 1 117 ? -17.038 -14.602 4.026   1.00 101.96 ? 115 ARG A NE  1 
ATOM   927  C CZ  . ARG A 1 117 ? -16.635 -15.830 3.714   1.00 104.68 ? 115 ARG A CZ  1 
ATOM   928  N NH1 . ARG A 1 117 ? -15.401 -16.042 3.271   1.00 105.29 ? 115 ARG A NH1 1 
ATOM   929  N NH2 . ARG A 1 117 ? -17.468 -16.855 3.848   1.00 107.61 ? 115 ARG A NH2 1 
ATOM   930  N N   . VAL A 1 118 ? -13.380 -10.348 6.908   1.00 74.90  ? 116 VAL A N   1 
ATOM   931  C CA  . VAL A 1 118 ? -12.153 -9.568  7.119   1.00 70.65  ? 116 VAL A CA  1 
ATOM   932  C C   . VAL A 1 118 ? -10.989 -10.100 6.290   1.00 67.98  ? 116 VAL A C   1 
ATOM   933  O O   . VAL A 1 118 ? -10.685 -11.293 6.327   1.00 67.38  ? 116 VAL A O   1 
ATOM   934  C CB  . VAL A 1 118 ? -11.735 -9.508  8.614   1.00 70.51  ? 116 VAL A CB  1 
ATOM   935  C CG1 . VAL A 1 118 ? -10.642 -8.467  8.832   1.00 70.99  ? 116 VAL A CG1 1 
ATOM   936  C CG2 . VAL A 1 118 ? -12.915 -9.169  9.476   1.00 69.48  ? 116 VAL A CG2 1 
ATOM   937  N N   . SER A 1 119 ? -10.347 -9.201  5.549   1.00 65.72  ? 117 SER A N   1 
ATOM   938  C CA  . SER A 1 119 ? -9.154  -9.537  4.782   1.00 63.92  ? 117 SER A CA  1 
ATOM   939  C C   . SER A 1 119 ? -7.959  -9.714  5.706   1.00 63.33  ? 117 SER A C   1 
ATOM   940  O O   . SER A 1 119 ? -7.650  -8.837  6.516   1.00 66.66  ? 117 SER A O   1 
ATOM   941  C CB  . SER A 1 119 ? -8.857  -8.460  3.737   1.00 63.57  ? 117 SER A CB  1 
ATOM   942  O OG  . SER A 1 119 ? -7.894  -8.916  2.801   1.00 61.08  ? 117 SER A OG  1 
ATOM   943  N N   . VAL A 1 120 ? -7.312  -10.872 5.593   1.00 60.62  ? 118 VAL A N   1 
ATOM   944  C CA  . VAL A 1 120 ? -6.108  -11.174 6.354   1.00 56.03  ? 118 VAL A CA  1 
ATOM   945  C C   . VAL A 1 120 ? -4.975  -11.543 5.413   1.00 57.09  ? 118 VAL A C   1 
ATOM   946  O O   . VAL A 1 120 ? -5.048  -12.538 4.693   1.00 57.68  ? 118 VAL A O   1 
ATOM   947  C CB  . VAL A 1 120 ? -6.309  -12.333 7.342   1.00 54.13  ? 118 VAL A CB  1 
ATOM   948  C CG1 . VAL A 1 120 ? -5.092  -12.469 8.227   1.00 53.45  ? 118 VAL A CG1 1 
ATOM   949  C CG2 . VAL A 1 120 ? -7.528  -12.107 8.187   1.00 53.89  ? 118 VAL A CG2 1 
ATOM   950  N N   . LYS A 1 121 ? -3.928  -10.728 5.430   1.00 57.10  ? 119 LYS A N   1 
ATOM   951  C CA  . LYS A 1 121 ? -2.719  -11.007 4.682   1.00 55.51  ? 119 LYS A CA  1 
ATOM   952  C C   . LYS A 1 121 ? -1.840  -11.934 5.512   1.00 57.22  ? 119 LYS A C   1 
ATOM   953  O O   . LYS A 1 121 ? -1.548  -11.646 6.677   1.00 57.65  ? 119 LYS A O   1 
ATOM   954  C CB  . LYS A 1 121 ? -1.983  -9.701  4.390   1.00 54.34  ? 119 LYS A CB  1 
ATOM   955  C CG  . LYS A 1 121 ? -0.809  -9.833  3.445   1.00 55.40  ? 119 LYS A CG  1 
ATOM   956  C CD  . LYS A 1 121 ? -0.024  -8.537  3.393   1.00 60.60  ? 119 LYS A CD  1 
ATOM   957  C CE  . LYS A 1 121 ? 0.807   -8.455  2.125   1.00 66.86  ? 119 LYS A CE  1 
ATOM   958  N NZ  . LYS A 1 121 ? 1.655   -7.233  2.106   1.00 72.00  ? 119 LYS A NZ  1 
ATOM   959  N N   . ILE A 1 122 ? -1.441  -13.056 4.917   1.00 57.85  ? 120 ILE A N   1 
ATOM   960  C CA  . ILE A 1 122 ? -0.513  -13.982 5.564   1.00 59.83  ? 120 ILE A CA  1 
ATOM   961  C C   . ILE A 1 122 ? 0.783   -14.038 4.764   1.00 61.28  ? 120 ILE A C   1 
ATOM   962  O O   . ILE A 1 122 ? 0.795   -14.489 3.616   1.00 61.55  ? 120 ILE A O   1 
ATOM   963  C CB  . ILE A 1 122 ? -1.110  -15.401 5.725   1.00 59.35  ? 120 ILE A CB  1 
ATOM   964  C CG1 . ILE A 1 122 ? -2.385  -15.356 6.571   1.00 61.26  ? 120 ILE A CG1 1 
ATOM   965  C CG2 . ILE A 1 122 ? -0.093  -16.343 6.364   1.00 54.59  ? 120 ILE A CG2 1 
ATOM   966  C CD1 . ILE A 1 122 ? -3.357  -16.481 6.277   1.00 64.64  ? 120 ILE A CD1 1 
ATOM   967  N N   . ALA A 1 123 ? 1.861   -13.564 5.380   1.00 63.02  ? 121 ALA A N   1 
ATOM   968  C CA  . ALA A 1 123 ? 3.176   -13.531 4.753   1.00 65.17  ? 121 ALA A CA  1 
ATOM   969  C C   . ALA A 1 123 ? 4.038   -14.656 5.303   1.00 67.08  ? 121 ALA A C   1 
ATOM   970  O O   . ALA A 1 123 ? 4.354   -14.691 6.497   1.00 66.31  ? 121 ALA A O   1 
ATOM   971  C CB  . ALA A 1 123 ? 3.832   -12.204 4.994   1.00 63.72  ? 121 ALA A CB  1 
ATOM   972  N N   . GLU A 1 124 ? 4.415   -15.577 4.428   1.00 67.75  ? 122 GLU A N   1 
ATOM   973  C CA  . GLU A 1 124 ? 5.111   -16.772 4.865   1.00 71.51  ? 122 GLU A CA  1 
ATOM   974  C C   . GLU A 1 124 ? 6.267   -17.124 3.945   1.00 72.75  ? 122 GLU A C   1 
ATOM   975  O O   . GLU A 1 124 ? 6.119   -17.147 2.723   1.00 72.70  ? 122 GLU A O   1 
ATOM   976  C CB  . GLU A 1 124 ? 4.133   -17.942 4.960   1.00 72.36  ? 122 GLU A CB  1 
ATOM   977  C CG  . GLU A 1 124 ? 4.633   -19.109 5.788   1.00 75.15  ? 122 GLU A CG  1 
ATOM   978  C CD  . GLU A 1 124 ? 3.787   -20.355 5.612   1.00 81.40  ? 122 GLU A CD  1 
ATOM   979  O OE1 . GLU A 1 124 ? 4.349   -21.464 5.740   1.00 80.97  ? 122 GLU A OE1 1 
ATOM   980  O OE2 . GLU A 1 124 ? 2.571   -20.234 5.341   1.00 84.56  ? 122 GLU A OE2 1 
ATOM   981  N N   . THR A 1 125 ? 7.417   -17.413 4.544   1.00 75.56  ? 123 THR A N   1 
ATOM   982  C CA  . THR A 1 125 ? 8.605   -17.783 3.780   1.00 80.20  ? 123 THR A CA  1 
ATOM   983  C C   . THR A 1 125 ? 8.565   -19.254 3.358   1.00 82.43  ? 123 THR A C   1 
ATOM   984  O O   . THR A 1 125 ? 7.614   -19.978 3.675   1.00 82.14  ? 123 THR A O   1 
ATOM   985  C CB  . THR A 1 125 ? 9.905   -17.487 4.564   1.00 79.98  ? 123 THR A CB  1 
ATOM   986  O OG1 . THR A 1 125 ? 9.774   -17.963 5.908   1.00 82.56  ? 123 THR A OG1 1 
ATOM   987  C CG2 . THR A 1 125 ? 10.188  -15.993 4.591   1.00 79.00  ? 123 THR A CG2 1 
ATOM   988  N N   . GLU A 1 126 ? 9.598   -19.676 2.628   1.00 86.92  ? 124 GLU A N   1 
ATOM   989  C CA  . GLU A 1 126 ? 9.747   -21.065 2.185   1.00 90.87  ? 124 GLU A CA  1 
ATOM   990  C C   . GLU A 1 126 ? 9.877   -22.011 3.368   1.00 89.80  ? 124 GLU A C   1 
ATOM   991  O O   . GLU A 1 126 ? 9.236   -23.065 3.406   1.00 88.47  ? 124 GLU A O   1 
ATOM   992  C CB  . GLU A 1 126 ? 10.996  -21.231 1.322   1.00 93.79  ? 124 GLU A CB  1 
ATOM   993  C CG  . GLU A 1 126 ? 10.996  -20.509 -0.007  1.00 102.48 ? 124 GLU A CG  1 
ATOM   994  C CD  . GLU A 1 126 ? 11.843  -21.224 -1.052  1.00 110.21 ? 124 GLU A CD  1 
ATOM   995  O OE1 . GLU A 1 126 ? 11.653  -20.948 -2.255  1.00 115.17 ? 124 GLU A OE1 1 
ATOM   996  O OE2 . GLU A 1 126 ? 12.690  -22.070 -0.684  1.00 112.45 ? 124 GLU A OE2 1 
ATOM   997  N N   . GLU A 1 127 ? 10.712  -21.610 4.326   1.00 89.97  ? 125 GLU A N   1 
ATOM   998  C CA  . GLU A 1 127 ? 11.018  -22.387 5.526   1.00 91.66  ? 125 GLU A CA  1 
ATOM   999  C C   . GLU A 1 127 ? 9.807   -22.609 6.445   1.00 90.07  ? 125 GLU A C   1 
ATOM   1000 O O   . GLU A 1 127 ? 9.834   -23.476 7.319   1.00 90.66  ? 125 GLU A O   1 
ATOM   1001 C CB  . GLU A 1 127 ? 12.162  -21.719 6.302   1.00 93.25  ? 125 GLU A CB  1 
ATOM   1002 C CG  . GLU A 1 127 ? 11.771  -20.415 6.994   1.00 102.11 ? 125 GLU A CG  1 
ATOM   1003 C CD  . GLU A 1 127 ? 12.951  -19.512 7.284   1.00 110.09 ? 125 GLU A CD  1 
ATOM   1004 O OE1 . GLU A 1 127 ? 13.468  -18.885 6.338   1.00 114.90 ? 125 GLU A OE1 1 
ATOM   1005 O OE2 . GLU A 1 127 ? 13.352  -19.414 8.461   1.00 114.28 ? 125 GLU A OE2 1 
ATOM   1006 N N   . GLY A 1 128 ? 8.752   -21.826 6.238   1.00 88.50  ? 126 GLY A N   1 
ATOM   1007 C CA  . GLY A 1 128 ? 7.535   -21.955 7.022   1.00 85.55  ? 126 GLY A CA  1 
ATOM   1008 C C   . GLY A 1 128 ? 7.418   -20.926 8.127   1.00 84.23  ? 126 GLY A C   1 
ATOM   1009 O O   . GLY A 1 128 ? 6.562   -21.059 9.004   1.00 85.08  ? 126 GLY A O   1 
ATOM   1010 N N   . GLU A 1 129 ? 8.267   -19.906 8.092   1.00 81.35  ? 127 GLU A N   1 
ATOM   1011 C CA  . GLU A 1 129 ? 8.172   -18.803 9.041   1.00 80.31  ? 127 GLU A CA  1 
ATOM   1012 C C   . GLU A 1 129 ? 7.073   -17.824 8.639   1.00 77.44  ? 127 GLU A C   1 
ATOM   1013 O O   . GLU A 1 129 ? 7.188   -17.132 7.627   1.00 76.98  ? 127 GLU A O   1 
ATOM   1014 C CB  . GLU A 1 129 ? 9.512   -18.073 9.151   1.00 79.74  ? 127 GLU A CB  1 
ATOM   1015 C CG  . GLU A 1 129 ? 9.423   -16.708 9.816   1.00 80.56  ? 127 GLU A CG  1 
ATOM   1016 C CD  . GLU A 1 129 ? 10.747  -15.969 9.807   1.00 83.38  ? 127 GLU A CD  1 
ATOM   1017 O OE1 . GLU A 1 129 ? 11.404  -15.937 8.745   1.00 81.50  ? 127 GLU A OE1 1 
ATOM   1018 O OE2 . GLU A 1 129 ? 11.129  -15.419 10.861  1.00 87.83  ? 127 GLU A OE2 1 
ATOM   1019 N N   . VAL A 1 130 ? 6.009   -17.770 9.434   1.00 75.29  ? 128 VAL A N   1 
ATOM   1020 C CA  . VAL A 1 130 ? 4.950   -16.817 9.207   1.00 73.94  ? 128 VAL A CA  1 
ATOM   1021 C C   . VAL A 1 130 ? 5.375   -15.503 9.856   1.00 72.89  ? 128 VAL A C   1 
ATOM   1022 O O   . VAL A 1 130 ? 5.189   -15.296 11.059  1.00 72.12  ? 128 VAL A O   1 
ATOM   1023 C CB  . VAL A 1 130 ? 3.605   -17.307 9.758   1.00 73.55  ? 128 VAL A CB  1 
ATOM   1024 C CG1 . VAL A 1 130 ? 2.517   -16.480 9.175   1.00 75.13  ? 128 VAL A CG1 1 
ATOM   1025 C CG2 . VAL A 1 130 ? 3.375   -18.775 9.401   1.00 74.40  ? 128 VAL A CG2 1 
ATOM   1026 N N   . VAL A 1 131 ? 5.971   -14.635 9.040   1.00 72.39  ? 129 VAL A N   1 
ATOM   1027 C CA  . VAL A 1 131 ? 6.526   -13.354 9.494   1.00 73.51  ? 129 VAL A CA  1 
ATOM   1028 C C   . VAL A 1 131 ? 5.429   -12.379 9.936   1.00 73.56  ? 129 VAL A C   1 
ATOM   1029 O O   . VAL A 1 131 ? 5.549   -11.738 10.987  1.00 76.87  ? 129 VAL A O   1 
ATOM   1030 C CB  . VAL A 1 131 ? 7.547   -12.745 8.451   1.00 73.46  ? 129 VAL A CB  1 
ATOM   1031 C CG1 . VAL A 1 131 ? 7.360   -13.354 7.080   1.00 73.66  ? 129 VAL A CG1 1 
ATOM   1032 C CG2 . VAL A 1 131 ? 7.462   -11.221 8.360   1.00 72.19  ? 129 VAL A CG2 1 
ATOM   1033 N N   . THR A 1 132 ? 4.357   -12.300 9.151   1.00 71.20  ? 130 THR A N   1 
ATOM   1034 C CA  . THR A 1 132 ? 3.173   -11.541 9.534   1.00 68.43  ? 130 THR A CA  1 
ATOM   1035 C C   . THR A 1 132 ? 1.896   -12.271 9.161   1.00 66.09  ? 130 THR A C   1 
ATOM   1036 O O   . THR A 1 132 ? 1.792   -12.849 8.080   1.00 63.34  ? 130 THR A O   1 
ATOM   1037 C CB  . THR A 1 132 ? 3.128   -10.119 8.902   1.00 70.56  ? 130 THR A CB  1 
ATOM   1038 O OG1 . THR A 1 132 ? 3.741   -10.134 7.608   1.00 67.09  ? 130 THR A OG1 1 
ATOM   1039 C CG2 . THR A 1 132 ? 3.834   -9.098  9.791   1.00 74.00  ? 130 THR A CG2 1 
ATOM   1040 N N   . VAL A 1 133 ? 0.947   -12.263 10.090  1.00 66.01  ? 131 VAL A N   1 
ATOM   1041 C CA  . VAL A 1 133 ? -0.450  -12.536 9.796   1.00 66.59  ? 131 VAL A CA  1 
ATOM   1042 C C   . VAL A 1 133 ? -1.163  -11.263 10.215  1.00 68.80  ? 131 VAL A C   1 
ATOM   1043 O O   . VAL A 1 133 ? -1.236  -10.945 11.405  1.00 69.63  ? 131 VAL A O   1 
ATOM   1044 C CB  . VAL A 1 133 ? -0.986  -13.758 10.572  1.00 67.33  ? 131 VAL A CB  1 
ATOM   1045 C CG1 . VAL A 1 133 ? -2.485  -13.902 10.404  1.00 69.55  ? 131 VAL A CG1 1 
ATOM   1046 C CG2 . VAL A 1 133 ? -0.341  -14.999 10.072  1.00 64.12  ? 131 VAL A CG2 1 
ATOM   1047 N N   . LYS A 1 134 ? -1.647  -10.513 9.232   1.00 70.71  ? 132 LYS A N   1 
ATOM   1048 C CA  . LYS A 1 134 ? -2.206  -9.193  9.490   1.00 72.37  ? 132 LYS A CA  1 
ATOM   1049 C C   . LYS A 1 134 ? -3.643  -9.082  9.022   1.00 71.92  ? 132 LYS A C   1 
ATOM   1050 O O   . LYS A 1 134 ? -3.911  -9.050  7.819   1.00 71.24  ? 132 LYS A O   1 
ATOM   1051 C CB  . LYS A 1 134 ? -1.356  -8.103  8.827   1.00 74.05  ? 132 LYS A CB  1 
ATOM   1052 C CG  . LYS A 1 134 ? 0.008   -7.867  9.475   1.00 81.87  ? 132 LYS A CG  1 
ATOM   1053 C CD  . LYS A 1 134 ? -0.087  -6.944  10.692  1.00 85.29  ? 132 LYS A CD  1 
ATOM   1054 C CE  . LYS A 1 134 ? 1.285   -6.647  11.285  1.00 83.82  ? 132 LYS A CE  1 
ATOM   1055 N NZ  . LYS A 1 134 ? 1.227   -5.515  12.249  1.00 82.78  ? 132 LYS A NZ  1 
ATOM   1056 N N   . ALA A 1 135 ? -4.563  -9.036  9.979   1.00 73.11  ? 133 ALA A N   1 
ATOM   1057 C CA  . ALA A 1 135 ? -5.942  -8.689  9.686   1.00 76.96  ? 133 ALA A CA  1 
ATOM   1058 C C   . ALA A 1 135 ? -5.989  -7.199  9.361   1.00 81.37  ? 133 ALA A C   1 
ATOM   1059 O O   . ALA A 1 135 ? -5.342  -6.389  10.039  1.00 83.60  ? 133 ALA A O   1 
ATOM   1060 C CB  . ALA A 1 135 ? -6.830  -9.015  10.860  1.00 75.23  ? 133 ALA A CB  1 
ATOM   1061 N N   . GLU A 1 136 ? -6.724  -6.854  8.304   1.00 84.88  ? 134 GLU A N   1 
ATOM   1062 C CA  . GLU A 1 136 ? -6.851  -5.471  7.842   1.00 88.70  ? 134 GLU A CA  1 
ATOM   1063 C C   . GLU A 1 136 ? -7.535  -4.628  8.912   1.00 88.99  ? 134 GLU A C   1 
ATOM   1064 O O   . GLU A 1 136 ? -8.702  -4.862  9.242   1.00 86.37  ? 134 GLU A O   1 
ATOM   1065 C CB  . GLU A 1 136 ? -7.642  -5.418  6.537   1.00 90.75  ? 134 GLU A CB  1 
ATOM   1066 C CG  . GLU A 1 136 ? -7.708  -4.034  5.911   1.00 98.51  ? 134 GLU A CG  1 
ATOM   1067 C CD  . GLU A 1 136 ? -8.998  -3.802  5.151   1.00 105.79 ? 134 GLU A CD  1 
ATOM   1068 O OE1 . GLU A 1 136 ? -9.717  -2.836  5.491   1.00 109.54 ? 134 GLU A OE1 1 
ATOM   1069 O OE2 . GLU A 1 136 ? -9.301  -4.582  4.222   1.00 109.16 ? 134 GLU A OE2 1 
ATOM   1070 N N   . PHE A 1 137 ? -6.794  -3.653  9.442   1.00 91.75  ? 135 PHE A N   1 
ATOM   1071 C CA  . PHE A 1 137 ? -7.168  -2.975  10.687  1.00 95.10  ? 135 PHE A CA  1 
ATOM   1072 C C   . PHE A 1 137 ? -8.450  -2.155  10.637  1.00 96.32  ? 135 PHE A C   1 
ATOM   1073 O O   . PHE A 1 137 ? -9.200  -2.127  11.618  1.00 96.94  ? 135 PHE A O   1 
ATOM   1074 C CB  . PHE A 1 137 ? -6.020  -2.116  11.228  1.00 96.12  ? 135 PHE A CB  1 
ATOM   1075 C CG  . PHE A 1 137 ? -6.275  -1.576  12.609  1.00 98.34  ? 135 PHE A CG  1 
ATOM   1076 C CD1 . PHE A 1 137 ? -6.405  -0.208  12.826  1.00 99.99  ? 135 PHE A CD1 1 
ATOM   1077 C CD2 . PHE A 1 137 ? -6.421  -2.443  13.690  1.00 99.28  ? 135 PHE A CD2 1 
ATOM   1078 C CE1 . PHE A 1 137 ? -6.653  0.290   14.104  1.00 100.63 ? 135 PHE A CE1 1 
ATOM   1079 C CE2 . PHE A 1 137 ? -6.671  -1.956  14.969  1.00 100.40 ? 135 PHE A CE2 1 
ATOM   1080 C CZ  . PHE A 1 137 ? -6.788  -0.587  15.177  1.00 99.67  ? 135 PHE A CZ  1 
ATOM   1081 N N   . ASP A 1 138 ? -8.694  -1.496  9.504   1.00 97.28  ? 136 ASP A N   1 
ATOM   1082 C CA  . ASP A 1 138 ? -9.876  -0.650  9.345   1.00 98.47  ? 136 ASP A CA  1 
ATOM   1083 C C   . ASP A 1 138 ? -11.168 -1.452  9.508   1.00 97.00  ? 136 ASP A C   1 
ATOM   1084 O O   . ASP A 1 138 ? -12.069 -1.020  10.223  1.00 95.71  ? 136 ASP A O   1 
ATOM   1085 C CB  . ASP A 1 138 ? -9.850  0.092   8.006   1.00 100.99 ? 136 ASP A CB  1 
ATOM   1086 C CG  . ASP A 1 138 ? -10.355 1.527   8.121   1.00 107.08 ? 136 ASP A CG  1 
ATOM   1087 O OD1 . ASP A 1 138 ? -9.955  2.231   9.077   1.00 109.48 ? 136 ASP A OD1 1 
ATOM   1088 O OD2 . ASP A 1 138 ? -11.145 1.954   7.248   1.00 110.37 ? 136 ASP A OD2 1 
ATOM   1089 N N   . GLU A 1 139 ? -11.227 -2.623  8.870   1.00 96.23  ? 137 GLU A N   1 
ATOM   1090 C CA  . GLU A 1 139 ? -12.319 -3.583  9.061   1.00 95.76  ? 137 GLU A CA  1 
ATOM   1091 C C   . GLU A 1 139 ? -12.434 -4.043  10.512  1.00 94.11  ? 137 GLU A C   1 
ATOM   1092 O O   . GLU A 1 139 ? -13.539 -4.126  11.043  1.00 93.41  ? 137 GLU A O   1 
ATOM   1093 C CB  . GLU A 1 139 ? -12.138 -4.803  8.153   1.00 96.21  ? 137 GLU A CB  1 
ATOM   1094 C CG  . GLU A 1 139 ? -12.843 -4.701  6.809   1.00 97.36  ? 137 GLU A CG  1 
ATOM   1095 C CD  . GLU A 1 139 ? -12.358 -5.741  5.808   1.00 99.47  ? 137 GLU A CD  1 
ATOM   1096 O OE1 . GLU A 1 139 ? -11.376 -6.455  6.102   1.00 101.54 ? 137 GLU A OE1 1 
ATOM   1097 O OE2 . GLU A 1 139 ? -12.958 -5.840  4.716   1.00 104.14 ? 137 GLU A OE2 1 
ATOM   1098 N N   . CYS A 1 140 ? -11.291 -4.322  11.140  1.00 94.30  ? 138 CYS A N   1 
ATOM   1099 C CA  . CYS A 1 140 ? -11.234 -4.813  12.521  1.00 94.86  ? 138 CYS A CA  1 
ATOM   1100 C C   . CYS A 1 140 ? -11.749 -3.818  13.552  1.00 95.78  ? 138 CYS A C   1 
ATOM   1101 O O   . CYS A 1 140 ? -12.446 -4.198  14.497  1.00 95.70  ? 138 CYS A O   1 
ATOM   1102 C CB  . CYS A 1 140 ? -9.806  -5.214  12.884  1.00 93.89  ? 138 CYS A CB  1 
ATOM   1103 S SG  . CYS A 1 140 ? -9.359  -6.838  12.306  1.00 94.52  ? 138 CYS A SG  1 
ATOM   1104 N N   . ARG A 1 141 ? -11.401 -2.548  13.361  1.00 97.95  ? 139 ARG A N   1 
ATOM   1105 C CA  . ARG A 1 141 ? -11.840 -1.483  14.256  1.00 100.51 ? 139 ARG A CA  1 
ATOM   1106 C C   . ARG A 1 141 ? -13.293 -1.110  13.993  1.00 100.09 ? 139 ARG A C   1 
ATOM   1107 O O   . ARG A 1 141 ? -14.024 -0.741  14.916  1.00 99.96  ? 139 ARG A O   1 
ATOM   1108 C CB  . ARG A 1 141 ? -10.953 -0.244  14.115  1.00 102.46 ? 139 ARG A CB  1 
ATOM   1109 C CG  . ARG A 1 141 ? -11.009 0.702   15.317  1.00 106.78 ? 139 ARG A CG  1 
ATOM   1110 C CD  . ARG A 1 141 ? -10.956 2.170   14.906  1.00 111.43 ? 139 ARG A CD  1 
ATOM   1111 N NE  . ARG A 1 141 ? -9.622  2.600   14.486  1.00 115.84 ? 139 ARG A NE  1 
ATOM   1112 C CZ  . ARG A 1 141 ? -9.243  2.776   13.221  1.00 118.14 ? 139 ARG A CZ  1 
ATOM   1113 N NH1 . ARG A 1 141 ? -10.092 2.558   12.223  1.00 118.83 ? 139 ARG A NH1 1 
ATOM   1114 N NH2 . ARG A 1 141 ? -8.006  3.173   12.951  1.00 119.18 ? 139 ARG A NH2 1 
ATOM   1115 N N   . GLU A 1 142 ? -13.698 -1.203  12.728  1.00 100.07 ? 140 GLU A N   1 
ATOM   1116 C CA  . GLU A 1 142 ? -15.061 -0.870  12.327  1.00 100.20 ? 140 GLU A CA  1 
ATOM   1117 C C   . GLU A 1 142 ? -16.052 -1.954  12.756  1.00 99.04  ? 140 GLU A C   1 
ATOM   1118 O O   . GLU A 1 142 ? -17.214 -1.656  13.036  1.00 98.33  ? 140 GLU A O   1 
ATOM   1119 C CB  . GLU A 1 142 ? -15.129 -0.620  10.823  1.00 101.52 ? 140 GLU A CB  1 
ATOM   1120 C CG  . GLU A 1 142 ? -16.107 0.460   10.415  1.00 105.47 ? 140 GLU A CG  1 
ATOM   1121 C CD  . GLU A 1 142 ? -17.482 -0.091  10.115  1.00 107.96 ? 140 GLU A CD  1 
ATOM   1122 O OE1 . GLU A 1 142 ? -18.480 0.580   10.455  1.00 108.49 ? 140 GLU A OE1 1 
ATOM   1123 O OE2 . GLU A 1 142 ? -17.563 -1.199  9.541   1.00 108.10 ? 140 GLU A OE2 1 
ATOM   1124 N N   . ILE A 1 143 ? -15.585 -3.204  12.806  1.00 99.18  ? 141 ILE A N   1 
ATOM   1125 C CA  . ILE A 1 143 ? -16.317 -4.282  13.471  1.00 98.01  ? 141 ILE A CA  1 
ATOM   1126 C C   . ILE A 1 143 ? -16.320 -3.978  14.960  1.00 98.89  ? 141 ILE A C   1 
ATOM   1127 O O   . ILE A 1 143 ? -17.365 -4.046  15.607  1.00 99.42  ? 141 ILE A O   1 
ATOM   1128 C CB  . ILE A 1 143 ? -15.683 -5.673  13.216  1.00 96.87  ? 141 ILE A CB  1 
ATOM   1129 C CG1 . ILE A 1 143 ? -15.979 -6.141  11.794  1.00 96.02  ? 141 ILE A CG1 1 
ATOM   1130 C CG2 . ILE A 1 143 ? -16.195 -6.719  14.216  1.00 95.65  ? 141 ILE A CG2 1 
ATOM   1131 C CD1 . ILE A 1 143 ? -15.367 -7.469  11.466  1.00 96.37  ? 141 ILE A CD1 1 
ATOM   1132 N N   . GLY A 1 144 ? -15.147 -3.600  15.475  1.00 100.80 ? 142 GLY A N   1 
ATOM   1133 C CA  . GLY A 1 144 ? -14.947 -3.268  16.890  1.00 104.09 ? 142 GLY A CA  1 
ATOM   1134 C C   . GLY A 1 144 ? -15.887 -2.216  17.457  1.00 106.26 ? 142 GLY A C   1 
ATOM   1135 O O   . GLY A 1 144 ? -16.158 -2.206  18.660  1.00 105.84 ? 142 GLY A O   1 
ATOM   1136 N N   . GLU A 1 145 ? -16.382 -1.335  16.588  1.00 108.72 ? 143 GLU A N   1 
ATOM   1137 C CA  . GLU A 1 145 ? -17.442 -0.389  16.939  1.00 111.98 ? 143 GLU A CA  1 
ATOM   1138 C C   . GLU A 1 145 ? -18.785 -1.076  17.142  1.00 112.82 ? 143 GLU A C   1 
ATOM   1139 O O   . GLU A 1 145 ? -19.281 -1.148  18.265  1.00 114.00 ? 143 GLU A O   1 
ATOM   1140 C CB  . GLU A 1 145 ? -17.639 0.636   15.831  1.00 113.31 ? 143 GLU A CB  1 
ATOM   1141 C CG  . GLU A 1 145 ? -16.576 1.682   15.686  1.00 118.07 ? 143 GLU A CG  1 
ATOM   1142 C CD  . GLU A 1 145 ? -16.845 2.560   14.483  1.00 123.38 ? 143 GLU A CD  1 
ATOM   1143 O OE1 . GLU A 1 145 ? -15.901 2.806   13.705  1.00 126.40 ? 143 GLU A OE1 1 
ATOM   1144 O OE2 . GLU A 1 145 ? -18.006 2.994   14.304  1.00 124.10 ? 143 GLU A OE2 1 
ATOM   1145 N N   . GLU A 1 146 ? -19.370 -1.553  16.038  1.00 112.53 ? 144 GLU A N   1 
ATOM   1146 C CA  . GLU A 1 146 ? -20.733 -2.104  16.001  1.00 111.48 ? 144 GLU A CA  1 
ATOM   1147 C C   . GLU A 1 146 ? -20.931 -3.234  17.004  1.00 110.25 ? 144 GLU A C   1 
ATOM   1148 O O   . GLU A 1 146 ? -22.021 -3.401  17.551  1.00 110.69 ? 144 GLU A O   1 
ATOM   1149 C CB  . GLU A 1 146 ? -21.073 -2.611  14.598  1.00 112.10 ? 144 GLU A CB  1 
ATOM   1150 C CG  . GLU A 1 146 ? -20.604 -1.718  13.457  1.00 114.13 ? 144 GLU A CG  1 
ATOM   1151 C CD  . GLU A 1 146 ? -20.431 -2.485  12.160  1.00 116.54 ? 144 GLU A CD  1 
ATOM   1152 O OE1 . GLU A 1 146 ? -21.114 -3.508  11.974  1.00 118.56 ? 144 GLU A OE1 1 
ATOM   1153 O OE2 . GLU A 1 146 ? -19.619 -2.067  11.317  1.00 115.05 ? 144 GLU A OE2 1 
ATOM   1154 N N   . THR A 1 147 ? -19.865 -4.001  17.233  1.00 109.48 ? 145 THR A N   1 
ATOM   1155 C CA  . THR A 1 147 ? -19.842 -5.039  18.261  1.00 108.61 ? 145 THR A CA  1 
ATOM   1156 C C   . THR A 1 147 ? -19.644 -4.461  19.660  1.00 109.14 ? 145 THR A C   1 
ATOM   1157 O O   . THR A 1 147 ? -20.193 -4.984  20.634  1.00 110.15 ? 145 THR A O   1 
ATOM   1158 C CB  . THR A 1 147 ? -18.728 -6.076  18.009  1.00 107.26 ? 145 THR A CB  1 
ATOM   1159 O OG1 . THR A 1 147 ? -17.474 -5.407  17.817  1.00 104.51 ? 145 THR A OG1 1 
ATOM   1160 C CG2 . THR A 1 147 ? -19.044 -6.916  16.797  1.00 106.34 ? 145 THR A CG2 1 
ATOM   1161 N N   . GLY A 1 148 ? -18.852 -3.395  19.756  1.00 108.34 ? 146 GLY A N   1 
ATOM   1162 C CA  . GLY A 1 148 ? -18.530 -2.778  21.040  1.00 108.88 ? 146 GLY A CA  1 
ATOM   1163 C C   . GLY A 1 148 ? -17.181 -3.239  21.549  1.00 109.28 ? 146 GLY A C   1 
ATOM   1164 O O   . GLY A 1 148 ? -16.322 -2.415  21.874  1.00 110.05 ? 146 GLY A O   1 
ATOM   1165 N N   . ILE A 1 149 ? -17.009 -4.561  21.609  1.00 109.10 ? 147 ILE A N   1 
ATOM   1166 C CA  . ILE A 1 149 ? -15.773 -5.219  22.064  1.00 108.39 ? 147 ILE A CA  1 
ATOM   1167 C C   . ILE A 1 149 ? -14.529 -4.761  21.277  1.00 107.57 ? 147 ILE A C   1 
ATOM   1168 O O   . ILE A 1 149 ? -14.609 -4.589  20.057  1.00 108.53 ? 147 ILE A O   1 
ATOM   1169 C CB  . ILE A 1 149 ? -15.917 -6.779  22.081  1.00 108.42 ? 147 ILE A CB  1 
ATOM   1170 C CG1 . ILE A 1 149 ? -16.629 -7.301  20.830  1.00 108.97 ? 147 ILE A CG1 1 
ATOM   1171 C CG2 . ILE A 1 149 ? -16.666 -7.229  23.328  1.00 109.77 ? 147 ILE A CG2 1 
ATOM   1172 C CD1 . ILE A 1 149 ? -15.704 -7.801  19.743  1.00 111.27 ? 147 ILE A CD1 1 
ATOM   1173 N N   . PRO A 1 150 ? -13.395 -4.534  21.988  1.00 105.30 ? 148 PRO A N   1 
ATOM   1174 C CA  . PRO A 1 150 ? -12.202 -3.827  21.477  1.00 102.16 ? 148 PRO A CA  1 
ATOM   1175 C C   . PRO A 1 150 ? -11.593 -4.369  20.176  1.00 98.67  ? 148 PRO A C   1 
ATOM   1176 O O   . PRO A 1 150 ? -11.477 -5.586  20.014  1.00 97.94  ? 148 PRO A O   1 
ATOM   1177 C CB  . PRO A 1 150 ? -11.188 -3.921  22.631  1.00 102.98 ? 148 PRO A CB  1 
ATOM   1178 C CG  . PRO A 1 150 ? -11.783 -4.787  23.655  1.00 104.93 ? 148 PRO A CG  1 
ATOM   1179 C CD  . PRO A 1 150 ? -13.231 -4.947  23.396  1.00 105.20 ? 148 PRO A CD  1 
ATOM   1180 N N   . PRO A 1 151 ? -11.199 -3.454  19.265  1.00 95.96  ? 149 PRO A N   1 
ATOM   1181 C CA  . PRO A 1 151 ? -10.700 -3.700  17.908  1.00 95.31  ? 149 PRO A CA  1 
ATOM   1182 C C   . PRO A 1 151 ? -9.543  -4.686  17.792  1.00 93.68  ? 149 PRO A C   1 
ATOM   1183 O O   . PRO A 1 151 ? -9.441  -5.398  16.790  1.00 95.04  ? 149 PRO A O   1 
ATOM   1184 C CB  . PRO A 1 151 ? -10.205 -2.312  17.466  1.00 96.00  ? 149 PRO A CB  1 
ATOM   1185 C CG  . PRO A 1 151 ? -10.110 -1.501  18.712  1.00 96.15  ? 149 PRO A CG  1 
ATOM   1186 C CD  . PRO A 1 151 ? -11.224 -2.010  19.549  1.00 96.12  ? 149 PRO A CD  1 
ATOM   1187 N N   . ARG A 1 152 ? -8.690  -4.720  18.810  1.00 92.10  ? 150 ARG A N   1 
ATOM   1188 C CA  A ARG A 1 152 ? -7.474  -5.532  18.774  0.50 91.18  ? 150 ARG A CA  1 
ATOM   1189 C CA  B ARG A 1 152 ? -7.476  -5.529  18.778  0.50 91.07  ? 150 ARG A CA  1 
ATOM   1190 C C   . ARG A 1 152 ? -7.750  -6.984  19.170  1.00 90.50  ? 150 ARG A C   1 
ATOM   1191 O O   . ARG A 1 152 ? -6.933  -7.871  18.913  1.00 91.07  ? 150 ARG A O   1 
ATOM   1192 C CB  A ARG A 1 152 ? -6.371  -4.939  19.665  0.50 91.57  ? 150 ARG A CB  1 
ATOM   1193 C CB  B ARG A 1 152 ? -6.394  -4.914  19.676  0.50 91.34  ? 150 ARG A CB  1 
ATOM   1194 C CG  A ARG A 1 152 ? -6.654  -3.563  20.285  0.50 90.69  ? 150 ARG A CG  1 
ATOM   1195 C CG  B ARG A 1 152 ? -6.497  -3.397  19.853  0.50 90.00  ? 150 ARG A CG  1 
ATOM   1196 C CD  A ARG A 1 152 ? -7.253  -3.700  21.686  0.50 88.54  ? 150 ARG A CD  1 
ATOM   1197 C CD  B ARG A 1 152 ? -5.133  -2.732  19.854  0.50 87.35  ? 150 ARG A CD  1 
ATOM   1198 N NE  A ARG A 1 152 ? -6.578  -4.744  22.460  0.50 86.77  ? 150 ARG A NE  1 
ATOM   1199 N NE  B ARG A 1 152 ? -4.778  -2.230  18.527  0.50 86.12  ? 150 ARG A NE  1 
ATOM   1200 C CZ  A ARG A 1 152 ? -7.040  -5.277  23.587  0.50 85.52  ? 150 ARG A CZ  1 
ATOM   1201 C CZ  B ARG A 1 152 ? -3.580  -1.757  18.191  0.50 86.29  ? 150 ARG A CZ  1 
ATOM   1202 N NH1 A ARG A 1 152 ? -8.193  -4.871  24.104  0.50 86.58  ? 150 ARG A NH1 1 
ATOM   1203 N NH1 B ARG A 1 152 ? -3.362  -1.321  16.957  0.50 84.64  ? 150 ARG A NH1 1 
ATOM   1204 N NH2 A ARG A 1 152 ? -6.342  -6.220  24.205  0.50 84.02  ? 150 ARG A NH2 1 
ATOM   1205 N NH2 B ARG A 1 152 ? -2.596  -1.723  19.081  0.50 86.78  ? 150 ARG A NH2 1 
ATOM   1206 N N   . GLU A 1 153 ? -8.901  -7.222  19.792  1.00 89.61  ? 151 GLU A N   1 
ATOM   1207 C CA  . GLU A 1 153 ? -9.313  -8.576  20.166  1.00 88.25  ? 151 GLU A CA  1 
ATOM   1208 C C   . GLU A 1 153 ? -10.057 -9.224  19.011  1.00 84.81  ? 151 GLU A C   1 
ATOM   1209 O O   . GLU A 1 153 ? -10.083 -10.451 18.893  1.00 83.77  ? 151 GLU A O   1 
ATOM   1210 C CB  . GLU A 1 153 ? -10.183 -8.552  21.415  1.00 89.40  ? 151 GLU A CB  1 
ATOM   1211 C CG  . GLU A 1 153 ? -9.723  -7.519  22.419  1.00 97.85  ? 151 GLU A CG  1 
ATOM   1212 C CD  . GLU A 1 153 ? -9.887  -7.963  23.854  1.00 106.41 ? 151 GLU A CD  1 
ATOM   1213 O OE1 . GLU A 1 153 ? -10.839 -8.713  24.155  1.00 111.63 ? 151 GLU A OE1 1 
ATOM   1214 O OE2 . GLU A 1 153 ? -9.057  -7.553  24.692  1.00 108.49 ? 151 GLU A OE2 1 
ATOM   1215 N N   . VAL A 1 154 ? -10.676 -8.382  18.182  1.00 80.98  ? 152 VAL A N   1 
ATOM   1216 C CA  . VAL A 1 154 ? -11.182 -8.786  16.877  1.00 77.37  ? 152 VAL A CA  1 
ATOM   1217 C C   . VAL A 1 154 ? -9.981  -9.249  16.066  1.00 74.04  ? 152 VAL A C   1 
ATOM   1218 O O   . VAL A 1 154 ? -9.943  -10.395 15.630  1.00 75.28  ? 152 VAL A O   1 
ATOM   1219 C CB  . VAL A 1 154 ? -11.911 -7.615  16.148  1.00 78.07  ? 152 VAL A CB  1 
ATOM   1220 C CG1 . VAL A 1 154 ? -12.283 -7.998  14.721  1.00 77.90  ? 152 VAL A CG1 1 
ATOM   1221 C CG2 . VAL A 1 154 ? -13.150 -7.180  16.919  1.00 77.30  ? 152 VAL A CG2 1 
ATOM   1222 N N   . LYS A 1 155 ? -8.993  -8.363  15.928  1.00 69.45  ? 153 LYS A N   1 
ATOM   1223 C CA  . LYS A 1 155 ? -7.742  -8.622  15.210  1.00 66.66  ? 153 LYS A CA  1 
ATOM   1224 C C   . LYS A 1 155 ? -7.092  -9.945  15.605  1.00 64.57  ? 153 LYS A C   1 
ATOM   1225 O O   . LYS A 1 155 ? -6.820  -10.778 14.744  1.00 63.59  ? 153 LYS A O   1 
ATOM   1226 C CB  . LYS A 1 155 ? -6.767  -7.463  15.438  1.00 67.25  ? 153 LYS A CB  1 
ATOM   1227 C CG  . LYS A 1 155 ? -5.503  -7.496  14.588  1.00 68.82  ? 153 LYS A CG  1 
ATOM   1228 C CD  . LYS A 1 155 ? -4.682  -6.225  14.779  1.00 68.38  ? 153 LYS A CD  1 
ATOM   1229 C CE  . LYS A 1 155 ? -3.444  -6.202  13.890  1.00 70.74  ? 153 LYS A CE  1 
ATOM   1230 N NZ  . LYS A 1 155 ? -2.355  -7.075  14.409  1.00 72.54  ? 153 LYS A NZ  1 
ATOM   1231 N N   . ALA A 1 156 ? -6.884  -10.137 16.907  1.00 63.18  ? 154 ALA A N   1 
ATOM   1232 C CA  . ALA A 1 156 ? -6.237  -11.335 17.449  1.00 61.45  ? 154 ALA A CA  1 
ATOM   1233 C C   . ALA A 1 156 ? -6.998  -12.621 17.126  1.00 61.46  ? 154 ALA A C   1 
ATOM   1234 O O   . ALA A 1 156 ? -6.394  -13.637 16.773  1.00 59.41  ? 154 ALA A O   1 
ATOM   1235 C CB  . ALA A 1 156 ? -6.048  -11.194 18.954  1.00 58.94  ? 154 ALA A CB  1 
ATOM   1236 N N   . MET A 1 157 ? -8.325  -12.550 17.239  1.00 62.26  ? 155 MET A N   1 
ATOM   1237 C CA  . MET A 1 157 ? -9.218  -13.685 17.012  1.00 62.20  ? 155 MET A CA  1 
ATOM   1238 C C   . MET A 1 157 ? -9.293  -14.044 15.534  1.00 59.26  ? 155 MET A C   1 
ATOM   1239 O O   . MET A 1 157 ? -9.287  -15.218 15.172  1.00 58.39  ? 155 MET A O   1 
ATOM   1240 C CB  . MET A 1 157 ? -10.619 -13.336 17.500  1.00 65.06  ? 155 MET A CB  1 
ATOM   1241 C CG  . MET A 1 157 ? -11.393 -14.497 18.086  1.00 76.75  ? 155 MET A CG  1 
ATOM   1242 S SD  . MET A 1 157 ? -11.444 -14.451 19.885  1.00 84.52  ? 155 MET A SD  1 
ATOM   1243 C CE  . MET A 1 157 ? -12.513 -13.040 20.185  1.00 82.48  ? 155 MET A CE  1 
ATOM   1244 N N   . VAL A 1 158 ? -9.376  -13.010 14.701  1.00 59.27  ? 156 VAL A N   1 
ATOM   1245 C CA  . VAL A 1 158 ? -9.430  -13.139 13.250  1.00 58.80  ? 156 VAL A CA  1 
ATOM   1246 C C   . VAL A 1 158 ? -8.127  -13.736 12.710  1.00 59.67  ? 156 VAL A C   1 
ATOM   1247 O O   . VAL A 1 158 ? -8.155  -14.648 11.880  1.00 61.48  ? 156 VAL A O   1 
ATOM   1248 C CB  . VAL A 1 158 ? -9.762  -11.767 12.594  1.00 57.78  ? 156 VAL A CB  1 
ATOM   1249 C CG1 . VAL A 1 158 ? -9.476  -11.766 11.116  1.00 59.61  ? 156 VAL A CG1 1 
ATOM   1250 C CG2 . VAL A 1 158 ? -11.222 -11.414 12.826  1.00 55.50  ? 156 VAL A CG2 1 
ATOM   1251 N N   . GLU A 1 159 ? -6.998  -13.243 13.216  1.00 61.07  ? 157 GLU A N   1 
ATOM   1252 C CA  . GLU A 1 159 ? -5.679  -13.732 12.813  1.00 62.37  ? 157 GLU A CA  1 
ATOM   1253 C C   . GLU A 1 159 ? -5.439  -15.186 13.231  1.00 60.92  ? 157 GLU A C   1 
ATOM   1254 O O   . GLU A 1 159 ? -4.834  -15.958 12.485  1.00 60.51  ? 157 GLU A O   1 
ATOM   1255 C CB  . GLU A 1 159 ? -4.577  -12.808 13.339  1.00 61.80  ? 157 GLU A CB  1 
ATOM   1256 C CG  . GLU A 1 159 ? -4.476  -11.492 12.567  1.00 62.33  ? 157 GLU A CG  1 
ATOM   1257 C CD  . GLU A 1 159 ? -3.707  -10.400 13.305  1.00 65.95  ? 157 GLU A CD  1 
ATOM   1258 O OE1 . GLU A 1 159 ? -3.396  -10.557 14.508  1.00 69.74  ? 157 GLU A OE1 1 
ATOM   1259 O OE2 . GLU A 1 159 ? -3.414  -9.369  12.665  1.00 71.68  ? 157 GLU A OE2 1 
ATOM   1260 N N   . ALA A 1 160 ? -5.941  -15.556 14.408  1.00 60.11  ? 158 ALA A N   1 
ATOM   1261 C CA  . ALA A 1 160 ? -5.892  -16.941 14.876  1.00 60.96  ? 158 ALA A CA  1 
ATOM   1262 C C   . ALA A 1 160 ? -6.812  -17.850 14.061  1.00 60.84  ? 158 ALA A C   1 
ATOM   1263 O O   . ALA A 1 160 ? -6.529  -19.035 13.891  1.00 59.48  ? 158 ALA A O   1 
ATOM   1264 C CB  . ALA A 1 160 ? -6.248  -17.017 16.345  1.00 61.49  ? 158 ALA A CB  1 
ATOM   1265 N N   . ALA A 1 161 ? -7.913  -17.287 13.565  1.00 60.42  ? 159 ALA A N   1 
ATOM   1266 C CA  . ALA A 1 161 ? -8.836  -18.016 12.706  1.00 60.84  ? 159 ALA A CA  1 
ATOM   1267 C C   . ALA A 1 161 ? -8.246  -18.222 11.322  1.00 62.79  ? 159 ALA A C   1 
ATOM   1268 O O   . ALA A 1 161 ? -8.484  -19.250 10.698  1.00 64.65  ? 159 ALA A O   1 
ATOM   1269 C CB  . ALA A 1 161 ? -10.158 -17.295 12.609  1.00 60.02  ? 159 ALA A CB  1 
ATOM   1270 N N   . ALA A 1 162 ? -7.479  -17.239 10.851  1.00 64.50  ? 160 ALA A N   1 
ATOM   1271 C CA  . ALA A 1 162 ? -6.789  -17.331 9.562   1.00 66.23  ? 160 ALA A CA  1 
ATOM   1272 C C   . ALA A 1 162 ? -5.705  -18.408 9.582   1.00 65.49  ? 160 ALA A C   1 
ATOM   1273 O O   . ALA A 1 162 ? -5.440  -19.043 8.561   1.00 63.63  ? 160 ALA A O   1 
ATOM   1274 C CB  . ALA A 1 162 ? -6.191  -15.986 9.178   1.00 65.65  ? 160 ALA A CB  1 
ATOM   1275 N N   . ARG A 1 163 ? -5.094  -18.594 10.753  1.00 67.42  ? 161 ARG A N   1 
ATOM   1276 C CA  . ARG A 1 163 ? -4.089  -19.631 10.990  1.00 69.30  ? 161 ARG A CA  1 
ATOM   1277 C C   . ARG A 1 163 ? -4.626  -21.043 10.769  1.00 69.00  ? 161 ARG A C   1 
ATOM   1278 O O   . ARG A 1 163 ? -3.984  -21.851 10.093  1.00 70.17  ? 161 ARG A O   1 
ATOM   1279 C CB  . ARG A 1 163 ? -3.521  -19.516 12.411  1.00 72.35  ? 161 ARG A CB  1 
ATOM   1280 C CG  . ARG A 1 163 ? -2.063  -19.070 12.502  1.00 76.80  ? 161 ARG A CG  1 
ATOM   1281 C CD  . ARG A 1 163 ? -1.908  -17.575 12.322  1.00 83.47  ? 161 ARG A CD  1 
ATOM   1282 N NE  . ARG A 1 163 ? -0.588  -17.097 12.730  1.00 87.65  ? 161 ARG A NE  1 
ATOM   1283 C CZ  . ARG A 1 163 ? -0.372  -16.164 13.656  1.00 89.99  ? 161 ARG A CZ  1 
ATOM   1284 N NH1 . ARG A 1 163 ? -1.389  -15.591 14.292  1.00 84.23  ? 161 ARG A NH1 1 
ATOM   1285 N NH2 . ARG A 1 163 ? 0.872   -15.800 13.948  1.00 92.74  ? 161 ARG A NH2 1 
ATOM   1286 N N   . VAL A 1 164 ? -5.794  -21.338 11.339  1.00 67.75  ? 162 VAL A N   1 
ATOM   1287 C CA  . VAL A 1 164 ? -6.403  -22.671 11.220  1.00 67.82  ? 162 VAL A CA  1 
ATOM   1288 C C   . VAL A 1 164 ? -7.498  -22.762 10.155  1.00 67.34  ? 162 VAL A C   1 
ATOM   1289 O O   . VAL A 1 164 ? -8.149  -23.802 10.014  1.00 67.37  ? 162 VAL A O   1 
ATOM   1290 C CB  . VAL A 1 164 ? -6.964  -23.198 12.570  1.00 67.43  ? 162 VAL A CB  1 
ATOM   1291 C CG1 . VAL A 1 164 ? -5.843  -23.711 13.451  1.00 69.89  ? 162 VAL A CG1 1 
ATOM   1292 C CG2 . VAL A 1 164 ? -7.792  -22.133 13.282  1.00 68.75  ? 162 VAL A CG2 1 
ATOM   1293 N N   . GLY A 1 165 ? -7.694  -21.671 9.418   1.00 67.96  ? 163 GLY A N   1 
ATOM   1294 C CA  . GLY A 1 165 ? -8.678  -21.613 8.337   1.00 69.64  ? 163 GLY A CA  1 
ATOM   1295 C C   . GLY A 1 165 ? -10.116 -21.700 8.810   1.00 70.77  ? 163 GLY A C   1 
ATOM   1296 O O   . GLY A 1 165 ? -10.987 -22.172 8.077   1.00 72.40  ? 163 GLY A O   1 
ATOM   1297 N N   . GLY A 1 166 ? -10.368 -21.246 10.034  1.00 71.47  ? 164 GLY A N   1 
ATOM   1298 C CA  . GLY A 1 166 ? -11.705 -21.292 10.605  1.00 72.95  ? 164 GLY A CA  1 
ATOM   1299 C C   . GLY A 1 166 ? -12.504 -20.016 10.415  1.00 75.53  ? 164 GLY A C   1 
ATOM   1300 O O   . GLY A 1 166 ? -12.270 -19.252 9.474   1.00 77.99  ? 164 GLY A O   1 
ATOM   1301 N N   . TRP A 1 167 ? -13.466 -19.799 11.308  1.00 76.29  ? 165 TRP A N   1 
ATOM   1302 C CA  . TRP A 1 167 ? -14.210 -18.541 11.363  1.00 76.22  ? 165 TRP A CA  1 
ATOM   1303 C C   . TRP A 1 167 ? -14.475 -18.130 12.814  1.00 73.82  ? 165 TRP A C   1 
ATOM   1304 O O   . TRP A 1 167 ? -14.437 -18.966 13.720  1.00 71.07  ? 165 TRP A O   1 
ATOM   1305 C CB  . TRP A 1 167 ? -15.504 -18.611 10.539  1.00 79.46  ? 165 TRP A CB  1 
ATOM   1306 C CG  . TRP A 1 167 ? -16.396 -19.776 10.843  1.00 83.43  ? 165 TRP A CG  1 
ATOM   1307 C CD1 . TRP A 1 167 ? -16.346 -21.017 10.272  1.00 84.92  ? 165 TRP A CD1 1 
ATOM   1308 C CD2 . TRP A 1 167 ? -17.487 -19.808 11.773  1.00 84.92  ? 165 TRP A CD2 1 
ATOM   1309 N NE1 . TRP A 1 167 ? -17.328 -21.820 10.798  1.00 86.50  ? 165 TRP A NE1 1 
ATOM   1310 C CE2 . TRP A 1 167 ? -18.041 -21.104 11.722  1.00 85.64  ? 165 TRP A CE2 1 
ATOM   1311 C CE3 . TRP A 1 167 ? -18.044 -18.870 12.651  1.00 84.26  ? 165 TRP A CE3 1 
ATOM   1312 C CZ2 . TRP A 1 167 ? -19.128 -21.485 12.511  1.00 83.28  ? 165 TRP A CZ2 1 
ATOM   1313 C CZ3 . TRP A 1 167 ? -19.121 -19.254 13.436  1.00 82.96  ? 165 TRP A CZ3 1 
ATOM   1314 C CH2 . TRP A 1 167 ? -19.655 -20.545 13.353  1.00 82.58  ? 165 TRP A CH2 1 
ATOM   1315 N N   . VAL A 1 168 ? -14.725 -16.842 13.027  1.00 73.64  ? 166 VAL A N   1 
ATOM   1316 C CA  . VAL A 1 168 ? -14.846 -16.289 14.374  1.00 73.05  ? 166 VAL A CA  1 
ATOM   1317 C C   . VAL A 1 168 ? -16.302 -16.125 14.803  1.00 75.25  ? 166 VAL A C   1 
ATOM   1318 O O   . VAL A 1 168 ? -17.092 -15.464 14.122  1.00 73.45  ? 166 VAL A O   1 
ATOM   1319 C CB  . VAL A 1 168 ? -14.109 -14.924 14.498  1.00 70.79  ? 166 VAL A CB  1 
ATOM   1320 C CG1 . VAL A 1 168 ? -14.378 -14.271 15.840  1.00 67.56  ? 166 VAL A CG1 1 
ATOM   1321 C CG2 . VAL A 1 168 ? -12.624 -15.105 14.312  1.00 69.91  ? 166 VAL A CG2 1 
ATOM   1322 N N   . ASP A 1 169 ? -16.650 -16.751 15.923  1.00 78.26  ? 167 ASP A N   1 
ATOM   1323 C CA  . ASP A 1 169 ? -17.868 -16.407 16.642  1.00 82.45  ? 167 ASP A CA  1 
ATOM   1324 C C   . ASP A 1 169 ? -17.497 -15.545 17.851  1.00 82.34  ? 167 ASP A C   1 
ATOM   1325 O O   . ASP A 1 169 ? -17.056 -16.059 18.884  1.00 82.47  ? 167 ASP A O   1 
ATOM   1326 C CB  . ASP A 1 169 ? -18.638 -17.661 17.071  1.00 85.62  ? 167 ASP A CB  1 
ATOM   1327 C CG  . ASP A 1 169 ? -19.985 -17.333 17.711  1.00 91.88  ? 167 ASP A CG  1 
ATOM   1328 O OD1 . ASP A 1 169 ? -20.683 -16.412 17.229  1.00 95.68  ? 167 ASP A OD1 1 
ATOM   1329 O OD2 . ASP A 1 169 ? -20.347 -18.005 18.700  1.00 96.12  ? 167 ASP A OD2 1 
ATOM   1330 N N   . LEU A 1 170 ? -17.670 -14.232 17.703  1.00 82.15  ? 168 LEU A N   1 
ATOM   1331 C CA  . LEU A 1 170 ? -17.343 -13.264 18.751  1.00 82.70  ? 168 LEU A CA  1 
ATOM   1332 C C   . LEU A 1 170 ? -18.285 -13.350 19.948  1.00 85.50  ? 168 LEU A C   1 
ATOM   1333 O O   . LEU A 1 170 ? -17.905 -12.991 21.063  1.00 86.45  ? 168 LEU A O   1 
ATOM   1334 C CB  . LEU A 1 170 ? -17.381 -11.837 18.201  1.00 80.79  ? 168 LEU A CB  1 
ATOM   1335 C CG  . LEU A 1 170 ? -16.310 -11.302 17.248  1.00 82.95  ? 168 LEU A CG  1 
ATOM   1336 C CD1 . LEU A 1 170 ? -16.747 -9.960  16.698  1.00 83.01  ? 168 LEU A CD1 1 
ATOM   1337 C CD2 . LEU A 1 170 ? -14.958 -11.164 17.932  1.00 85.76  ? 168 LEU A CD2 1 
ATOM   1338 N N   . LYS A 1 171 ? -19.506 -13.823 19.705  1.00 89.69  ? 169 LYS A N   1 
ATOM   1339 C CA  . LYS A 1 171 ? -20.552 -13.860 20.723  1.00 94.06  ? 169 LYS A CA  1 
ATOM   1340 C C   . LYS A 1 171 ? -20.281 -14.906 21.805  1.00 96.34  ? 169 LYS A C   1 
ATOM   1341 O O   . LYS A 1 171 ? -20.530 -14.655 22.987  1.00 97.13  ? 169 LYS A O   1 
ATOM   1342 C CB  . LYS A 1 171 ? -21.928 -14.088 20.080  1.00 95.76  ? 169 LYS A CB  1 
ATOM   1343 C CG  . LYS A 1 171 ? -23.028 -13.118 20.555  1.00 99.20  ? 169 LYS A CG  1 
ATOM   1344 C CD  . LYS A 1 171 ? -23.589 -13.456 21.944  1.00 100.66 ? 169 LYS A CD  1 
ATOM   1345 C CE  . LYS A 1 171 ? -24.615 -14.590 21.895  1.00 101.07 ? 169 LYS A CE  1 
ATOM   1346 N NZ  . LYS A 1 171 ? -25.909 -14.179 21.277  1.00 100.61 ? 169 LYS A NZ  1 
ATOM   1347 N N   . GLU A 1 172 ? -19.770 -16.068 21.405  1.00 98.56  ? 170 GLU A N   1 
ATOM   1348 C CA  . GLU A 1 172 ? -19.398 -17.100 22.373  1.00 100.23 ? 170 GLU A CA  1 
ATOM   1349 C C   . GLU A 1 172 ? -17.884 -17.236 22.565  1.00 100.20 ? 170 GLU A C   1 
ATOM   1350 O O   . GLU A 1 172 ? -17.430 -18.172 23.235  1.00 100.41 ? 170 GLU A O   1 
ATOM   1351 C CB  . GLU A 1 172 ? -20.019 -18.454 22.012  1.00 100.48 ? 170 GLU A CB  1 
ATOM   1352 C CG  . GLU A 1 172 ? -21.388 -18.707 22.629  1.00 104.86 ? 170 GLU A CG  1 
ATOM   1353 C CD  . GLU A 1 172 ? -21.638 -20.180 22.943  1.00 108.45 ? 170 GLU A CD  1 
ATOM   1354 O OE1 . GLU A 1 172 ? -20.795 -21.037 22.587  1.00 109.22 ? 170 GLU A OE1 1 
ATOM   1355 O OE2 . GLU A 1 172 ? -22.686 -20.478 23.556  1.00 109.89 ? 170 GLU A OE2 1 
ATOM   1356 N N   . ARG A 1 173 ? -17.127 -16.290 21.997  1.00 99.78  ? 171 ARG A N   1 
ATOM   1357 C CA  . ARG A 1 173 ? -15.650 -16.273 22.038  1.00 99.51  ? 171 ARG A CA  1 
ATOM   1358 C C   . ARG A 1 173 ? -15.002 -17.526 21.444  1.00 97.57  ? 171 ARG A C   1 
ATOM   1359 O O   . ARG A 1 173 ? -14.141 -18.156 22.071  1.00 97.96  ? 171 ARG A O   1 
ATOM   1360 C CB  . ARG A 1 173 ? -15.128 -16.017 23.462  1.00 101.00 ? 171 ARG A CB  1 
ATOM   1361 C CG  . ARG A 1 173 ? -14.434 -14.688 23.644  1.00 106.66 ? 171 ARG A CG  1 
ATOM   1362 C CD  . ARG A 1 173 ? -15.413 -13.540 23.721  1.00 113.22 ? 171 ARG A CD  1 
ATOM   1363 N NE  . ARG A 1 173 ? -14.807 -12.317 23.207  1.00 120.56 ? 171 ARG A NE  1 
ATOM   1364 C CZ  . ARG A 1 173 ? -15.215 -11.086 23.499  1.00 124.58 ? 171 ARG A CZ  1 
ATOM   1365 N NH1 . ARG A 1 173 ? -16.242 -10.890 24.318  1.00 126.72 ? 171 ARG A NH1 1 
ATOM   1366 N NH2 . ARG A 1 173 ? -14.589 -10.042 22.970  1.00 125.48 ? 171 ARG A NH2 1 
ATOM   1367 N N   . GLU A 1 174 ? -15.417 -17.875 20.230  1.00 95.06  ? 172 GLU A N   1 
ATOM   1368 C CA  . GLU A 1 174 ? -14.987 -19.117 19.607  1.00 93.24  ? 172 GLU A CA  1 
ATOM   1369 C C   . GLU A 1 174 ? -14.398 -18.932 18.216  1.00 91.08  ? 172 GLU A C   1 
ATOM   1370 O O   . GLU A 1 174 ? -14.814 -18.057 17.455  1.00 90.49  ? 172 GLU A O   1 
ATOM   1371 C CB  . GLU A 1 174 ? -16.153 -20.106 19.536  1.00 94.80  ? 172 GLU A CB  1 
ATOM   1372 C CG  . GLU A 1 174 ? -16.555 -20.720 20.869  1.00 100.70 ? 172 GLU A CG  1 
ATOM   1373 C CD  . GLU A 1 174 ? -17.945 -21.334 20.835  1.00 106.45 ? 172 GLU A CD  1 
ATOM   1374 O OE1 . GLU A 1 174 ? -18.822 -20.798 20.125  1.00 108.31 ? 172 GLU A OE1 1 
ATOM   1375 O OE2 . GLU A 1 174 ? -18.170 -22.353 21.521  1.00 108.72 ? 172 GLU A OE2 1 
ATOM   1376 N N   . ILE A 1 175 ? -13.414 -19.769 17.908  1.00 89.02  ? 173 ILE A N   1 
ATOM   1377 C CA  . ILE A 1 175 ? -12.935 -19.953 16.549  1.00 86.82  ? 173 ILE A CA  1 
ATOM   1378 C C   . ILE A 1 175 ? -13.338 -21.366 16.137  1.00 85.20  ? 173 ILE A C   1 
ATOM   1379 O O   . ILE A 1 175 ? -12.943 -22.340 16.779  1.00 83.35  ? 173 ILE A O   1 
ATOM   1380 C CB  . ILE A 1 175 ? -11.407 -19.764 16.460  1.00 87.63  ? 173 ILE A CB  1 
ATOM   1381 C CG1 . ILE A 1 175 ? -11.044 -18.306 16.757  1.00 88.58  ? 173 ILE A CG1 1 
ATOM   1382 C CG2 . ILE A 1 175 ? -10.885 -20.179 15.083  1.00 88.23  ? 173 ILE A CG2 1 
ATOM   1383 C CD1 . ILE A 1 175 ? -9.736  -18.135 17.494  1.00 93.98  ? 173 ILE A CD1 1 
ATOM   1384 N N   . LYS A 1 176 ? -14.141 -21.472 15.083  1.00 85.00  ? 174 LYS A N   1 
ATOM   1385 C CA  . LYS A 1 176 ? -14.660 -22.768 14.656  1.00 86.22  ? 174 LYS A CA  1 
ATOM   1386 C C   . LYS A 1 176 ? -13.991 -23.220 13.377  1.00 85.64  ? 174 LYS A C   1 
ATOM   1387 O O   . LYS A 1 176 ? -14.016 -22.508 12.379  1.00 85.34  ? 174 LYS A O   1 
ATOM   1388 C CB  . LYS A 1 176 ? -16.178 -22.720 14.480  1.00 87.77  ? 174 LYS A CB  1 
ATOM   1389 C CG  . LYS A 1 176 ? -16.918 -22.208 15.706  1.00 92.00  ? 174 LYS A CG  1 
ATOM   1390 C CD  . LYS A 1 176 ? -18.304 -22.814 15.804  1.00 98.15  ? 174 LYS A CD  1 
ATOM   1391 C CE  . LYS A 1 176 ? -19.243 -21.940 16.624  1.00 101.09 ? 174 LYS A CE  1 
ATOM   1392 N NZ  . LYS A 1 176 ? -19.328 -22.352 18.042  1.00 103.90 ? 174 LYS A NZ  1 
ATOM   1393 N N   . VAL A 1 177 ? -13.405 -24.412 13.413  1.00 87.35  ? 175 VAL A N   1 
ATOM   1394 C CA  . VAL A 1 177 ? -12.657 -24.941 12.278  1.00 91.40  ? 175 VAL A CA  1 
ATOM   1395 C C   . VAL A 1 177 ? -13.554 -25.683 11.274  1.00 95.28  ? 175 VAL A C   1 
ATOM   1396 O O   . VAL A 1 177 ? -13.620 -25.304 10.098  1.00 95.62  ? 175 VAL A O   1 
ATOM   1397 C CB  . VAL A 1 177 ? -11.467 -25.807 12.750  1.00 91.33  ? 175 VAL A CB  1 
ATOM   1398 C CG1 . VAL A 1 177 ? -10.780 -26.494 11.572  1.00 95.25  ? 175 VAL A CG1 1 
ATOM   1399 C CG2 . VAL A 1 177 ? -10.474 -24.939 13.506  1.00 90.86  ? 175 VAL A CG2 1 
ATOM   1400 N N   . GLN A 1 178 ? -14.243 -26.723 11.745  1.00 99.50  ? 176 GLN A N   1 
ATOM   1401 C CA  . GLN A 1 178 ? -15.090 -27.567 10.894  1.00 103.55 ? 176 GLN A CA  1 
ATOM   1402 C C   . GLN A 1 178 ? -16.193 -28.232 11.722  1.00 104.62 ? 176 GLN A C   1 
ATOM   1403 O O   . GLN A 1 178 ? -17.370 -28.205 11.353  1.00 105.07 ? 176 GLN A O   1 
ATOM   1404 C CB  . GLN A 1 178 ? -14.237 -28.629 10.178  1.00 104.94 ? 176 GLN A CB  1 
ATOM   1405 C CG  . GLN A 1 178 ? -15.016 -29.653 9.346   1.00 108.01 ? 176 GLN A CG  1 
ATOM   1406 C CD  . GLN A 1 178 ? -15.400 -29.141 7.968   1.00 110.33 ? 176 GLN A CD  1 
ATOM   1407 O OE1 . GLN A 1 178 ? -14.543 -28.915 7.113   1.00 110.83 ? 176 GLN A OE1 1 
ATOM   1408 N NE2 . GLN A 1 178 ? -16.698 -28.971 7.744   1.00 111.82 ? 176 GLN A NE2 1 
HETATM 1409 P P   . PO4 B 2 .   ? 7.937   16.213  4.331   0.33 71.75  ? 185 PO4 A P   1 
HETATM 1410 O O1  . PO4 B 2 .   ? 7.197   15.305  5.201   0.33 73.83  ? 185 PO4 A O1  1 
HETATM 1411 O O2  . PO4 B 2 .   ? 8.846   15.421  3.539   0.33 62.49  ? 185 PO4 A O2  1 
HETATM 1412 O O3  . PO4 B 2 .   ? 7.041   16.912  3.416   0.33 72.69  ? 185 PO4 A O3  1 
HETATM 1413 O O4  . PO4 B 2 .   ? 8.733   17.156  5.111   0.33 70.41  ? 185 PO4 A O4  1 
HETATM 1414 C C1  . GOL C 3 .   ? 14.791  20.404  -13.650 1.00 104.26 ? 186 GOL A C1  1 
HETATM 1415 O O1  . GOL C 3 .   ? 13.715  20.783  -14.478 1.00 106.43 ? 186 GOL A O1  1 
HETATM 1416 C C2  . GOL C 3 .   ? 14.278  19.839  -12.330 1.00 103.69 ? 186 GOL A C2  1 
HETATM 1417 O O2  . GOL C 3 .   ? 12.895  19.562  -12.412 1.00 103.47 ? 186 GOL A O2  1 
HETATM 1418 C C3  . GOL C 3 .   ? 15.068  18.582  -11.980 1.00 104.52 ? 186 GOL A C3  1 
HETATM 1419 O O3  . GOL C 3 .   ? 14.220  17.453  -11.936 1.00 106.12 ? 186 GOL A O3  1 
HETATM 1420 O O   . HOH D 4 .   ? 12.105  21.916  -16.399 1.00 52.71  ? 187 HOH A O   1 
HETATM 1421 O O   . HOH D 4 .   ? 10.307  22.055  -13.996 1.00 79.18  ? 188 HOH A O   1 
HETATM 1422 O O   . HOH D 4 .   ? -3.568  15.782  -4.920  1.00 71.80  ? 189 HOH A O   1 
HETATM 1423 O O   . HOH D 4 .   ? 12.597  -9.664  -3.424  1.00 61.03  ? 190 HOH A O   1 
HETATM 1424 O O   . HOH D 4 .   ? 1.933   -16.600 2.183   1.00 56.43  ? 191 HOH A O   1 
HETATM 1425 O O   . HOH D 4 .   ? 1.712   15.661  -1.398  1.00 46.78  ? 192 HOH A O   1 
HETATM 1426 O O   . HOH D 4 .   ? 2.354   -10.878 12.767  1.00 71.28  ? 193 HOH A O   1 
HETATM 1427 O O   . HOH D 4 .   ? 5.592   -19.649 0.944   1.00 64.15  ? 194 HOH A O   1 
HETATM 1428 O O   . HOH D 4 .   ? 16.587  17.949  -15.112 1.00 72.21  ? 195 HOH A O   1 
HETATM 1429 O O   . HOH D 4 .   ? 1.929   8.667   -21.580 1.00 71.83  ? 196 HOH A O   1 
HETATM 1430 O O   . HOH D 4 .   ? 20.125  1.874   -9.448  1.00 77.19  ? 197 HOH A O   1 
HETATM 1431 O O   . HOH D 4 .   ? -4.792  -20.833 6.616   1.00 73.94  ? 198 HOH A O   1 
# 
